data_4X1A
# 
_entry.id   4X1A 
# 
_audit_conform.dict_name       mmcif_pdbx.dic 
_audit_conform.dict_version    5.391 
_audit_conform.dict_location   http://mmcif.pdb.org/dictionaries/ascii/mmcif_pdbx.dic 
# 
loop_
_database_2.database_id 
_database_2.database_code 
_database_2.pdbx_database_accession 
_database_2.pdbx_DOI 
PDB   4X1A         pdb_00004x1a 10.2210/pdb4x1a/pdb 
WWPDB D_1000204888 ?            ?                   
# 
loop_
_pdbx_audit_revision_history.ordinal 
_pdbx_audit_revision_history.data_content_type 
_pdbx_audit_revision_history.major_revision 
_pdbx_audit_revision_history.minor_revision 
_pdbx_audit_revision_history.revision_date 
1 'Structure model' 1 0 2015-05-13 
2 'Structure model' 2 0 2017-08-30 
3 'Structure model' 2 1 2024-05-08 
# 
_pdbx_audit_revision_details.ordinal             1 
_pdbx_audit_revision_details.revision_ordinal    1 
_pdbx_audit_revision_details.data_content_type   'Structure model' 
_pdbx_audit_revision_details.provider            repository 
_pdbx_audit_revision_details.type                'Initial release' 
_pdbx_audit_revision_details.description         ? 
_pdbx_audit_revision_details.details             ? 
# 
loop_
_pdbx_audit_revision_group.ordinal 
_pdbx_audit_revision_group.revision_ordinal 
_pdbx_audit_revision_group.data_content_type 
_pdbx_audit_revision_group.group 
1 2 'Structure model' Advisory                     
2 2 'Structure model' 'Atomic model'               
3 2 'Structure model' 'Author supporting evidence' 
4 2 'Structure model' 'Derived calculations'       
5 3 'Structure model' 'Data collection'            
6 3 'Structure model' 'Database references'        
7 3 'Structure model' 'Derived calculations'       
# 
loop_
_pdbx_audit_revision_category.ordinal 
_pdbx_audit_revision_category.revision_ordinal 
_pdbx_audit_revision_category.data_content_type 
_pdbx_audit_revision_category.category 
1  2 'Structure model' atom_site                   
2  2 'Structure model' atom_site_anisotrop         
3  2 'Structure model' pdbx_audit_support          
4  2 'Structure model' pdbx_distant_solvent_atoms  
5  2 'Structure model' pdbx_struct_conn_angle      
6  2 'Structure model' pdbx_validate_close_contact 
7  2 'Structure model' pdbx_validate_symm_contact  
8  2 'Structure model' struct_conn                 
9  2 'Structure model' struct_site_gen             
10 3 'Structure model' chem_comp_atom              
11 3 'Structure model' chem_comp_bond              
12 3 'Structure model' database_2                  
13 3 'Structure model' pdbx_struct_conn_angle      
14 3 'Structure model' struct_conn                 
# 
loop_
_pdbx_audit_revision_item.ordinal 
_pdbx_audit_revision_item.revision_ordinal 
_pdbx_audit_revision_item.data_content_type 
_pdbx_audit_revision_item.item 
1  2 'Structure model' '_atom_site.B_iso_or_equiv'                                   
2  2 'Structure model' '_atom_site.Cartn_x'                                          
3  2 'Structure model' '_atom_site.Cartn_y'                                          
4  2 'Structure model' '_atom_site.Cartn_z'                                          
5  2 'Structure model' '_atom_site.auth_seq_id'                                      
6  2 'Structure model' '_atom_site.label_alt_id'                                     
7  2 'Structure model' '_atom_site.occupancy'                                        
8  2 'Structure model' '_atom_site_anisotrop.U[1][1]'                                
9  2 'Structure model' '_atom_site_anisotrop.U[1][2]'                                
10 2 'Structure model' '_atom_site_anisotrop.U[1][3]'                                
11 2 'Structure model' '_atom_site_anisotrop.U[2][2]'                                
12 2 'Structure model' '_atom_site_anisotrop.U[2][3]'                                
13 2 'Structure model' '_atom_site_anisotrop.U[3][3]'                                
14 2 'Structure model' '_atom_site_anisotrop.pdbx_auth_seq_id'                       
15 2 'Structure model' '_atom_site_anisotrop.pdbx_label_alt_id'                      
16 2 'Structure model' '_pdbx_audit_support.funding_organization'                    
17 2 'Structure model' '_pdbx_distant_solvent_atoms.auth_seq_id'                     
18 2 'Structure model' '_pdbx_distant_solvent_atoms.neighbor_macromolecule_distance' 
19 2 'Structure model' '_pdbx_validate_close_contact.auth_seq_id_1'                  
20 2 'Structure model' '_pdbx_validate_close_contact.auth_seq_id_2'                  
21 2 'Structure model' '_pdbx_validate_symm_contact.auth_seq_id_1'                   
22 2 'Structure model' '_pdbx_validate_symm_contact.auth_seq_id_2'                   
23 2 'Structure model' '_struct_site_gen.auth_seq_id'                                
24 3 'Structure model' '_database_2.pdbx_DOI'                                        
25 3 'Structure model' '_database_2.pdbx_database_accession'                         
26 3 'Structure model' '_pdbx_struct_conn_angle.ptnr1_auth_seq_id'                   
27 3 'Structure model' '_pdbx_struct_conn_angle.ptnr1_label_alt_id'                  
28 3 'Structure model' '_pdbx_struct_conn_angle.ptnr3_auth_seq_id'                   
29 3 'Structure model' '_pdbx_struct_conn_angle.ptnr3_label_alt_id'                  
30 3 'Structure model' '_pdbx_struct_conn_angle.value'                               
31 3 'Structure model' '_struct_conn.pdbx_dist_value'                                
32 3 'Structure model' '_struct_conn.pdbx_ptnr2_label_alt_id'                        
33 3 'Structure model' '_struct_conn.ptnr2_auth_seq_id'                              
# 
_pdbx_database_status.status_code                     REL 
_pdbx_database_status.status_code_sf                  REL 
_pdbx_database_status.status_code_mr                  ? 
_pdbx_database_status.entry_id                        4X1A 
_pdbx_database_status.recvd_initial_deposition_date   2014-11-24 
_pdbx_database_status.SG_entry                        N 
_pdbx_database_status.deposit_site                    RCSB 
_pdbx_database_status.process_site                    PDBE 
_pdbx_database_status.status_code_cs                  ? 
_pdbx_database_status.methods_development_category    ? 
_pdbx_database_status.pdb_format_compatible           Y 
_pdbx_database_status.status_code_nmr_data            ? 
# 
loop_
_audit_author.name 
_audit_author.pdbx_ordinal 
'Hall, J.P.'   1 
'Cardin, C.J.' 2 
# 
_citation.abstract                  ? 
_citation.abstract_id_CAS           ? 
_citation.book_id_ISBN              ? 
_citation.book_publisher            ? 
_citation.book_publisher_city       ? 
_citation.book_title                ? 
_citation.coordinate_linkage        ? 
_citation.country                   US 
_citation.database_id_Medline       ? 
_citation.details                   ? 
_citation.id                        primary 
_citation.journal_abbrev            Organometallics 
_citation.journal_id_ASTM           ? 
_citation.journal_id_CSD            ? 
_citation.journal_id_ISSN           0276-7333 
_citation.journal_full              ? 
_citation.journal_issue             ? 
_citation.journal_volume            ? 
_citation.language                  ? 
_citation.page_first                ? 
_citation.page_last                 ? 
_citation.title                     
'The Structural Effect of Methyl Substitution on the Binding of Polypyridyl Ru-dppz Complexes to DNA' 
_citation.year                      2015 
_citation.database_id_CSD           ? 
_citation.pdbx_database_id_DOI      10.1021/om501208x 
_citation.pdbx_database_id_PubMed   ? 
_citation.unpublished_flag          ? 
# 
loop_
_citation_author.citation_id 
_citation_author.name 
_citation_author.ordinal 
_citation_author.identifier_ORCID 
primary 'Hall, J.P.'   1 ? 
primary 'Beer, H.'     2 ? 
primary 'Buchner, K.'  3 ? 
primary 'Cardin, D.J.' 4 ? 
primary 'Cardin, C.J.' 5 ? 
# 
loop_
_entity.id 
_entity.type 
_entity.src_method 
_entity.pdbx_description 
_entity.formula_weight 
_entity.pdbx_number_of_molecules 
_entity.pdbx_ec 
_entity.pdbx_mutation 
_entity.pdbx_fragment 
_entity.details 
1 polymer     syn 
;DNA (5'-D(*TP*CP*GP*GP*CP*GP*CP*CP*GP*A)-3')
;
3045.992 1  ? ? ? ? 
2 non-polymer syn 
"(10,12-dimethyldipyrido[3,2-a:2',3'-c]phenazine-kappa~2~N~4~,N~5~)[bis(pyrazino[2,3-f]quinoxaline-kappa~2~N~1~,N~10~)]ruthenium" 
775.785  1  ? ? ? ? 
3 non-polymer syn 'BARIUM ION' 137.327  1  ? ? ? ? 
4 water       nat water 18.015   91 ? ? ? ? 
# 
_entity_poly.entity_id                      1 
_entity_poly.type                           polydeoxyribonucleotide 
_entity_poly.nstd_linkage                   no 
_entity_poly.nstd_monomer                   no 
_entity_poly.pdbx_seq_one_letter_code       '(DT)(DC)(DG)(DG)(DC)(DG)(DC)(DC)(DG)(DA)' 
_entity_poly.pdbx_seq_one_letter_code_can   TCGGCGCCGA 
_entity_poly.pdbx_strand_id                 A 
_entity_poly.pdbx_target_identifier         ? 
# 
loop_
_pdbx_entity_nonpoly.entity_id 
_pdbx_entity_nonpoly.name 
_pdbx_entity_nonpoly.comp_id 
2 
"(10,12-dimethyldipyrido[3,2-a:2',3'-c]phenazine-kappa~2~N~4~,N~5~)[bis(pyrazino[2,3-f]quinoxaline-kappa~2~N~1~,N~10~)]ruthenium" 
3WB 
3 'BARIUM ION' BA  
4 water HOH 
# 
loop_
_entity_poly_seq.entity_id 
_entity_poly_seq.num 
_entity_poly_seq.mon_id 
_entity_poly_seq.hetero 
1 1  DT n 
1 2  DC n 
1 3  DG n 
1 4  DG n 
1 5  DC n 
1 6  DG n 
1 7  DC n 
1 8  DC n 
1 9  DG n 
1 10 DA n 
# 
_pdbx_entity_src_syn.entity_id              1 
_pdbx_entity_src_syn.pdbx_src_id            1 
_pdbx_entity_src_syn.pdbx_alt_source_flag   sample 
_pdbx_entity_src_syn.pdbx_beg_seq_num       1 
_pdbx_entity_src_syn.pdbx_end_seq_num       10 
_pdbx_entity_src_syn.organism_scientific    'synthetic construct' 
_pdbx_entity_src_syn.organism_common_name   ? 
_pdbx_entity_src_syn.ncbi_taxonomy_id       32630 
_pdbx_entity_src_syn.details                ? 
# 
loop_
_chem_comp.id 
_chem_comp.type 
_chem_comp.mon_nstd_flag 
_chem_comp.name 
_chem_comp.pdbx_synonyms 
_chem_comp.formula 
_chem_comp.formula_weight 
3WB non-polymer   . 
"(10,12-dimethyldipyrido[3,2-a:2',3'-c]phenazine-kappa~2~N~4~,N~5~)[bis(pyrazino[2,3-f]quinoxaline-kappa~2~N~1~,N~10~)]ruthenium" 
? 'C40 H26 N12 Ru'  775.785 
BA  non-polymer   . 'BARIUM ION' ? 'Ba 2'            137.327 
DA  'DNA linking' y "2'-DEOXYADENOSINE-5'-MONOPHOSPHATE" ? 'C10 H14 N5 O6 P' 331.222 
DC  'DNA linking' y "2'-DEOXYCYTIDINE-5'-MONOPHOSPHATE" ? 'C9 H14 N3 O7 P'  307.197 
DG  'DNA linking' y "2'-DEOXYGUANOSINE-5'-MONOPHOSPHATE" ? 'C10 H14 N5 O7 P' 347.221 
DT  'DNA linking' y "THYMIDINE-5'-MONOPHOSPHATE" ? 'C10 H15 N2 O8 P' 322.208 
HOH non-polymer   . WATER ? 'H2 O'            18.015  
# 
loop_
_pdbx_poly_seq_scheme.asym_id 
_pdbx_poly_seq_scheme.entity_id 
_pdbx_poly_seq_scheme.seq_id 
_pdbx_poly_seq_scheme.mon_id 
_pdbx_poly_seq_scheme.ndb_seq_num 
_pdbx_poly_seq_scheme.pdb_seq_num 
_pdbx_poly_seq_scheme.auth_seq_num 
_pdbx_poly_seq_scheme.pdb_mon_id 
_pdbx_poly_seq_scheme.auth_mon_id 
_pdbx_poly_seq_scheme.pdb_strand_id 
_pdbx_poly_seq_scheme.pdb_ins_code 
_pdbx_poly_seq_scheme.hetero 
A 1 1  DT 1  1  1  DT DT A . n 
A 1 2  DC 2  2  2  DC DC A . n 
A 1 3  DG 3  3  3  DG DG A . n 
A 1 4  DG 4  4  4  DG DG A . n 
A 1 5  DC 5  5  5  DC DC A . n 
A 1 6  DG 6  6  6  DG DG A . n 
A 1 7  DC 7  7  7  DC DC A . n 
A 1 8  DC 8  8  8  DC DC A . n 
A 1 9  DG 9  9  9  DG DG A . n 
A 1 10 DA 10 10 10 DA DA A . n 
# 
loop_
_pdbx_nonpoly_scheme.asym_id 
_pdbx_nonpoly_scheme.entity_id 
_pdbx_nonpoly_scheme.mon_id 
_pdbx_nonpoly_scheme.ndb_seq_num 
_pdbx_nonpoly_scheme.pdb_seq_num 
_pdbx_nonpoly_scheme.auth_seq_num 
_pdbx_nonpoly_scheme.pdb_mon_id 
_pdbx_nonpoly_scheme.auth_mon_id 
_pdbx_nonpoly_scheme.pdb_strand_id 
_pdbx_nonpoly_scheme.pdb_ins_code 
B 2 3WB 1  101 1  3WB RMV A . 
C 3 BA  1  102 1  BA  BA  A . 
D 4 HOH 1  201 85 HOH HOH A . 
D 4 HOH 2  202 45 HOH HOH A . 
D 4 HOH 3  203 55 HOH HOH A . 
D 4 HOH 4  204 40 HOH HOH A . 
D 4 HOH 5  205 52 HOH HOH A . 
D 4 HOH 6  206 56 HOH HOH A . 
D 4 HOH 7  207 20 HOH HOH A . 
D 4 HOH 8  208 57 HOH HOH A . 
D 4 HOH 9  209 41 HOH HOH A . 
D 4 HOH 10 210 29 HOH HOH A . 
D 4 HOH 11 211 31 HOH HOH A . 
D 4 HOH 12 212 90 HOH HOH A . 
D 4 HOH 13 213 73 HOH HOH A . 
D 4 HOH 14 214 19 HOH HOH A . 
D 4 HOH 15 215 59 HOH HOH A . 
D 4 HOH 16 216 34 HOH HOH A . 
D 4 HOH 17 217 43 HOH HOH A . 
D 4 HOH 18 218 4  HOH HOH A . 
D 4 HOH 19 219 36 HOH HOH A . 
D 4 HOH 20 220 2  HOH HOH A . 
D 4 HOH 21 221 27 HOH HOH A . 
D 4 HOH 22 222 47 HOH HOH A . 
D 4 HOH 23 223 22 HOH HOH A . 
D 4 HOH 24 224 78 HOH HOH A . 
D 4 HOH 25 225 18 HOH HOH A . 
D 4 HOH 26 226 62 HOH HOH A . 
D 4 HOH 27 227 28 HOH HOH A . 
D 4 HOH 28 228 39 HOH HOH A . 
D 4 HOH 29 229 17 HOH HOH A . 
D 4 HOH 30 230 11 HOH HOH A . 
D 4 HOH 31 231 5  HOH HOH A . 
D 4 HOH 32 232 30 HOH HOH A . 
D 4 HOH 33 233 26 HOH HOH A . 
D 4 HOH 34 234 25 HOH HOH A . 
D 4 HOH 35 235 21 HOH HOH A . 
D 4 HOH 36 236 38 HOH HOH A . 
D 4 HOH 37 237 87 HOH HOH A . 
D 4 HOH 38 238 67 HOH HOH A . 
D 4 HOH 39 239 24 HOH HOH A . 
D 4 HOH 40 240 16 HOH HOH A . 
D 4 HOH 41 241 82 HOH HOH A . 
D 4 HOH 42 242 3  HOH HOH A . 
D 4 HOH 43 243 53 HOH HOH A . 
D 4 HOH 44 244 32 HOH HOH A . 
D 4 HOH 45 245 50 HOH HOH A . 
D 4 HOH 46 246 37 HOH HOH A . 
D 4 HOH 47 247 74 HOH HOH A . 
D 4 HOH 48 248 66 HOH HOH A . 
D 4 HOH 49 249 33 HOH HOH A . 
D 4 HOH 50 250 9  HOH HOH A . 
D 4 HOH 51 251 70 HOH HOH A . 
D 4 HOH 52 252 8  HOH HOH A . 
D 4 HOH 53 253 7  HOH HOH A . 
D 4 HOH 54 254 1  HOH HOH A . 
D 4 HOH 55 255 14 HOH HOH A . 
D 4 HOH 56 256 63 HOH HOH A . 
D 4 HOH 57 257 13 HOH HOH A . 
D 4 HOH 58 258 10 HOH HOH A . 
D 4 HOH 59 259 54 HOH HOH A . 
D 4 HOH 60 260 68 HOH HOH A . 
D 4 HOH 61 261 44 HOH HOH A . 
D 4 HOH 62 262 84 HOH HOH A . 
D 4 HOH 63 263 46 HOH HOH A . 
D 4 HOH 64 264 69 HOH HOH A . 
D 4 HOH 65 265 48 HOH HOH A . 
D 4 HOH 66 266 86 HOH HOH A . 
D 4 HOH 67 267 23 HOH HOH A . 
D 4 HOH 68 268 35 HOH HOH A . 
D 4 HOH 69 269 72 HOH HOH A . 
D 4 HOH 70 270 42 HOH HOH A . 
D 4 HOH 71 271 83 HOH HOH A . 
D 4 HOH 72 272 79 HOH HOH A . 
D 4 HOH 73 273 92 HOH HOH A . 
D 4 HOH 74 274 77 HOH HOH A . 
D 4 HOH 75 275 58 HOH HOH A . 
D 4 HOH 76 276 65 HOH HOH A . 
D 4 HOH 77 277 60 HOH HOH A . 
D 4 HOH 78 278 75 HOH HOH A . 
D 4 HOH 79 279 12 HOH HOH A . 
D 4 HOH 80 280 80 HOH HOH A . 
D 4 HOH 81 281 64 HOH HOH A . 
D 4 HOH 82 282 15 HOH HOH A . 
D 4 HOH 83 283 6  HOH HOH A . 
D 4 HOH 84 284 49 HOH HOH A . 
D 4 HOH 85 285 91 HOH HOH A . 
D 4 HOH 86 286 81 HOH HOH A . 
D 4 HOH 87 287 88 HOH HOH A . 
D 4 HOH 88 288 51 HOH HOH A . 
D 4 HOH 89 289 71 HOH HOH A . 
D 4 HOH 90 290 89 HOH HOH A . 
D 4 HOH 91 291 61 HOH HOH A . 
# 
loop_
_software.citation_id 
_software.classification 
_software.compiler_name 
_software.compiler_version 
_software.contact_author 
_software.contact_author_email 
_software.date 
_software.description 
_software.dependencies 
_software.hardware 
_software.language 
_software.location 
_software.mods 
_software.name 
_software.os 
_software.os_version 
_software.type 
_software.version 
_software.pdbx_ordinal 
? refinement       ? ? ? ? ? ? ? ? ? ? ? REFMAC ? ? ? 5.8.0073 1 
? 'data reduction' ? ? ? ? ? ? ? ? ? ? ? XDS    ? ? ? .        2 
? 'data scaling'   ? ? ? ? ? ? ? ? ? ? ? XSCALE ? ? ? .        3 
? phasing          ? ? ? ? ? ? ? ? ? ? ? SHELX  ? ? ? .        4 
# 
_cell.angle_alpha                  90.00 
_cell.angle_alpha_esd              ? 
_cell.angle_beta                   90.00 
_cell.angle_beta_esd               ? 
_cell.angle_gamma                  90.00 
_cell.angle_gamma_esd              ? 
_cell.entry_id                     4X1A 
_cell.details                      ? 
_cell.formula_units_Z              ? 
_cell.length_a                     42.250 
_cell.length_a_esd                 ? 
_cell.length_b                     42.250 
_cell.length_b_esd                 ? 
_cell.length_c                     39.550 
_cell.length_c_esd                 ? 
_cell.volume                       ? 
_cell.volume_esd                   ? 
_cell.Z_PDB                        8 
_cell.reciprocal_angle_alpha       ? 
_cell.reciprocal_angle_beta        ? 
_cell.reciprocal_angle_gamma       ? 
_cell.reciprocal_angle_alpha_esd   ? 
_cell.reciprocal_angle_beta_esd    ? 
_cell.reciprocal_angle_gamma_esd   ? 
_cell.reciprocal_length_a          ? 
_cell.reciprocal_length_b          ? 
_cell.reciprocal_length_c          ? 
_cell.reciprocal_length_a_esd      ? 
_cell.reciprocal_length_b_esd      ? 
_cell.reciprocal_length_c_esd      ? 
_cell.pdbx_unique_axis             ? 
# 
_symmetry.entry_id                         4X1A 
_symmetry.cell_setting                     ? 
_symmetry.Int_Tables_number                96 
_symmetry.space_group_name_Hall            ? 
_symmetry.space_group_name_H-M             'P 43 21 2' 
_symmetry.pdbx_full_space_group_name_H-M   ? 
# 
_exptl.absorpt_coefficient_mu     ? 
_exptl.absorpt_correction_T_max   ? 
_exptl.absorpt_correction_T_min   ? 
_exptl.absorpt_correction_type    ? 
_exptl.absorpt_process_details    ? 
_exptl.entry_id                   4X1A 
_exptl.crystals_number            ? 
_exptl.details                    ? 
_exptl.method                     'X-RAY DIFFRACTION' 
_exptl.method_details             ? 
# 
_exptl_crystal.colour                      ? 
_exptl_crystal.density_diffrn              ? 
_exptl_crystal.density_Matthews            2.90 
_exptl_crystal.density_method              ? 
_exptl_crystal.density_percent_sol         57.55 
_exptl_crystal.description                 ? 
_exptl_crystal.F_000                       ? 
_exptl_crystal.id                          1 
_exptl_crystal.preparation                 ? 
_exptl_crystal.size_max                    ? 
_exptl_crystal.size_mid                    ? 
_exptl_crystal.size_min                    ? 
_exptl_crystal.size_rad                    ? 
_exptl_crystal.colour_lustre               ? 
_exptl_crystal.colour_modifier             ? 
_exptl_crystal.colour_primary              ? 
_exptl_crystal.density_meas                ? 
_exptl_crystal.density_meas_esd            ? 
_exptl_crystal.density_meas_gt             ? 
_exptl_crystal.density_meas_lt             ? 
_exptl_crystal.density_meas_temp           ? 
_exptl_crystal.density_meas_temp_esd       ? 
_exptl_crystal.density_meas_temp_gt        ? 
_exptl_crystal.density_meas_temp_lt        ? 
_exptl_crystal.pdbx_crystal_image_url      ? 
_exptl_crystal.pdbx_crystal_image_format   ? 
_exptl_crystal.pdbx_mosaicity              ? 
_exptl_crystal.pdbx_mosaicity_esd          ? 
# 
_exptl_crystal_grow.apparatus       ? 
_exptl_crystal_grow.atmosphere      ? 
_exptl_crystal_grow.crystal_id      1 
_exptl_crystal_grow.details         ? 
_exptl_crystal_grow.method          'VAPOR DIFFUSION, SITTING DROP' 
_exptl_crystal_grow.method_ref      ? 
_exptl_crystal_grow.pH              7 
_exptl_crystal_grow.pressure        ? 
_exptl_crystal_grow.pressure_esd    ? 
_exptl_crystal_grow.seeding         ? 
_exptl_crystal_grow.seeding_ref     ? 
_exptl_crystal_grow.temp            291 
_exptl_crystal_grow.temp_details    ? 
_exptl_crystal_grow.temp_esd        ? 
_exptl_crystal_grow.time            ? 
_exptl_crystal_grow.pdbx_details    
;1uL 2mM d(TCGGCGCCGA), 1ul 4mM rac-[Ru(TAP)2(dppz-10,12-Me)]2+, 6ul of a solution containing 20mM BaCl2, 80mM KCl, 12mM Spermine, 40mM Na-cacodylate pH 7, 10% v/v 2-methyl-2,4-pentanediol. Equilibrated against 1ml 35% v/v 2-methyl-2,4-pentanediol.
;
_exptl_crystal_grow.pdbx_pH_range   ? 
# 
_diffrn.ambient_environment    ? 
_diffrn.ambient_temp           100 
_diffrn.ambient_temp_details   ? 
_diffrn.ambient_temp_esd       ? 
_diffrn.crystal_id             1 
_diffrn.crystal_support        ? 
_diffrn.crystal_treatment      ? 
_diffrn.details                ? 
_diffrn.id                     1 
_diffrn.ambient_pressure       ? 
_diffrn.ambient_pressure_esd   ? 
_diffrn.ambient_pressure_gt    ? 
_diffrn.ambient_pressure_lt    ? 
_diffrn.ambient_temp_gt        ? 
_diffrn.ambient_temp_lt        ? 
# 
_diffrn_detector.details                      ? 
_diffrn_detector.detector                     PIXEL 
_diffrn_detector.diffrn_id                    1 
_diffrn_detector.type                         'DECTRIS PILATUS 6M-F' 
_diffrn_detector.area_resol_mean              ? 
_diffrn_detector.dtime                        ? 
_diffrn_detector.pdbx_frames_total            ? 
_diffrn_detector.pdbx_collection_time_total   ? 
_diffrn_detector.pdbx_collection_date         2014-07-10 
# 
_diffrn_radiation.collimation                      ? 
_diffrn_radiation.diffrn_id                        1 
_diffrn_radiation.filter_edge                      ? 
_diffrn_radiation.inhomogeneity                    ? 
_diffrn_radiation.monochromator                    ? 
_diffrn_radiation.polarisn_norm                    ? 
_diffrn_radiation.polarisn_ratio                   ? 
_diffrn_radiation.probe                            ? 
_diffrn_radiation.type                             ? 
_diffrn_radiation.xray_symbol                      ? 
_diffrn_radiation.wavelength_id                    1 
_diffrn_radiation.pdbx_monochromatic_or_laue_m_l   M 
_diffrn_radiation.pdbx_wavelength_list             ? 
_diffrn_radiation.pdbx_wavelength                  ? 
_diffrn_radiation.pdbx_diffrn_protocol             'SINGLE WAVELENGTH' 
_diffrn_radiation.pdbx_analyzer                    ? 
_diffrn_radiation.pdbx_scattering_type             x-ray 
# 
_diffrn_radiation_wavelength.id           1 
_diffrn_radiation_wavelength.wavelength   0.7749 
_diffrn_radiation_wavelength.wt           1.0 
# 
_diffrn_source.current                     ? 
_diffrn_source.details                     ? 
_diffrn_source.diffrn_id                   1 
_diffrn_source.power                       ? 
_diffrn_source.size                        ? 
_diffrn_source.source                      SYNCHROTRON 
_diffrn_source.target                      ? 
_diffrn_source.type                        'DIAMOND BEAMLINE I02' 
_diffrn_source.voltage                     ? 
_diffrn_source.take-off_angle              ? 
_diffrn_source.pdbx_wavelength_list        0.7749 
_diffrn_source.pdbx_wavelength             ? 
_diffrn_source.pdbx_synchrotron_beamline   I02 
_diffrn_source.pdbx_synchrotron_site       Diamond 
# 
_reflns.B_iso_Wilson_estimate            ? 
_reflns.entry_id                         4X1A 
_reflns.data_reduction_details           ? 
_reflns.data_reduction_method            ? 
_reflns.d_resolution_high                0.89 
_reflns.d_resolution_low                 17.05 
_reflns.details                          ? 
_reflns.limit_h_max                      ? 
_reflns.limit_h_min                      ? 
_reflns.limit_k_max                      ? 
_reflns.limit_k_min                      ? 
_reflns.limit_l_max                      ? 
_reflns.limit_l_min                      ? 
_reflns.number_all                       ? 
_reflns.number_obs                       27563 
_reflns.observed_criterion               ? 
_reflns.observed_criterion_F_max         ? 
_reflns.observed_criterion_F_min         ? 
_reflns.observed_criterion_I_max         ? 
_reflns.observed_criterion_I_min         ? 
_reflns.observed_criterion_sigma_F       ? 
_reflns.observed_criterion_sigma_I       ? 
_reflns.percent_possible_obs             98.5 
_reflns.R_free_details                   ? 
_reflns.Rmerge_F_all                     ? 
_reflns.Rmerge_F_obs                     ? 
_reflns.Friedel_coverage                 ? 
_reflns.number_gt                        ? 
_reflns.threshold_expression             ? 
_reflns.pdbx_redundancy                  6.2 
_reflns.pdbx_Rmerge_I_obs                0.030 
_reflns.pdbx_Rmerge_I_all                ? 
_reflns.pdbx_Rsym_value                  ? 
_reflns.pdbx_netI_over_av_sigmaI         ? 
_reflns.pdbx_netI_over_sigmaI            23.5 
_reflns.pdbx_res_netI_over_av_sigmaI_2   ? 
_reflns.pdbx_res_netI_over_sigmaI_2      ? 
_reflns.pdbx_chi_squared                 ? 
_reflns.pdbx_scaling_rejects             ? 
_reflns.pdbx_d_res_high_opt              ? 
_reflns.pdbx_d_res_low_opt               ? 
_reflns.pdbx_d_res_opt_method            ? 
_reflns.phase_calculation_details        ? 
_reflns.pdbx_Rrim_I_all                  ? 
_reflns.pdbx_Rpim_I_all                  ? 
_reflns.pdbx_d_opt                       ? 
_reflns.pdbx_number_measured_all         ? 
_reflns.pdbx_diffrn_id                   1 
_reflns.pdbx_ordinal                     1 
_reflns.pdbx_CC_half                     ? 
_reflns.pdbx_R_split                     ? 
# 
_reflns_shell.Rmerge_F_all                ? 
_reflns_shell.Rmerge_F_gt                 ? 
_reflns_shell.Rmerge_F_obs                ? 
_reflns_shell.Rmerge_I_all                ? 
_reflns_shell.Rmerge_I_gt                 ? 
_reflns_shell.Rmerge_I_obs                0.723 
_reflns_shell.d_res_high                  0.89 
_reflns_shell.d_res_low                   0.91 
_reflns_shell.meanI_over_sigI_all         ? 
_reflns_shell.meanI_over_sigI_gt          ? 
_reflns_shell.meanI_over_sigI_obs         2.2 
_reflns_shell.meanI_over_uI_all           ? 
_reflns_shell.meanI_over_uI_gt            ? 
_reflns_shell.number_measured_all         ? 
_reflns_shell.number_measured_gt          ? 
_reflns_shell.number_measured_obs         ? 
_reflns_shell.number_possible             ? 
_reflns_shell.number_unique_all           ? 
_reflns_shell.number_unique_gt            ? 
_reflns_shell.number_unique_obs           ? 
_reflns_shell.pdbx_CC_half                ? 
_reflns_shell.pdbx_R_split                ? 
_reflns_shell.pdbx_Rpim_I_all             ? 
_reflns_shell.pdbx_Rrim_I_all             ? 
_reflns_shell.pdbx_Rsym_value             ? 
_reflns_shell.pdbx_chi_squared            ? 
_reflns_shell.pdbx_diffrn_id              ? 
_reflns_shell.pdbx_netI_over_sigmaI_all   ? 
_reflns_shell.pdbx_netI_over_sigmaI_obs   ? 
_reflns_shell.pdbx_ordinal                1 
_reflns_shell.pdbx_redundancy             6.1 
_reflns_shell.pdbx_rejects                ? 
_reflns_shell.percent_possible_all        95.9 
_reflns_shell.percent_possible_gt         ? 
_reflns_shell.percent_possible_obs        ? 
# 
_refine.aniso_B[1][1]                            -0.25 
_refine.aniso_B[1][2]                            0.00 
_refine.aniso_B[1][3]                            0.00 
_refine.aniso_B[2][2]                            -0.25 
_refine.aniso_B[2][3]                            -0.00 
_refine.aniso_B[3][3]                            0.50 
_refine.B_iso_max                                ? 
_refine.B_iso_mean                               14.688 
_refine.B_iso_min                                ? 
_refine.correlation_coeff_Fo_to_Fc               0.989 
_refine.correlation_coeff_Fo_to_Fc_free          0.989 
_refine.details                                  'HYDROGENS HAVE BEEN ADDED IN THE RIDING POSITIONS' 
_refine.diff_density_max                         ? 
_refine.diff_density_max_esd                     ? 
_refine.diff_density_min                         ? 
_refine.diff_density_min_esd                     ? 
_refine.diff_density_rms                         ? 
_refine.diff_density_rms_esd                     ? 
_refine.entry_id                                 4X1A 
_refine.pdbx_refine_id                           'X-RAY DIFFRACTION' 
_refine.ls_abs_structure_details                 ? 
_refine.ls_abs_structure_Flack                   ? 
_refine.ls_abs_structure_Flack_esd               ? 
_refine.ls_abs_structure_Rogers                  ? 
_refine.ls_abs_structure_Rogers_esd              ? 
_refine.ls_d_res_high                            0.89 
_refine.ls_d_res_low                             17.05 
_refine.ls_extinction_coef                       ? 
_refine.ls_extinction_coef_esd                   ? 
_refine.ls_extinction_expression                 ? 
_refine.ls_extinction_method                     ? 
_refine.ls_goodness_of_fit_all                   ? 
_refine.ls_goodness_of_fit_all_esd               ? 
_refine.ls_goodness_of_fit_obs                   ? 
_refine.ls_goodness_of_fit_obs_esd               ? 
_refine.ls_hydrogen_treatment                    ? 
_refine.ls_matrix_type                           ? 
_refine.ls_number_constraints                    ? 
_refine.ls_number_parameters                     ? 
_refine.ls_number_reflns_all                     ? 
_refine.ls_number_reflns_obs                     26155 
_refine.ls_number_reflns_R_free                  1372 
_refine.ls_number_reflns_R_work                  ? 
_refine.ls_number_restraints                     ? 
_refine.ls_percent_reflns_obs                    98.11 
_refine.ls_percent_reflns_R_free                 5.0 
_refine.ls_R_factor_all                          ? 
_refine.ls_R_factor_obs                          0.09623 
_refine.ls_R_factor_R_free                       0.10627 
_refine.ls_R_factor_R_free_error                 ? 
_refine.ls_R_factor_R_free_error_details         ? 
_refine.ls_R_factor_R_work                       0.09569 
_refine.ls_R_Fsqd_factor_obs                     ? 
_refine.ls_R_I_factor_obs                        ? 
_refine.ls_redundancy_reflns_all                 ? 
_refine.ls_redundancy_reflns_obs                 ? 
_refine.ls_restrained_S_all                      ? 
_refine.ls_restrained_S_obs                      ? 
_refine.ls_shift_over_esd_max                    ? 
_refine.ls_shift_over_esd_mean                   ? 
_refine.ls_structure_factor_coef                 ? 
_refine.ls_weighting_details                     ? 
_refine.ls_weighting_scheme                      ? 
_refine.ls_wR_factor_all                         ? 
_refine.ls_wR_factor_obs                         ? 
_refine.ls_wR_factor_R_free                      ? 
_refine.ls_wR_factor_R_work                      ? 
_refine.occupancy_max                            ? 
_refine.occupancy_min                            ? 
_refine.solvent_model_details                    MASK 
_refine.solvent_model_param_bsol                 ? 
_refine.solvent_model_param_ksol                 ? 
_refine.ls_R_factor_gt                           ? 
_refine.ls_goodness_of_fit_gt                    ? 
_refine.ls_goodness_of_fit_ref                   ? 
_refine.ls_shift_over_su_max                     ? 
_refine.ls_shift_over_su_max_lt                  ? 
_refine.ls_shift_over_su_mean                    ? 
_refine.ls_shift_over_su_mean_lt                 ? 
_refine.pdbx_ls_sigma_I                          ? 
_refine.pdbx_ls_sigma_F                          ? 
_refine.pdbx_ls_sigma_Fsqd                       ? 
_refine.pdbx_data_cutoff_high_absF               ? 
_refine.pdbx_data_cutoff_high_rms_absF           ? 
_refine.pdbx_data_cutoff_low_absF                ? 
_refine.pdbx_isotropic_thermal_model             ? 
_refine.pdbx_ls_cross_valid_method               THROUGHOUT 
_refine.pdbx_method_to_determine_struct          SAD 
_refine.pdbx_starting_model                      ? 
_refine.pdbx_stereochemistry_target_values       'MAXIMUM LIKELIHOOD' 
_refine.pdbx_R_Free_selection_details            RANDOM 
_refine.pdbx_stereochem_target_val_spec_case     ? 
_refine.pdbx_overall_ESU_R                       0.011 
_refine.pdbx_overall_ESU_R_Free                  0.011 
_refine.pdbx_solvent_vdw_probe_radii             1.20 
_refine.pdbx_solvent_ion_probe_radii             0.80 
_refine.pdbx_solvent_shrinkage_radii             0.80 
_refine.pdbx_real_space_R                        ? 
_refine.pdbx_density_correlation                 ? 
_refine.pdbx_pd_number_of_powder_patterns        ? 
_refine.pdbx_pd_number_of_points                 ? 
_refine.pdbx_pd_meas_number_of_points            ? 
_refine.pdbx_pd_proc_ls_prof_R_factor            ? 
_refine.pdbx_pd_proc_ls_prof_wR_factor           ? 
_refine.pdbx_pd_Marquardt_correlation_coeff      ? 
_refine.pdbx_pd_Fsqrd_R_factor                   ? 
_refine.pdbx_pd_ls_matrix_band_width             ? 
_refine.pdbx_overall_phase_error                 ? 
_refine.pdbx_overall_SU_R_free_Cruickshank_DPI   ? 
_refine.pdbx_overall_SU_R_free_Blow_DPI          ? 
_refine.pdbx_overall_SU_R_Blow_DPI               ? 
_refine.pdbx_TLS_residual_ADP_flag               ? 
_refine.pdbx_diffrn_id                           1 
_refine.overall_SU_B                             0.268 
_refine.overall_SU_ML                            0.007 
_refine.overall_SU_R_Cruickshank_DPI             ? 
_refine.overall_SU_R_free                        ? 
_refine.overall_FOM_free_R_set                   ? 
_refine.overall_FOM_work_R_set                   ? 
_refine.pdbx_average_fsc_overall                 ? 
_refine.pdbx_average_fsc_work                    ? 
_refine.pdbx_average_fsc_free                    ? 
# 
_refine_hist.pdbx_refine_id                   'X-RAY DIFFRACTION' 
_refine_hist.cycle_id                         1 
_refine_hist.pdbx_number_atoms_protein        0 
_refine_hist.pdbx_number_atoms_nucleic_acid   202 
_refine_hist.pdbx_number_atoms_ligand         54 
_refine_hist.number_atoms_solvent             91 
_refine_hist.number_atoms_total               347 
_refine_hist.d_res_high                       0.89 
_refine_hist.d_res_low                        17.05 
# 
loop_
_refine_ls_restr.pdbx_refine_id 
_refine_ls_restr.criterion 
_refine_ls_restr.dev_ideal 
_refine_ls_restr.dev_ideal_target 
_refine_ls_restr.number 
_refine_ls_restr.rejects 
_refine_ls_restr.type 
_refine_ls_restr.weight 
_refine_ls_restr.pdbx_restraint_function 
'X-RAY DIFFRACTION' ? 0.040  0.013  292 ? r_bond_refined_d             ? ? 
'X-RAY DIFFRACTION' ? 0.002  0.020  138 ? r_bond_other_d               ? ? 
'X-RAY DIFFRACTION' ? 2.756  1.610  460 ? r_angle_refined_deg          ? ? 
'X-RAY DIFFRACTION' ? 1.465  3.000  316 ? r_angle_other_deg            ? ? 
'X-RAY DIFFRACTION' ? ?      ?      ?   ? r_dihedral_angle_1_deg       ? ? 
'X-RAY DIFFRACTION' ? ?      ?      ?   ? r_dihedral_angle_2_deg       ? ? 
'X-RAY DIFFRACTION' ? ?      ?      ?   ? r_dihedral_angle_3_deg       ? ? 
'X-RAY DIFFRACTION' ? ?      ?      ?   ? r_dihedral_angle_4_deg       ? ? 
'X-RAY DIFFRACTION' ? 0.073  0.200  30  ? r_chiral_restr               ? ? 
'X-RAY DIFFRACTION' ? 0.040  0.020  178 ? r_gen_planes_refined         ? ? 
'X-RAY DIFFRACTION' ? 0.009  0.020  76  ? r_gen_planes_other           ? ? 
'X-RAY DIFFRACTION' ? ?      ?      ?   ? r_nbd_refined                ? ? 
'X-RAY DIFFRACTION' ? ?      ?      ?   ? r_nbd_other                  ? ? 
'X-RAY DIFFRACTION' ? ?      ?      ?   ? r_nbtor_refined              ? ? 
'X-RAY DIFFRACTION' ? ?      ?      ?   ? r_nbtor_other                ? ? 
'X-RAY DIFFRACTION' ? ?      ?      ?   ? r_xyhbond_nbd_refined        ? ? 
'X-RAY DIFFRACTION' ? ?      ?      ?   ? r_xyhbond_nbd_other          ? ? 
'X-RAY DIFFRACTION' ? ?      ?      ?   ? r_metal_ion_refined          ? ? 
'X-RAY DIFFRACTION' ? ?      ?      ?   ? r_metal_ion_other            ? ? 
'X-RAY DIFFRACTION' ? ?      ?      ?   ? r_symmetry_vdw_refined       ? ? 
'X-RAY DIFFRACTION' ? ?      ?      ?   ? r_symmetry_vdw_other         ? ? 
'X-RAY DIFFRACTION' ? ?      ?      ?   ? r_symmetry_hbond_refined     ? ? 
'X-RAY DIFFRACTION' ? ?      ?      ?   ? r_symmetry_hbond_other       ? ? 
'X-RAY DIFFRACTION' ? ?      ?      ?   ? r_symmetry_metal_ion_refined ? ? 
'X-RAY DIFFRACTION' ? ?      ?      ?   ? r_symmetry_metal_ion_other   ? ? 
'X-RAY DIFFRACTION' ? ?      ?      ?   ? r_mcbond_it                  ? ? 
'X-RAY DIFFRACTION' ? ?      ?      ?   ? r_mcbond_other               ? ? 
'X-RAY DIFFRACTION' ? ?      ?      ?   ? r_mcangle_it                 ? ? 
'X-RAY DIFFRACTION' ? ?      ?      ?   ? r_mcangle_other              ? ? 
'X-RAY DIFFRACTION' ? 1.814  1.159  292 ? r_scbond_it                  ? ? 
'X-RAY DIFFRACTION' ? 1.812  ?      293 ? r_scbond_other               ? ? 
'X-RAY DIFFRACTION' ? ?      ?      ?   ? r_scangle_it                 ? ? 
'X-RAY DIFFRACTION' ? 2.126  1.737  461 ? r_scangle_other              ? ? 
'X-RAY DIFFRACTION' ? 3.579  14.328 746 ? r_long_range_B_refined       ? ? 
'X-RAY DIFFRACTION' ? 2.358  ?      695 ? r_long_range_B_other         ? ? 
'X-RAY DIFFRACTION' ? 7.427  3.000  292 ? r_rigid_bond_restr           ? ? 
'X-RAY DIFFRACTION' ? 37.855 5.000  17  ? r_sphericity_free            ? ? 
'X-RAY DIFFRACTION' ? 10.683 5.000  331 ? r_sphericity_bonded          ? ? 
# 
_refine_ls_shell.pdbx_refine_id                   'X-RAY DIFFRACTION' 
_refine_ls_shell.d_res_high                       0.890 
_refine_ls_shell.d_res_low                        0.913 
_refine_ls_shell.number_reflns_all                ? 
_refine_ls_shell.number_reflns_obs                ? 
_refine_ls_shell.number_reflns_R_free             116 
_refine_ls_shell.number_reflns_R_work             1809 
_refine_ls_shell.percent_reflns_obs               95.34 
_refine_ls_shell.percent_reflns_R_free            ? 
_refine_ls_shell.R_factor_all                     ? 
_refine_ls_shell.R_factor_obs                     ? 
_refine_ls_shell.R_factor_R_free                  0.205 
_refine_ls_shell.R_factor_R_free_error            ? 
_refine_ls_shell.R_factor_R_work                  0.215 
_refine_ls_shell.redundancy_reflns_all            ? 
_refine_ls_shell.redundancy_reflns_obs            ? 
_refine_ls_shell.wR_factor_all                    ? 
_refine_ls_shell.wR_factor_obs                    ? 
_refine_ls_shell.wR_factor_R_free                 ? 
_refine_ls_shell.wR_factor_R_work                 ? 
_refine_ls_shell.pdbx_total_number_of_bins_used   20 
_refine_ls_shell.pdbx_phase_error                 ? 
_refine_ls_shell.pdbx_fsc_work                    ? 
_refine_ls_shell.pdbx_fsc_free                    ? 
# 
_struct.entry_id                     4X1A 
_struct.title                        'Lambda-[Ru(TAP)2(dppz-10,12-Me)]2+ bound to d(TCGGCGCCGA)' 
_struct.pdbx_model_details           ? 
_struct.pdbx_formula_weight          ? 
_struct.pdbx_formula_weight_method   ? 
_struct.pdbx_model_type_details      ? 
_struct.pdbx_CASP_flag               ? 
# 
_struct_keywords.entry_id        4X1A 
_struct_keywords.text            'Ruthenium, DNA, polypyridyl' 
_struct_keywords.pdbx_keywords   DNA 
# 
loop_
_struct_asym.id 
_struct_asym.pdbx_blank_PDB_chainid_flag 
_struct_asym.pdbx_modified 
_struct_asym.entity_id 
_struct_asym.details 
A N N 1 ? 
B N N 2 ? 
C N N 3 ? 
D N N 4 ? 
# 
_struct_ref.id                         1 
_struct_ref.db_name                    PDB 
_struct_ref.db_code                    4X1A 
_struct_ref.pdbx_db_accession          4X1A 
_struct_ref.pdbx_db_isoform            ? 
_struct_ref.entity_id                  1 
_struct_ref.pdbx_seq_one_letter_code   ? 
_struct_ref.pdbx_align_begin           1 
# 
_struct_ref_seq.align_id                      1 
_struct_ref_seq.ref_id                        1 
_struct_ref_seq.pdbx_PDB_id_code              4X1A 
_struct_ref_seq.pdbx_strand_id                A 
_struct_ref_seq.seq_align_beg                 1 
_struct_ref_seq.pdbx_seq_align_beg_ins_code   ? 
_struct_ref_seq.seq_align_end                 10 
_struct_ref_seq.pdbx_seq_align_end_ins_code   ? 
_struct_ref_seq.pdbx_db_accession             4X1A 
_struct_ref_seq.db_align_beg                  1 
_struct_ref_seq.pdbx_db_align_beg_ins_code    ? 
_struct_ref_seq.db_align_end                  10 
_struct_ref_seq.pdbx_db_align_end_ins_code    ? 
_struct_ref_seq.pdbx_auth_seq_align_beg       1 
_struct_ref_seq.pdbx_auth_seq_align_end       10 
# 
_pdbx_struct_assembly.id                   1 
_pdbx_struct_assembly.details              software_defined_assembly 
_pdbx_struct_assembly.method_details       PISA 
_pdbx_struct_assembly.oligomeric_details   dimeric 
_pdbx_struct_assembly.oligomeric_count     2 
# 
loop_
_pdbx_struct_assembly_prop.biol_id 
_pdbx_struct_assembly_prop.type 
_pdbx_struct_assembly_prop.value 
_pdbx_struct_assembly_prop.details 
1 'ABSA (A^2)' 1680 ? 
1 MORE         -21  ? 
1 'SSA (A^2)'  4590 ? 
# 
_pdbx_struct_assembly_gen.assembly_id       1 
_pdbx_struct_assembly_gen.oper_expression   1,2 
_pdbx_struct_assembly_gen.asym_id_list      A,B,C,D 
# 
loop_
_pdbx_struct_oper_list.id 
_pdbx_struct_oper_list.type 
_pdbx_struct_oper_list.name 
_pdbx_struct_oper_list.symmetry_operation 
_pdbx_struct_oper_list.matrix[1][1] 
_pdbx_struct_oper_list.matrix[1][2] 
_pdbx_struct_oper_list.matrix[1][3] 
_pdbx_struct_oper_list.vector[1] 
_pdbx_struct_oper_list.matrix[2][1] 
_pdbx_struct_oper_list.matrix[2][2] 
_pdbx_struct_oper_list.matrix[2][3] 
_pdbx_struct_oper_list.vector[2] 
_pdbx_struct_oper_list.matrix[3][1] 
_pdbx_struct_oper_list.matrix[3][2] 
_pdbx_struct_oper_list.matrix[3][3] 
_pdbx_struct_oper_list.vector[3] 
1 'identity operation'         1_555 x,y,z        1.0000000000 0.0000000000  0.0000000000  0.0000000000 0.0000000000  1.0000000000  0.0000000000 0.0000000000  0.0000000000  0.0000000000 1.0000000000  0.0000000000 
2 'crystal symmetry operation' 8_554 -y,-x,-z-1/2 0.5469317511 -0.6792810808 -0.4893290027 0.0253867161 -0.6792810808 -0.7017174246 0.2148717509 -1.4803446962 -0.4893290027 0.2148717509 -0.8452143265 2.1352539020 
# 
loop_
_struct_conn.id 
_struct_conn.conn_type_id 
_struct_conn.pdbx_leaving_atom_flag 
_struct_conn.pdbx_PDB_id 
_struct_conn.ptnr1_label_asym_id 
_struct_conn.ptnr1_label_comp_id 
_struct_conn.ptnr1_label_seq_id 
_struct_conn.ptnr1_label_atom_id 
_struct_conn.pdbx_ptnr1_label_alt_id 
_struct_conn.pdbx_ptnr1_PDB_ins_code 
_struct_conn.pdbx_ptnr1_standard_comp_id 
_struct_conn.ptnr1_symmetry 
_struct_conn.ptnr2_label_asym_id 
_struct_conn.ptnr2_label_comp_id 
_struct_conn.ptnr2_label_seq_id 
_struct_conn.ptnr2_label_atom_id 
_struct_conn.pdbx_ptnr2_label_alt_id 
_struct_conn.pdbx_ptnr2_PDB_ins_code 
_struct_conn.ptnr1_auth_asym_id 
_struct_conn.ptnr1_auth_comp_id 
_struct_conn.ptnr1_auth_seq_id 
_struct_conn.ptnr2_auth_asym_id 
_struct_conn.ptnr2_auth_comp_id 
_struct_conn.ptnr2_auth_seq_id 
_struct_conn.ptnr2_symmetry 
_struct_conn.pdbx_ptnr3_label_atom_id 
_struct_conn.pdbx_ptnr3_label_seq_id 
_struct_conn.pdbx_ptnr3_label_comp_id 
_struct_conn.pdbx_ptnr3_label_asym_id 
_struct_conn.pdbx_ptnr3_label_alt_id 
_struct_conn.pdbx_ptnr3_PDB_ins_code 
_struct_conn.details 
_struct_conn.pdbx_dist_value 
_struct_conn.pdbx_value_order 
_struct_conn.pdbx_role 
metalc1  metalc ? ? A DG 4 O6 ? ? ? 1_555 C BA  . BA ? ? A DG 4   A BA  102 1_555 ? ? ? ? ? ? ?            2.844 ? ? 
metalc2  metalc ? ? C BA . BA ? ? ? 1_555 D HOH . O  ? ? A BA 102 A HOH 218 1_555 ? ? ? ? ? ? ?            2.775 ? ? 
metalc3  metalc ? ? C BA . BA ? ? ? 1_555 D HOH . O  ? ? A BA 102 A HOH 220 1_555 ? ? ? ? ? ? ?            2.810 ? ? 
metalc4  metalc ? ? C BA . BA ? ? ? 1_555 D HOH . O  ? ? A BA 102 A HOH 231 1_555 ? ? ? ? ? ? ?            2.794 ? ? 
metalc5  metalc ? ? C BA . BA ? ? ? 1_555 D HOH . O  ? ? A BA 102 A HOH 242 1_555 ? ? ? ? ? ? ?            2.826 ? ? 
metalc6  metalc ? ? C BA . BA ? ? ? 1_555 D HOH . O  A ? A BA 102 A HOH 254 1_555 ? ? ? ? ? ? ?            2.845 ? ? 
metalc7  metalc ? ? C BA . BA ? ? ? 1_555 D HOH . O  B ? A BA 102 A HOH 254 1_555 ? ? ? ? ? ? ?            2.781 ? ? 
metalc8  metalc ? ? C BA . BA ? ? ? 1_555 D HOH . O  ? ? A BA 102 A HOH 283 1_555 ? ? ? ? ? ? ?            2.813 ? ? 
hydrog1  hydrog ? ? A DC 2 N3 ? ? ? 1_555 A DG  9 N1 ? ? A DC 2   A DG  9   8_554 ? ? ? ? ? ? WATSON-CRICK ?     ? ? 
hydrog2  hydrog ? ? A DC 2 N4 ? ? ? 1_555 A DG  9 O6 ? ? A DC 2   A DG  9   8_554 ? ? ? ? ? ? WATSON-CRICK ?     ? ? 
hydrog3  hydrog ? ? A DC 2 O2 ? ? ? 1_555 A DG  9 N2 ? ? A DC 2   A DG  9   8_554 ? ? ? ? ? ? WATSON-CRICK ?     ? ? 
hydrog4  hydrog ? ? A DG 3 N1 ? ? ? 1_555 A DC  8 N3 ? ? A DG 3   A DC  8   8_554 ? ? ? ? ? ? WATSON-CRICK ?     ? ? 
hydrog5  hydrog ? ? A DG 3 N2 ? ? ? 1_555 A DC  8 O2 ? ? A DG 3   A DC  8   8_554 ? ? ? ? ? ? WATSON-CRICK ?     ? ? 
hydrog6  hydrog ? ? A DG 3 O6 ? ? ? 1_555 A DC  8 N4 ? ? A DG 3   A DC  8   8_554 ? ? ? ? ? ? WATSON-CRICK ?     ? ? 
hydrog7  hydrog ? ? A DG 4 N1 ? ? ? 1_555 A DC  7 N3 ? ? A DG 4   A DC  7   8_554 ? ? ? ? ? ? WATSON-CRICK ?     ? ? 
hydrog8  hydrog ? ? A DG 4 N2 ? ? ? 1_555 A DC  7 O2 ? ? A DG 4   A DC  7   8_554 ? ? ? ? ? ? WATSON-CRICK ?     ? ? 
hydrog9  hydrog ? ? A DG 4 O6 ? ? ? 1_555 A DC  7 N4 ? ? A DG 4   A DC  7   8_554 ? ? ? ? ? ? WATSON-CRICK ?     ? ? 
hydrog10 hydrog ? ? A DC 5 N3 ? ? ? 1_555 A DG  6 N1 ? ? A DC 5   A DG  6   8_554 ? ? ? ? ? ? WATSON-CRICK ?     ? ? 
hydrog11 hydrog ? ? A DC 5 N4 ? ? ? 1_555 A DG  6 O6 ? ? A DC 5   A DG  6   8_554 ? ? ? ? ? ? WATSON-CRICK ?     ? ? 
hydrog12 hydrog ? ? A DC 5 O2 ? ? ? 1_555 A DG  6 N2 ? ? A DC 5   A DG  6   8_554 ? ? ? ? ? ? WATSON-CRICK ?     ? ? 
hydrog13 hydrog ? ? A DG 6 N1 ? ? ? 1_555 A DC  5 N3 ? ? A DG 6   A DC  5   8_554 ? ? ? ? ? ? WATSON-CRICK ?     ? ? 
hydrog14 hydrog ? ? A DG 6 N2 ? ? ? 1_555 A DC  5 O2 ? ? A DG 6   A DC  5   8_554 ? ? ? ? ? ? WATSON-CRICK ?     ? ? 
hydrog15 hydrog ? ? A DG 6 O6 ? ? ? 1_555 A DC  5 N4 ? ? A DG 6   A DC  5   8_554 ? ? ? ? ? ? WATSON-CRICK ?     ? ? 
hydrog16 hydrog ? ? A DC 7 N3 ? ? ? 1_555 A DG  4 N1 ? ? A DC 7   A DG  4   8_554 ? ? ? ? ? ? WATSON-CRICK ?     ? ? 
hydrog17 hydrog ? ? A DC 7 N4 ? ? ? 1_555 A DG  4 O6 ? ? A DC 7   A DG  4   8_554 ? ? ? ? ? ? WATSON-CRICK ?     ? ? 
hydrog18 hydrog ? ? A DC 7 O2 ? ? ? 1_555 A DG  4 N2 ? ? A DC 7   A DG  4   8_554 ? ? ? ? ? ? WATSON-CRICK ?     ? ? 
hydrog19 hydrog ? ? A DC 8 N3 ? ? ? 1_555 A DG  3 N1 ? ? A DC 8   A DG  3   8_554 ? ? ? ? ? ? WATSON-CRICK ?     ? ? 
hydrog20 hydrog ? ? A DC 8 N4 ? ? ? 1_555 A DG  3 O6 ? ? A DC 8   A DG  3   8_554 ? ? ? ? ? ? WATSON-CRICK ?     ? ? 
hydrog21 hydrog ? ? A DC 8 O2 ? ? ? 1_555 A DG  3 N2 ? ? A DC 8   A DG  3   8_554 ? ? ? ? ? ? WATSON-CRICK ?     ? ? 
hydrog22 hydrog ? ? A DG 9 N1 ? ? ? 1_555 A DC  2 N3 ? ? A DG 9   A DC  2   8_554 ? ? ? ? ? ? WATSON-CRICK ?     ? ? 
hydrog23 hydrog ? ? A DG 9 N2 ? ? ? 1_555 A DC  2 O2 ? ? A DG 9   A DC  2   8_554 ? ? ? ? ? ? WATSON-CRICK ?     ? ? 
hydrog24 hydrog ? ? A DG 9 O6 ? ? ? 1_555 A DC  2 N4 ? ? A DG 9   A DC  2   8_554 ? ? ? ? ? ? WATSON-CRICK ?     ? ? 
# 
loop_
_struct_conn_type.id 
_struct_conn_type.criteria 
_struct_conn_type.reference 
metalc ? ? 
hydrog ? ? 
# 
loop_
_pdbx_struct_conn_angle.id 
_pdbx_struct_conn_angle.ptnr1_label_atom_id 
_pdbx_struct_conn_angle.ptnr1_label_alt_id 
_pdbx_struct_conn_angle.ptnr1_label_asym_id 
_pdbx_struct_conn_angle.ptnr1_label_comp_id 
_pdbx_struct_conn_angle.ptnr1_label_seq_id 
_pdbx_struct_conn_angle.ptnr1_auth_atom_id 
_pdbx_struct_conn_angle.ptnr1_auth_asym_id 
_pdbx_struct_conn_angle.ptnr1_auth_comp_id 
_pdbx_struct_conn_angle.ptnr1_auth_seq_id 
_pdbx_struct_conn_angle.ptnr1_PDB_ins_code 
_pdbx_struct_conn_angle.ptnr1_symmetry 
_pdbx_struct_conn_angle.ptnr2_label_atom_id 
_pdbx_struct_conn_angle.ptnr2_label_alt_id 
_pdbx_struct_conn_angle.ptnr2_label_asym_id 
_pdbx_struct_conn_angle.ptnr2_label_comp_id 
_pdbx_struct_conn_angle.ptnr2_label_seq_id 
_pdbx_struct_conn_angle.ptnr2_auth_atom_id 
_pdbx_struct_conn_angle.ptnr2_auth_asym_id 
_pdbx_struct_conn_angle.ptnr2_auth_comp_id 
_pdbx_struct_conn_angle.ptnr2_auth_seq_id 
_pdbx_struct_conn_angle.ptnr2_PDB_ins_code 
_pdbx_struct_conn_angle.ptnr2_symmetry 
_pdbx_struct_conn_angle.ptnr3_label_atom_id 
_pdbx_struct_conn_angle.ptnr3_label_alt_id 
_pdbx_struct_conn_angle.ptnr3_label_asym_id 
_pdbx_struct_conn_angle.ptnr3_label_comp_id 
_pdbx_struct_conn_angle.ptnr3_label_seq_id 
_pdbx_struct_conn_angle.ptnr3_auth_atom_id 
_pdbx_struct_conn_angle.ptnr3_auth_asym_id 
_pdbx_struct_conn_angle.ptnr3_auth_comp_id 
_pdbx_struct_conn_angle.ptnr3_auth_seq_id 
_pdbx_struct_conn_angle.ptnr3_PDB_ins_code 
_pdbx_struct_conn_angle.ptnr3_symmetry 
_pdbx_struct_conn_angle.value 
_pdbx_struct_conn_angle.value_esd 
1  O6 ? A DG  4 ? A DG  4   ? 1_555 BA ? C BA . ? A BA 102 ? 1_555 O ? D HOH . ? A HOH 218 ? 1_555 71.7  ? 
2  O6 ? A DG  4 ? A DG  4   ? 1_555 BA ? C BA . ? A BA 102 ? 1_555 O ? D HOH . ? A HOH 220 ? 1_555 127.2 ? 
3  O  ? D HOH . ? A HOH 218 ? 1_555 BA ? C BA . ? A BA 102 ? 1_555 O ? D HOH . ? A HOH 220 ? 1_555 139.4 ? 
4  O6 ? A DG  4 ? A DG  4   ? 1_555 BA ? C BA . ? A BA 102 ? 1_555 O ? D HOH . ? A HOH 231 ? 1_555 138.0 ? 
5  O  ? D HOH . ? A HOH 218 ? 1_555 BA ? C BA . ? A BA 102 ? 1_555 O ? D HOH . ? A HOH 231 ? 1_555 76.0  ? 
6  O  ? D HOH . ? A HOH 220 ? 1_555 BA ? C BA . ? A BA 102 ? 1_555 O ? D HOH . ? A HOH 231 ? 1_555 67.6  ? 
7  O6 ? A DG  4 ? A DG  4   ? 1_555 BA ? C BA . ? A BA 102 ? 1_555 O ? D HOH . ? A HOH 242 ? 1_555 64.0  ? 
8  O  ? D HOH . ? A HOH 218 ? 1_555 BA ? C BA . ? A BA 102 ? 1_555 O ? D HOH . ? A HOH 242 ? 1_555 83.0  ? 
9  O  ? D HOH . ? A HOH 220 ? 1_555 BA ? C BA . ? A BA 102 ? 1_555 O ? D HOH . ? A HOH 242 ? 1_555 136.6 ? 
10 O  ? D HOH . ? A HOH 231 ? 1_555 BA ? C BA . ? A BA 102 ? 1_555 O ? D HOH . ? A HOH 242 ? 1_555 137.0 ? 
11 O6 ? A DG  4 ? A DG  4   ? 1_555 BA ? C BA . ? A BA 102 ? 1_555 O A D HOH . ? A HOH 254 ? 1_555 111.5 ? 
12 O  ? D HOH . ? A HOH 218 ? 1_555 BA ? C BA . ? A BA 102 ? 1_555 O A D HOH . ? A HOH 254 ? 1_555 148.8 ? 
13 O  ? D HOH . ? A HOH 220 ? 1_555 BA ? C BA . ? A BA 102 ? 1_555 O A D HOH . ? A HOH 254 ? 1_555 65.0  ? 
14 O  ? D HOH . ? A HOH 231 ? 1_555 BA ? C BA . ? A BA 102 ? 1_555 O A D HOH . ? A HOH 254 ? 1_555 110.1 ? 
15 O  ? D HOH . ? A HOH 242 ? 1_555 BA ? C BA . ? A BA 102 ? 1_555 O A D HOH . ? A HOH 254 ? 1_555 72.0  ? 
16 O6 ? A DG  4 ? A DG  4   ? 1_555 BA ? C BA . ? A BA 102 ? 1_555 O B D HOH . ? A HOH 254 ? 1_555 85.6  ? 
17 O  ? D HOH . ? A HOH 218 ? 1_555 BA ? C BA . ? A BA 102 ? 1_555 O B D HOH . ? A HOH 254 ? 1_555 140.5 ? 
18 O  ? D HOH . ? A HOH 220 ? 1_555 BA ? C BA . ? A BA 102 ? 1_555 O B D HOH . ? A HOH 254 ? 1_555 80.0  ? 
19 O  ? D HOH . ? A HOH 231 ? 1_555 BA ? C BA . ? A BA 102 ? 1_555 O B D HOH . ? A HOH 254 ? 1_555 135.7 ? 
20 O  ? D HOH . ? A HOH 242 ? 1_555 BA ? C BA . ? A BA 102 ? 1_555 O B D HOH . ? A HOH 254 ? 1_555 57.8  ? 
21 O  A D HOH . ? A HOH 254 ? 1_555 BA ? C BA . ? A BA 102 ? 1_555 O B D HOH . ? A HOH 254 ? 1_555 25.8  ? 
22 O6 ? A DG  4 ? A DG  4   ? 1_555 BA ? C BA . ? A BA 102 ? 1_555 O ? D HOH . ? A HOH 283 ? 1_555 123.8 ? 
23 O  ? D HOH . ? A HOH 218 ? 1_555 BA ? C BA . ? A BA 102 ? 1_555 O ? D HOH . ? A HOH 283 ? 1_555 76.2  ? 
24 O  ? D HOH . ? A HOH 220 ? 1_555 BA ? C BA . ? A BA 102 ? 1_555 O ? D HOH . ? A HOH 283 ? 1_555 107.2 ? 
25 O  ? D HOH . ? A HOH 231 ? 1_555 BA ? C BA . ? A BA 102 ? 1_555 O ? D HOH . ? A HOH 283 ? 1_555 71.4  ? 
26 O  ? D HOH . ? A HOH 242 ? 1_555 BA ? C BA . ? A BA 102 ? 1_555 O ? D HOH . ? A HOH 283 ? 1_555 67.3  ? 
27 O  A D HOH . ? A HOH 254 ? 1_555 BA ? C BA . ? A BA 102 ? 1_555 O ? D HOH . ? A HOH 283 ? 1_555 77.1  ? 
28 O  B D HOH . ? A HOH 254 ? 1_555 BA ? C BA . ? A BA 102 ? 1_555 O ? D HOH . ? A HOH 283 ? 1_555 91.4  ? 
# 
loop_
_struct_site.id 
_struct_site.pdbx_evidence_code 
_struct_site.pdbx_auth_asym_id 
_struct_site.pdbx_auth_comp_id 
_struct_site.pdbx_auth_seq_id 
_struct_site.pdbx_auth_ins_code 
_struct_site.pdbx_num_residues 
_struct_site.details 
AC1 Software A 3WB 101 ? 10 'binding site for residue 3WB A 101' 
AC2 Software A BA  102 ? 8  'binding site for residue BA A 102'  
# 
loop_
_struct_site_gen.id 
_struct_site_gen.site_id 
_struct_site_gen.pdbx_num_res 
_struct_site_gen.label_comp_id 
_struct_site_gen.label_asym_id 
_struct_site_gen.label_seq_id 
_struct_site_gen.pdbx_auth_ins_code 
_struct_site_gen.auth_comp_id 
_struct_site_gen.auth_asym_id 
_struct_site_gen.auth_seq_id 
_struct_site_gen.label_atom_id 
_struct_site_gen.label_alt_id 
_struct_site_gen.symmetry 
_struct_site_gen.details 
1  AC1 10 DT  A 1  ? DT  A 1   . ? 1_555 ? 
2  AC1 10 DC  A 2  ? DC  A 2   . ? 1_555 ? 
3  AC1 10 DG  A 3  ? DG  A 3   . ? 1_555 ? 
4  AC1 10 DG  A 3  ? DG  A 3   . ? 4_455 ? 
5  AC1 10 DG  A 4  ? DG  A 4   . ? 4_455 ? 
6  AC1 10 DC  A 5  ? DC  A 5   . ? 4_455 ? 
7  AC1 10 DC  A 7  ? DC  A 7   . ? 5_454 ? 
8  AC1 10 DC  A 8  ? DC  A 8   . ? 5_454 ? 
9  AC1 10 DG  A 9  ? DG  A 9   . ? 8_554 ? 
10 AC1 10 DA  A 10 ? DA  A 10  . ? 5_454 ? 
11 AC2 8  DG  A 3  ? DG  A 3   . ? 1_555 ? 
12 AC2 8  DG  A 4  ? DG  A 4   . ? 1_555 ? 
13 AC2 8  HOH D .  ? HOH A 218 . ? 1_555 ? 
14 AC2 8  HOH D .  ? HOH A 242 . ? 1_555 ? 
15 AC2 8  HOH D .  ? HOH A 254 . ? 1_555 ? 
16 AC2 8  HOH D .  ? HOH A 283 . ? 1_555 ? 
17 AC2 8  HOH D .  ? HOH A 220 . ? 1_555 ? 
18 AC2 8  HOH D .  ? HOH A 231 . ? 1_555 ? 
# 
_pdbx_validate_close_contact.id               1 
_pdbx_validate_close_contact.PDB_model_num    1 
_pdbx_validate_close_contact.auth_atom_id_1   O 
_pdbx_validate_close_contact.auth_asym_id_1   A 
_pdbx_validate_close_contact.auth_comp_id_1   HOH 
_pdbx_validate_close_contact.auth_seq_id_1    287 
_pdbx_validate_close_contact.PDB_ins_code_1   ? 
_pdbx_validate_close_contact.label_alt_id_1   ? 
_pdbx_validate_close_contact.auth_atom_id_2   O 
_pdbx_validate_close_contact.auth_asym_id_2   A 
_pdbx_validate_close_contact.auth_comp_id_2   HOH 
_pdbx_validate_close_contact.auth_seq_id_2    289 
_pdbx_validate_close_contact.PDB_ins_code_2   ? 
_pdbx_validate_close_contact.label_alt_id_2   ? 
_pdbx_validate_close_contact.dist             2.05 
# 
_pdbx_validate_symm_contact.id                1 
_pdbx_validate_symm_contact.PDB_model_num     1 
_pdbx_validate_symm_contact.auth_atom_id_1    O 
_pdbx_validate_symm_contact.auth_asym_id_1    A 
_pdbx_validate_symm_contact.auth_comp_id_1    HOH 
_pdbx_validate_symm_contact.auth_seq_id_1     260 
_pdbx_validate_symm_contact.PDB_ins_code_1    ? 
_pdbx_validate_symm_contact.label_alt_id_1    ? 
_pdbx_validate_symm_contact.site_symmetry_1   1_555 
_pdbx_validate_symm_contact.auth_atom_id_2    O 
_pdbx_validate_symm_contact.auth_asym_id_2    A 
_pdbx_validate_symm_contact.auth_comp_id_2    HOH 
_pdbx_validate_symm_contact.auth_seq_id_2     287 
_pdbx_validate_symm_contact.PDB_ins_code_2    ? 
_pdbx_validate_symm_contact.label_alt_id_2    ? 
_pdbx_validate_symm_contact.site_symmetry_2   8_554 
_pdbx_validate_symm_contact.dist              2.12 
# 
_pdbx_validate_rmsd_angle.id                         1 
_pdbx_validate_rmsd_angle.PDB_model_num              1 
_pdbx_validate_rmsd_angle.auth_atom_id_1             "O5'" 
_pdbx_validate_rmsd_angle.auth_asym_id_1             A 
_pdbx_validate_rmsd_angle.auth_comp_id_1             DA 
_pdbx_validate_rmsd_angle.auth_seq_id_1              10 
_pdbx_validate_rmsd_angle.PDB_ins_code_1             ? 
_pdbx_validate_rmsd_angle.label_alt_id_1             ? 
_pdbx_validate_rmsd_angle.auth_atom_id_2             P 
_pdbx_validate_rmsd_angle.auth_asym_id_2             A 
_pdbx_validate_rmsd_angle.auth_comp_id_2             DA 
_pdbx_validate_rmsd_angle.auth_seq_id_2              10 
_pdbx_validate_rmsd_angle.PDB_ins_code_2             ? 
_pdbx_validate_rmsd_angle.label_alt_id_2             ? 
_pdbx_validate_rmsd_angle.auth_atom_id_3             OP1 
_pdbx_validate_rmsd_angle.auth_asym_id_3             A 
_pdbx_validate_rmsd_angle.auth_comp_id_3             DA 
_pdbx_validate_rmsd_angle.auth_seq_id_3              10 
_pdbx_validate_rmsd_angle.PDB_ins_code_3             ? 
_pdbx_validate_rmsd_angle.label_alt_id_3             ? 
_pdbx_validate_rmsd_angle.angle_value                97.27 
_pdbx_validate_rmsd_angle.angle_target_value         105.70 
_pdbx_validate_rmsd_angle.angle_deviation            -8.43 
_pdbx_validate_rmsd_angle.angle_standard_deviation   0.90 
_pdbx_validate_rmsd_angle.linker_flag                N 
# 
_pdbx_validate_planes.id              1 
_pdbx_validate_planes.PDB_model_num   1 
_pdbx_validate_planes.auth_comp_id    DC 
_pdbx_validate_planes.auth_asym_id    A 
_pdbx_validate_planes.auth_seq_id     5 
_pdbx_validate_planes.PDB_ins_code    ? 
_pdbx_validate_planes.label_alt_id    ? 
_pdbx_validate_planes.rmsd            0.116 
_pdbx_validate_planes.type            'SIDE CHAIN' 
# 
_pdbx_struct_special_symmetry.id              1 
_pdbx_struct_special_symmetry.PDB_model_num   1 
_pdbx_struct_special_symmetry.auth_asym_id    A 
_pdbx_struct_special_symmetry.auth_comp_id    HOH 
_pdbx_struct_special_symmetry.auth_seq_id     273 
_pdbx_struct_special_symmetry.PDB_ins_code    ? 
_pdbx_struct_special_symmetry.label_asym_id   D 
_pdbx_struct_special_symmetry.label_comp_id   HOH 
_pdbx_struct_special_symmetry.label_seq_id    . 
# 
loop_
_pdbx_distant_solvent_atoms.id 
_pdbx_distant_solvent_atoms.PDB_model_num 
_pdbx_distant_solvent_atoms.auth_atom_id 
_pdbx_distant_solvent_atoms.label_alt_id 
_pdbx_distant_solvent_atoms.auth_asym_id 
_pdbx_distant_solvent_atoms.auth_comp_id 
_pdbx_distant_solvent_atoms.auth_seq_id 
_pdbx_distant_solvent_atoms.PDB_ins_code 
_pdbx_distant_solvent_atoms.neighbor_macromolecule_distance 
_pdbx_distant_solvent_atoms.neighbor_ligand_distance 
1 1 O ? A HOH 290 ? 5.94 . 
2 1 O ? A HOH 291 ? 6.39 . 
# 
loop_
_chem_comp_atom.comp_id 
_chem_comp_atom.atom_id 
_chem_comp_atom.type_symbol 
_chem_comp_atom.pdbx_aromatic_flag 
_chem_comp_atom.pdbx_stereo_config 
_chem_comp_atom.pdbx_ordinal 
3WB C37    C  Y N 1   
3WB C38    C  Y N 2   
3WB N11    N  Y N 3   
3WB C35    C  Y N 4   
3WB C36    C  Y N 5   
3WB C29    C  Y N 6   
3WB N12    N  Y N 7   
3WB C34    C  Y N 8   
3WB C33    C  Y N 9   
3WB C32    C  Y N 10  
3WB N10    N  Y N 11  
3WB C31    C  Y N 12  
3WB C30    C  Y N 13  
3WB N9     N  Y N 14  
3WB RU     RU N N 15  
3WB N1     N  Y N 16  
3WB C12    C  Y N 17  
3WB C11    C  Y N 18  
3WB C9     C  Y N 19  
3WB N8     N  Y N 20  
3WB C28    C  Y N 21  
3WB C27    C  Y N 22  
3WB N7     N  Y N 23  
3WB C26    C  Y N 24  
3WB C25    C  Y N 25  
3WB C24    C  Y N 26  
3WB C23    C  Y N 27  
3WB C22    C  Y N 28  
3WB N6     N  Y N 29  
3WB C21    C  Y N 30  
3WB C20    C  Y N 31  
3WB C19    C  Y N 32  
3WB N5     N  Y N 33  
3WB N2     N  Y N 34  
3WB C1     C  Y N 35  
3WB C10    C  Y N 36  
3WB C8     C  Y N 37  
3WB C2     C  Y N 38  
3WB C3     C  Y N 39  
3WB C4     C  Y N 40  
3WB C5     C  Y N 41  
3WB C6     C  Y N 42  
3WB C7     C  Y N 43  
3WB N4     N  Y N 44  
3WB N3     N  Y N 45  
3WB C15    C  Y N 46  
3WB C13    C  Y N 47  
3WB C16    C  Y N 48  
3WB C17    C  Y N 49  
3WB C18    C  Y N 50  
3WB C14    C  Y N 51  
3WB C39    C  N N 52  
3WB C40    C  N N 53  
3WB H37    H  N N 54  
3WB H38    H  N N 55  
3WB H34    H  N N 56  
3WB H33    H  N N 57  
3WB H31    H  N N 58  
3WB H30    H  N N 59  
3WB H12    H  N N 60  
3WB H11    H  N N 61  
3WB H9     H  N N 62  
3WB H28    H  N N 63  
3WB H27    H  N N 64  
3WB H24    H  N N 65  
3WB H23    H  N N 66  
3WB H21    H  N N 67  
3WB H20    H  N N 68  
3WB H2     H  N N 69  
3WB H3     H  N N 70  
3WB H4     H  N N 71  
3WB H17    H  N N 72  
3WB H14    H  N N 73  
3WB H392   H  N N 74  
3WB H39    H  N N 75  
3WB H391   H  N N 76  
3WB H40    H  N N 77  
3WB H402   H  N N 78  
3WB H401   H  N N 79  
BA  BA     BA N N 80  
DA  OP3    O  N N 81  
DA  P      P  N N 82  
DA  OP1    O  N N 83  
DA  OP2    O  N N 84  
DA  "O5'"  O  N N 85  
DA  "C5'"  C  N N 86  
DA  "C4'"  C  N R 87  
DA  "O4'"  O  N N 88  
DA  "C3'"  C  N S 89  
DA  "O3'"  O  N N 90  
DA  "C2'"  C  N N 91  
DA  "C1'"  C  N R 92  
DA  N9     N  Y N 93  
DA  C8     C  Y N 94  
DA  N7     N  Y N 95  
DA  C5     C  Y N 96  
DA  C6     C  Y N 97  
DA  N6     N  N N 98  
DA  N1     N  Y N 99  
DA  C2     C  Y N 100 
DA  N3     N  Y N 101 
DA  C4     C  Y N 102 
DA  HOP3   H  N N 103 
DA  HOP2   H  N N 104 
DA  "H5'"  H  N N 105 
DA  "H5''" H  N N 106 
DA  "H4'"  H  N N 107 
DA  "H3'"  H  N N 108 
DA  "HO3'" H  N N 109 
DA  "H2'"  H  N N 110 
DA  "H2''" H  N N 111 
DA  "H1'"  H  N N 112 
DA  H8     H  N N 113 
DA  H61    H  N N 114 
DA  H62    H  N N 115 
DA  H2     H  N N 116 
DC  OP3    O  N N 117 
DC  P      P  N N 118 
DC  OP1    O  N N 119 
DC  OP2    O  N N 120 
DC  "O5'"  O  N N 121 
DC  "C5'"  C  N N 122 
DC  "C4'"  C  N R 123 
DC  "O4'"  O  N N 124 
DC  "C3'"  C  N S 125 
DC  "O3'"  O  N N 126 
DC  "C2'"  C  N N 127 
DC  "C1'"  C  N R 128 
DC  N1     N  N N 129 
DC  C2     C  N N 130 
DC  O2     O  N N 131 
DC  N3     N  N N 132 
DC  C4     C  N N 133 
DC  N4     N  N N 134 
DC  C5     C  N N 135 
DC  C6     C  N N 136 
DC  HOP3   H  N N 137 
DC  HOP2   H  N N 138 
DC  "H5'"  H  N N 139 
DC  "H5''" H  N N 140 
DC  "H4'"  H  N N 141 
DC  "H3'"  H  N N 142 
DC  "HO3'" H  N N 143 
DC  "H2'"  H  N N 144 
DC  "H2''" H  N N 145 
DC  "H1'"  H  N N 146 
DC  H41    H  N N 147 
DC  H42    H  N N 148 
DC  H5     H  N N 149 
DC  H6     H  N N 150 
DG  OP3    O  N N 151 
DG  P      P  N N 152 
DG  OP1    O  N N 153 
DG  OP2    O  N N 154 
DG  "O5'"  O  N N 155 
DG  "C5'"  C  N N 156 
DG  "C4'"  C  N R 157 
DG  "O4'"  O  N N 158 
DG  "C3'"  C  N S 159 
DG  "O3'"  O  N N 160 
DG  "C2'"  C  N N 161 
DG  "C1'"  C  N R 162 
DG  N9     N  Y N 163 
DG  C8     C  Y N 164 
DG  N7     N  Y N 165 
DG  C5     C  Y N 166 
DG  C6     C  N N 167 
DG  O6     O  N N 168 
DG  N1     N  N N 169 
DG  C2     C  N N 170 
DG  N2     N  N N 171 
DG  N3     N  N N 172 
DG  C4     C  Y N 173 
DG  HOP3   H  N N 174 
DG  HOP2   H  N N 175 
DG  "H5'"  H  N N 176 
DG  "H5''" H  N N 177 
DG  "H4'"  H  N N 178 
DG  "H3'"  H  N N 179 
DG  "HO3'" H  N N 180 
DG  "H2'"  H  N N 181 
DG  "H2''" H  N N 182 
DG  "H1'"  H  N N 183 
DG  H8     H  N N 184 
DG  H1     H  N N 185 
DG  H21    H  N N 186 
DG  H22    H  N N 187 
DT  OP3    O  N N 188 
DT  P      P  N N 189 
DT  OP1    O  N N 190 
DT  OP2    O  N N 191 
DT  "O5'"  O  N N 192 
DT  "C5'"  C  N N 193 
DT  "C4'"  C  N R 194 
DT  "O4'"  O  N N 195 
DT  "C3'"  C  N S 196 
DT  "O3'"  O  N N 197 
DT  "C2'"  C  N N 198 
DT  "C1'"  C  N R 199 
DT  N1     N  N N 200 
DT  C2     C  N N 201 
DT  O2     O  N N 202 
DT  N3     N  N N 203 
DT  C4     C  N N 204 
DT  O4     O  N N 205 
DT  C5     C  N N 206 
DT  C7     C  N N 207 
DT  C6     C  N N 208 
DT  HOP3   H  N N 209 
DT  HOP2   H  N N 210 
DT  "H5'"  H  N N 211 
DT  "H5''" H  N N 212 
DT  "H4'"  H  N N 213 
DT  "H3'"  H  N N 214 
DT  "HO3'" H  N N 215 
DT  "H2'"  H  N N 216 
DT  "H2''" H  N N 217 
DT  "H1'"  H  N N 218 
DT  H3     H  N N 219 
DT  H71    H  N N 220 
DT  H72    H  N N 221 
DT  H73    H  N N 222 
DT  H6     H  N N 223 
HOH O      O  N N 224 
HOH H1     H  N N 225 
HOH H2     H  N N 226 
# 
loop_
_chem_comp_bond.comp_id 
_chem_comp_bond.atom_id_1 
_chem_comp_bond.atom_id_2 
_chem_comp_bond.value_order 
_chem_comp_bond.pdbx_aromatic_flag 
_chem_comp_bond.pdbx_stereo_config 
_chem_comp_bond.pdbx_ordinal 
3WB C33   C34    doub Y N 1   
3WB C33   C32    sing Y N 2   
3WB C34   C35    sing Y N 3   
3WB N10   C32    sing Y N 4   
3WB N10   C31    doub Y N 5   
3WB C32   C29    doub Y N 6   
3WB C35   N11    sing Y N 7   
3WB C35   C36    doub Y N 8   
3WB N11   C37    doub Y N 9   
3WB C31   C30    sing Y N 10  
3WB C29   C36    sing Y N 11  
3WB C29   N9     sing Y N 12  
3WB C36   N12    sing Y N 13  
3WB C37   C38    sing Y N 14  
3WB C30   N9     doub Y N 15  
3WB N9    RU     sing N N 16  
3WB N12   C38    doub Y N 17  
3WB N12   RU     sing N N 18  
3WB C28   C27    sing Y N 19  
3WB C28   N8     doub Y N 20  
3WB C27   N7     doub Y N 21  
3WB C2    C3     sing Y N 22  
3WB C2    N2     doub Y N 23  
3WB N8    RU     sing N N 24  
3WB N8    C26    sing Y N 25  
3WB RU    N2     sing N N 26  
3WB RU    N1     sing N N 27  
3WB RU    N5     sing N N 28  
3WB N7    C25    sing Y N 29  
3WB C3    C4     doub Y N 30  
3WB N2    C1     sing Y N 31  
3WB C26   C25    doub Y N 32  
3WB C26   C19    sing Y N 33  
3WB C25   C24    sing Y N 34  
3WB C4    C5     sing Y N 35  
3WB C1    C5     doub Y N 36  
3WB C1    C10    sing Y N 37  
3WB N1    C10    sing Y N 38  
3WB N1    C12    doub Y N 39  
3WB C5    C6     sing Y N 40  
3WB N5    C19    sing Y N 41  
3WB N5    C20    doub Y N 42  
3WB C10   C8     doub Y N 43  
3WB C12   C11    sing Y N 44  
3WB C19   C22    doub Y N 45  
3WB C24   C23    doub Y N 46  
3WB C20   C21    sing Y N 47  
3WB C6    N3     sing Y N 48  
3WB C6    C7     doub Y N 49  
3WB C11   C9     doub Y N 50  
3WB C8    C9     sing Y N 51  
3WB C8    C7     sing Y N 52  
3WB C22   C23    sing Y N 53  
3WB C22   N6     sing Y N 54  
3WB N3    C15    doub Y N 55  
3WB C7    N4     sing Y N 56  
3WB C21   N6     doub Y N 57  
3WB C40   C16    sing N N 58  
3WB C15   C16    sing Y N 59  
3WB C15   C13    sing Y N 60  
3WB N4    C13    doub Y N 61  
3WB C16   C17    doub Y N 62  
3WB C13   C14    sing Y N 63  
3WB C17   C18    sing Y N 64  
3WB C14   C18    doub Y N 65  
3WB C18   C39    sing N N 66  
3WB C37   H37    sing N N 67  
3WB C38   H38    sing N N 68  
3WB C34   H34    sing N N 69  
3WB C33   H33    sing N N 70  
3WB C31   H31    sing N N 71  
3WB C30   H30    sing N N 72  
3WB C12   H12    sing N N 73  
3WB C11   H11    sing N N 74  
3WB C9    H9     sing N N 75  
3WB C28   H28    sing N N 76  
3WB C27   H27    sing N N 77  
3WB C24   H24    sing N N 78  
3WB C23   H23    sing N N 79  
3WB C21   H21    sing N N 80  
3WB C20   H20    sing N N 81  
3WB C2    H2     sing N N 82  
3WB C3    H3     sing N N 83  
3WB C4    H4     sing N N 84  
3WB C17   H17    sing N N 85  
3WB C14   H14    sing N N 86  
3WB C39   H392   sing N N 87  
3WB C39   H39    sing N N 88  
3WB C39   H391   sing N N 89  
3WB C40   H40    sing N N 90  
3WB C40   H402   sing N N 91  
3WB C40   H401   sing N N 92  
DA  OP3   P      sing N N 93  
DA  OP3   HOP3   sing N N 94  
DA  P     OP1    doub N N 95  
DA  P     OP2    sing N N 96  
DA  P     "O5'"  sing N N 97  
DA  OP2   HOP2   sing N N 98  
DA  "O5'" "C5'"  sing N N 99  
DA  "C5'" "C4'"  sing N N 100 
DA  "C5'" "H5'"  sing N N 101 
DA  "C5'" "H5''" sing N N 102 
DA  "C4'" "O4'"  sing N N 103 
DA  "C4'" "C3'"  sing N N 104 
DA  "C4'" "H4'"  sing N N 105 
DA  "O4'" "C1'"  sing N N 106 
DA  "C3'" "O3'"  sing N N 107 
DA  "C3'" "C2'"  sing N N 108 
DA  "C3'" "H3'"  sing N N 109 
DA  "O3'" "HO3'" sing N N 110 
DA  "C2'" "C1'"  sing N N 111 
DA  "C2'" "H2'"  sing N N 112 
DA  "C2'" "H2''" sing N N 113 
DA  "C1'" N9     sing N N 114 
DA  "C1'" "H1'"  sing N N 115 
DA  N9    C8     sing Y N 116 
DA  N9    C4     sing Y N 117 
DA  C8    N7     doub Y N 118 
DA  C8    H8     sing N N 119 
DA  N7    C5     sing Y N 120 
DA  C5    C6     sing Y N 121 
DA  C5    C4     doub Y N 122 
DA  C6    N6     sing N N 123 
DA  C6    N1     doub Y N 124 
DA  N6    H61    sing N N 125 
DA  N6    H62    sing N N 126 
DA  N1    C2     sing Y N 127 
DA  C2    N3     doub Y N 128 
DA  C2    H2     sing N N 129 
DA  N3    C4     sing Y N 130 
DC  OP3   P      sing N N 131 
DC  OP3   HOP3   sing N N 132 
DC  P     OP1    doub N N 133 
DC  P     OP2    sing N N 134 
DC  P     "O5'"  sing N N 135 
DC  OP2   HOP2   sing N N 136 
DC  "O5'" "C5'"  sing N N 137 
DC  "C5'" "C4'"  sing N N 138 
DC  "C5'" "H5'"  sing N N 139 
DC  "C5'" "H5''" sing N N 140 
DC  "C4'" "O4'"  sing N N 141 
DC  "C4'" "C3'"  sing N N 142 
DC  "C4'" "H4'"  sing N N 143 
DC  "O4'" "C1'"  sing N N 144 
DC  "C3'" "O3'"  sing N N 145 
DC  "C3'" "C2'"  sing N N 146 
DC  "C3'" "H3'"  sing N N 147 
DC  "O3'" "HO3'" sing N N 148 
DC  "C2'" "C1'"  sing N N 149 
DC  "C2'" "H2'"  sing N N 150 
DC  "C2'" "H2''" sing N N 151 
DC  "C1'" N1     sing N N 152 
DC  "C1'" "H1'"  sing N N 153 
DC  N1    C2     sing N N 154 
DC  N1    C6     sing N N 155 
DC  C2    O2     doub N N 156 
DC  C2    N3     sing N N 157 
DC  N3    C4     doub N N 158 
DC  C4    N4     sing N N 159 
DC  C4    C5     sing N N 160 
DC  N4    H41    sing N N 161 
DC  N4    H42    sing N N 162 
DC  C5    C6     doub N N 163 
DC  C5    H5     sing N N 164 
DC  C6    H6     sing N N 165 
DG  OP3   P      sing N N 166 
DG  OP3   HOP3   sing N N 167 
DG  P     OP1    doub N N 168 
DG  P     OP2    sing N N 169 
DG  P     "O5'"  sing N N 170 
DG  OP2   HOP2   sing N N 171 
DG  "O5'" "C5'"  sing N N 172 
DG  "C5'" "C4'"  sing N N 173 
DG  "C5'" "H5'"  sing N N 174 
DG  "C5'" "H5''" sing N N 175 
DG  "C4'" "O4'"  sing N N 176 
DG  "C4'" "C3'"  sing N N 177 
DG  "C4'" "H4'"  sing N N 178 
DG  "O4'" "C1'"  sing N N 179 
DG  "C3'" "O3'"  sing N N 180 
DG  "C3'" "C2'"  sing N N 181 
DG  "C3'" "H3'"  sing N N 182 
DG  "O3'" "HO3'" sing N N 183 
DG  "C2'" "C1'"  sing N N 184 
DG  "C2'" "H2'"  sing N N 185 
DG  "C2'" "H2''" sing N N 186 
DG  "C1'" N9     sing N N 187 
DG  "C1'" "H1'"  sing N N 188 
DG  N9    C8     sing Y N 189 
DG  N9    C4     sing Y N 190 
DG  C8    N7     doub Y N 191 
DG  C8    H8     sing N N 192 
DG  N7    C5     sing Y N 193 
DG  C5    C6     sing N N 194 
DG  C5    C4     doub Y N 195 
DG  C6    O6     doub N N 196 
DG  C6    N1     sing N N 197 
DG  N1    C2     sing N N 198 
DG  N1    H1     sing N N 199 
DG  C2    N2     sing N N 200 
DG  C2    N3     doub N N 201 
DG  N2    H21    sing N N 202 
DG  N2    H22    sing N N 203 
DG  N3    C4     sing N N 204 
DT  OP3   P      sing N N 205 
DT  OP3   HOP3   sing N N 206 
DT  P     OP1    doub N N 207 
DT  P     OP2    sing N N 208 
DT  P     "O5'"  sing N N 209 
DT  OP2   HOP2   sing N N 210 
DT  "O5'" "C5'"  sing N N 211 
DT  "C5'" "C4'"  sing N N 212 
DT  "C5'" "H5'"  sing N N 213 
DT  "C5'" "H5''" sing N N 214 
DT  "C4'" "O4'"  sing N N 215 
DT  "C4'" "C3'"  sing N N 216 
DT  "C4'" "H4'"  sing N N 217 
DT  "O4'" "C1'"  sing N N 218 
DT  "C3'" "O3'"  sing N N 219 
DT  "C3'" "C2'"  sing N N 220 
DT  "C3'" "H3'"  sing N N 221 
DT  "O3'" "HO3'" sing N N 222 
DT  "C2'" "C1'"  sing N N 223 
DT  "C2'" "H2'"  sing N N 224 
DT  "C2'" "H2''" sing N N 225 
DT  "C1'" N1     sing N N 226 
DT  "C1'" "H1'"  sing N N 227 
DT  N1    C2     sing N N 228 
DT  N1    C6     sing N N 229 
DT  C2    O2     doub N N 230 
DT  C2    N3     sing N N 231 
DT  N3    C4     sing N N 232 
DT  N3    H3     sing N N 233 
DT  C4    O4     doub N N 234 
DT  C4    C5     sing N N 235 
DT  C5    C7     sing N N 236 
DT  C5    C6     doub N N 237 
DT  C7    H71    sing N N 238 
DT  C7    H72    sing N N 239 
DT  C7    H73    sing N N 240 
DT  C6    H6     sing N N 241 
HOH O     H1     sing N N 242 
HOH O     H2     sing N N 243 
# 
loop_
_ndb_struct_conf_na.entry_id 
_ndb_struct_conf_na.feature 
4X1A 'double helix'        
4X1A 'b-form double helix' 
# 
loop_
_ndb_struct_na_base_pair.model_number 
_ndb_struct_na_base_pair.i_label_asym_id 
_ndb_struct_na_base_pair.i_label_comp_id 
_ndb_struct_na_base_pair.i_label_seq_id 
_ndb_struct_na_base_pair.i_symmetry 
_ndb_struct_na_base_pair.j_label_asym_id 
_ndb_struct_na_base_pair.j_label_comp_id 
_ndb_struct_na_base_pair.j_label_seq_id 
_ndb_struct_na_base_pair.j_symmetry 
_ndb_struct_na_base_pair.shear 
_ndb_struct_na_base_pair.stretch 
_ndb_struct_na_base_pair.stagger 
_ndb_struct_na_base_pair.buckle 
_ndb_struct_na_base_pair.propeller 
_ndb_struct_na_base_pair.opening 
_ndb_struct_na_base_pair.pair_number 
_ndb_struct_na_base_pair.pair_name 
_ndb_struct_na_base_pair.i_auth_asym_id 
_ndb_struct_na_base_pair.i_auth_seq_id 
_ndb_struct_na_base_pair.i_PDB_ins_code 
_ndb_struct_na_base_pair.j_auth_asym_id 
_ndb_struct_na_base_pair.j_auth_seq_id 
_ndb_struct_na_base_pair.j_PDB_ins_code 
_ndb_struct_na_base_pair.hbond_type_28 
_ndb_struct_na_base_pair.hbond_type_12 
1 A DC 2 1_555 A DG 9 8_554 0.129  -0.091 0.274  -12.288 8.101  1.501  1 A_DC2:DG9_A A 2 ? A 9 ? 19 1 
1 A DG 3 1_555 A DC 8 8_554 -0.229 -0.047 0.137  24.477  -4.763 -0.523 2 A_DG3:DC8_A A 3 ? A 8 ? 19 1 
1 A DG 4 1_555 A DC 7 8_554 -0.204 -0.147 -0.038 -8.758  1.197  -1.599 3 A_DG4:DC7_A A 4 ? A 7 ? 19 1 
1 A DC 5 1_555 A DG 6 8_554 0.241  -0.099 0.285  -4.197  -5.562 -0.472 4 A_DC5:DG6_A A 5 ? A 6 ? 19 1 
1 A DG 6 1_555 A DC 5 8_554 -0.241 -0.099 0.285  4.197   -5.562 -0.472 5 A_DG6:DC5_A A 6 ? A 5 ? 19 1 
1 A DC 7 1_555 A DG 4 8_554 0.204  -0.147 -0.038 8.758   1.197  -1.599 6 A_DC7:DG4_A A 7 ? A 4 ? 19 1 
1 A DC 8 1_555 A DG 3 8_554 0.229  -0.047 0.137  -24.477 -4.763 -0.523 7 A_DC8:DG3_A A 8 ? A 3 ? 19 1 
1 A DG 9 1_555 A DC 2 8_554 -0.129 -0.091 0.274  12.288  8.101  1.501  8 A_DG9:DC2_A A 9 ? A 2 ? 19 1 
# 
loop_
_ndb_struct_na_base_pair_step.model_number 
_ndb_struct_na_base_pair_step.i_label_asym_id_1 
_ndb_struct_na_base_pair_step.i_label_comp_id_1 
_ndb_struct_na_base_pair_step.i_label_seq_id_1 
_ndb_struct_na_base_pair_step.i_symmetry_1 
_ndb_struct_na_base_pair_step.j_label_asym_id_1 
_ndb_struct_na_base_pair_step.j_label_comp_id_1 
_ndb_struct_na_base_pair_step.j_label_seq_id_1 
_ndb_struct_na_base_pair_step.j_symmetry_1 
_ndb_struct_na_base_pair_step.i_label_asym_id_2 
_ndb_struct_na_base_pair_step.i_label_comp_id_2 
_ndb_struct_na_base_pair_step.i_label_seq_id_2 
_ndb_struct_na_base_pair_step.i_symmetry_2 
_ndb_struct_na_base_pair_step.j_label_asym_id_2 
_ndb_struct_na_base_pair_step.j_label_comp_id_2 
_ndb_struct_na_base_pair_step.j_label_seq_id_2 
_ndb_struct_na_base_pair_step.j_symmetry_2 
_ndb_struct_na_base_pair_step.shift 
_ndb_struct_na_base_pair_step.slide 
_ndb_struct_na_base_pair_step.rise 
_ndb_struct_na_base_pair_step.tilt 
_ndb_struct_na_base_pair_step.roll 
_ndb_struct_na_base_pair_step.twist 
_ndb_struct_na_base_pair_step.x_displacement 
_ndb_struct_na_base_pair_step.y_displacement 
_ndb_struct_na_base_pair_step.helical_rise 
_ndb_struct_na_base_pair_step.inclination 
_ndb_struct_na_base_pair_step.tip 
_ndb_struct_na_base_pair_step.helical_twist 
_ndb_struct_na_base_pair_step.step_number 
_ndb_struct_na_base_pair_step.step_name 
_ndb_struct_na_base_pair_step.i_auth_asym_id_1 
_ndb_struct_na_base_pair_step.i_auth_seq_id_1 
_ndb_struct_na_base_pair_step.i_PDB_ins_code_1 
_ndb_struct_na_base_pair_step.j_auth_asym_id_1 
_ndb_struct_na_base_pair_step.j_auth_seq_id_1 
_ndb_struct_na_base_pair_step.j_PDB_ins_code_1 
_ndb_struct_na_base_pair_step.i_auth_asym_id_2 
_ndb_struct_na_base_pair_step.i_auth_seq_id_2 
_ndb_struct_na_base_pair_step.i_PDB_ins_code_2 
_ndb_struct_na_base_pair_step.j_auth_asym_id_2 
_ndb_struct_na_base_pair_step.j_auth_seq_id_2 
_ndb_struct_na_base_pair_step.j_PDB_ins_code_2 
1 A DC 2 1_555 A DG 9 8_554 A DG 3 1_555 A DC 8 8_554 -0.496 1.666 2.590 2.898  3.263  19.216 3.578  2.596  2.728 9.616  -8.538 
19.701 1 AA_DC2DG3:DC8DG9_AA A 2 ? A 9 ? A 3 ? A 8 ? 
1 A DG 3 1_555 A DC 8 8_554 A DG 4 1_555 A DC 7 8_554 -0.124 0.796 5.229 -2.883 50.830 15.210 -5.327 -0.214 2.317 74.344 4.216  
52.989 2 AA_DG3DG4:DC7DC8_AA A 3 ? A 8 ? A 4 ? A 7 ? 
1 A DG 4 1_555 A DC 7 8_554 A DC 5 1_555 A DG 6 8_554 -0.809 0.082 3.243 -3.005 -4.117 39.045 0.610  0.846  3.269 -6.127 4.473  
39.364 3 AA_DG4DC5:DG6DC7_AA A 4 ? A 7 ? A 5 ? A 6 ? 
1 A DC 5 1_555 A DG 6 8_554 A DG 6 1_555 A DC 5 8_554 0.000  0.705 3.365 0.000  24.982 27.706 -2.652 0.000  2.994 42.776 0.000  
37.141 4 AA_DC5DG6:DC5DG6_AA A 5 ? A 6 ? A 6 ? A 5 ? 
1 A DG 6 1_555 A DC 5 8_554 A DC 7 1_555 A DG 4 8_554 0.809  0.082 3.243 3.005  -4.117 39.045 0.610  -0.846 3.269 -6.127 -4.473 
39.364 5 AA_DG6DC7:DG4DC5_AA A 6 ? A 5 ? A 7 ? A 4 ? 
1 A DC 7 1_555 A DG 4 8_554 A DC 8 1_555 A DG 3 8_554 0.124  0.796 5.229 2.883  50.830 15.210 -5.327 0.214  2.317 74.344 -4.216 
52.989 6 AA_DC7DC8:DG3DG4_AA A 7 ? A 4 ? A 8 ? A 3 ? 
1 A DC 8 1_555 A DG 3 8_554 A DG 9 1_555 A DC 2 8_554 0.496  1.666 2.590 -2.898 3.263  19.216 3.578  -2.596 2.728 9.616  8.538  
19.701 7 AA_DC8DG9:DC2DG3_AA A 8 ? A 3 ? A 9 ? A 2 ? 
# 
_pdbx_audit_support.funding_organization   'Biotechnology and Biological Sciences Research Council' 
_pdbx_audit_support.country                'United Kingdom' 
_pdbx_audit_support.grant_number           BB/K019279/1 
_pdbx_audit_support.ordinal                1 
# 
_atom_sites.entry_id                    4X1A 
_atom_sites.fract_transf_matrix[1][1]   -0.01153046 
_atom_sites.fract_transf_matrix[1][2]   0.02020883 
_atom_sites.fract_transf_matrix[1][3]   -0.00434435 
_atom_sites.fract_transf_matrix[2][1]   0.01790803 
_atom_sites.fract_transf_matrix[2][2]   0.00728194 
_atom_sites.fract_transf_matrix[2][3]   -0.01365640 
_atom_sites.fract_transf_matrix[3][1]   -0.01102779 
_atom_sites.fract_transf_matrix[3][2]   -0.01061794 
_atom_sites.fract_transf_matrix[3][3]   -0.02012282 
_atom_sites.fract_transf_vector[1]      -0.226277 
_atom_sites.fract_transf_vector[2]      0.265762 
_atom_sites.fract_transf_vector[3]      -0.236231 
# 
loop_
_atom_type.symbol 
BA 
C  
H  
N  
O  
P  
RU 
# 
loop_
_atom_site.group_PDB 
_atom_site.id 
_atom_site.type_symbol 
_atom_site.label_atom_id 
_atom_site.label_alt_id 
_atom_site.label_comp_id 
_atom_site.label_asym_id 
_atom_site.label_entity_id 
_atom_site.label_seq_id 
_atom_site.pdbx_PDB_ins_code 
_atom_site.Cartn_x 
_atom_site.Cartn_y 
_atom_site.Cartn_z 
_atom_site.occupancy 
_atom_site.B_iso_or_equiv 
_atom_site.pdbx_formal_charge 
_atom_site.auth_seq_id 
_atom_site.auth_comp_id 
_atom_site.auth_asym_id 
_atom_site.auth_atom_id 
_atom_site.pdbx_PDB_model_num 
ATOM   1   O  "O5'"  . DT  A 1 1  ? 1.262   -8.606  -14.424 1.00 18.32 ? 1   DT  A "O5'"  1 
ATOM   2   C  "C5'"  . DT  A 1 1  ? 2.474   -8.101  -14.878 1.00 14.95 ? 1   DT  A "C5'"  1 
ATOM   3   C  "C4'"  . DT  A 1 1  ? 2.514   -6.605  -14.699 1.00 12.16 ? 1   DT  A "C4'"  1 
ATOM   4   O  "O4'"  . DT  A 1 1  ? 1.479   -5.975  -15.458 1.00 12.57 ? 1   DT  A "O4'"  1 
ATOM   5   C  "C3'"  . DT  A 1 1  ? 2.268   -6.138  -13.270 1.00 11.82 ? 1   DT  A "C3'"  1 
ATOM   6   O  "O3'"  . DT  A 1 1  ? 3.516   -6.192  -12.567 1.00 11.82 ? 1   DT  A "O3'"  1 
ATOM   7   C  "C2'"  . DT  A 1 1  ? 1.727   -4.744  -13.448 1.00 12.00 ? 1   DT  A "C2'"  1 
ATOM   8   C  "C1'"  . DT  A 1 1  ? 0.995   -4.830  -14.780 1.00 12.10 ? 1   DT  A "C1'"  1 
ATOM   9   N  N1     . DT  A 1 1  ? -0.465  -4.919  -14.711 1.00 12.38 ? 1   DT  A N1     1 
ATOM   10  C  C2     . DT  A 1 1  ? -1.199  -4.322  -15.719 1.00 10.89 ? 1   DT  A C2     1 
ATOM   11  O  O2     . DT  A 1 1  ? -0.720  -3.582  -16.533 1.00 10.99 ? 1   DT  A O2     1 
ATOM   12  N  N3     . DT  A 1 1  ? -2.552  -4.492  -15.634 1.00 12.22 ? 1   DT  A N3     1 
ATOM   13  C  C4     . DT  A 1 1  ? -3.226  -5.288  -14.744 1.00 14.69 ? 1   DT  A C4     1 
ATOM   14  O  O4     . DT  A 1 1  ? -4.454  -5.337  -14.797 1.00 16.98 ? 1   DT  A O4     1 
ATOM   15  C  C5     . DT  A 1 1  ? -2.418  -5.872  -13.709 1.00 16.09 ? 1   DT  A C5     1 
ATOM   16  C  C7     . DT  A 1 1  ? -3.092  -6.690  -12.655 1.00 23.92 ? 1   DT  A C7     1 
ATOM   17  C  C6     . DT  A 1 1  ? -1.088  -5.699  -13.759 1.00 14.58 ? 1   DT  A C6     1 
ATOM   18  H  "H5'"  . DT  A 1 1  ? 2.609   -8.353  -15.931 1.00 14.82 ? 1   DT  A "H5'"  1 
ATOM   19  H  "H5''" . DT  A 1 1  ? 3.288   -8.556  -14.312 1.00 14.82 ? 1   DT  A "H5''" 1 
ATOM   20  H  "H4'"  . DT  A 1 1  ? 3.495   -6.235  -15.028 1.00 12.77 ? 1   DT  A "H4'"  1 
ATOM   21  H  "H3'"  . DT  A 1 1  ? 1.521   -6.776  -12.780 1.00 14.85 ? 1   DT  A "H3'"  1 
ATOM   22  H  "H2'"  . DT  A 1 1  ? 1.055   -4.473  -12.633 1.00 14.85 ? 1   DT  A "H2'"  1 
ATOM   23  H  "H2''" . DT  A 1 1  ? 2.540   -4.019  -13.502 1.00 14.85 ? 1   DT  A "H2''" 1 
ATOM   24  H  "H1'"  . DT  A 1 1  ? 1.285   -3.937  -15.352 1.00 12.21 ? 1   DT  A "H1'"  1 
ATOM   25  H  H3     . DT  A 1 1  ? -3.121  -4.027  -16.365 1.00 11.93 ? 1   DT  A H3     1 
ATOM   26  H  H71    . DT  A 1 1  ? -3.507  -6.049  -11.922 1.00 14.85 ? 1   DT  A H71    1 
ATOM   27  H  H72    . DT  A 1 1  ? -3.863  -7.269  -13.094 1.00 14.85 ? 1   DT  A H72    1 
ATOM   28  H  H73    . DT  A 1 1  ? -2.386  -7.335  -12.202 1.00 14.85 ? 1   DT  A H73    1 
ATOM   29  H  H6     . DT  A 1 1  ? -0.489  -6.198  -13.014 1.00 14.85 ? 1   DT  A H6     1 
ATOM   30  H  "HO5'" . DT  A 1 1  ? 0.421   -8.186  -14.702 1.00 17.00 ? 1   DT  A "HO5'" 1 
ATOM   31  P  P      . DC  A 1 2  ? 3.638   -5.950  -11.024 1.00 12.04 ? 2   DC  A P      1 
ATOM   32  O  OP1    . DC  A 1 2  ? 4.998   -6.432  -10.691 1.00 13.76 ? 2   DC  A OP1    1 
ATOM   33  O  OP2    . DC  A 1 2  ? 2.468   -6.510  -10.290 1.00 14.10 ? 2   DC  A OP2    1 
ATOM   34  O  "O5'"  . DC  A 1 2  ? 3.601   -4.389  -10.837 1.00 11.61 ? 2   DC  A "O5'"  1 
ATOM   35  C  "C5'"  . DC  A 1 2  ? 4.608   -3.548  -11.411 1.00 11.19 ? 2   DC  A "C5'"  1 
ATOM   36  C  "C4'"  . DC  A 1 2  ? 4.321   -2.128  -11.002 1.00 10.21 ? 2   DC  A "C4'"  1 
ATOM   37  O  "O4'"  . DC  A 1 2  ? 3.025   -1.705  -11.470 1.00 10.45 ? 2   DC  A "O4'"  1 
ATOM   38  C  "C3'"  . DC  A 1 2  ? 4.325   -1.908  -9.511  1.00 10.11 ? 2   DC  A "C3'"  1 
ATOM   39  O  "O3'"  . DC  A 1 2  ? 5.669   -1.599  -9.133  1.00 10.41 ? 2   DC  A "O3'"  1 
ATOM   40  C  "C2'"  . DC  A 1 2  ? 3.319   -0.766  -9.306  1.00 10.26 ? 2   DC  A "C2'"  1 
ATOM   41  C  "C1'"  . DC  A 1 2  ? 2.423   -0.825  -10.534 1.00 9.77  ? 2   DC  A "C1'"  1 
ATOM   42  N  N1     . DC  A 1 2  ? 1.066   -1.310  -10.271 1.00 9.63  ? 2   DC  A N1     1 
ATOM   43  C  C2     . DC  A 1 2  ? -0.030  -0.510  -10.599 1.00 9.42  ? 2   DC  A C2     1 
ATOM   44  O  O2     . DC  A 1 2  ? 0.173   0.604   -11.084 1.00 10.04 ? 2   DC  A O2     1 
ATOM   45  N  N3     . DC  A 1 2  ? -1.280  -1.009  -10.435 1.00 9.95  ? 2   DC  A N3     1 
ATOM   46  C  C4     . DC  A 1 2  ? -1.454  -2.229  -9.926  1.00 10.14 ? 2   DC  A C4     1 
ATOM   47  N  N4     . DC  A 1 2  ? -2.691  -2.681  -9.789  1.00 11.87 ? 2   DC  A N4     1 
ATOM   48  C  C5     . DC  A 1 2  ? -0.352  -3.053  -9.568  1.00 11.15 ? 2   DC  A C5     1 
ATOM   49  C  C6     . DC  A 1 2  ? 0.878   -2.557  -9.756  1.00 10.80 ? 2   DC  A C6     1 
ATOM   50  H  "H5'"  . DC  A 1 2  ? 4.597   -3.635  -12.499 1.00 14.84 ? 2   DC  A "H5'"  1 
ATOM   51  H  "H5''" . DC  A 1 2  ? 5.596   -3.847  -11.051 1.00 14.84 ? 2   DC  A "H5''" 1 
ATOM   52  H  "H4'"  . DC  A 1 2  ? 5.104   -1.495  -11.435 1.00 10.26 ? 2   DC  A "H4'"  1 
ATOM   53  H  "H3'"  . DC  A 1 2  ? 3.973   -2.809  -8.989  1.00 11.02 ? 2   DC  A "H3'"  1 
ATOM   54  H  "H2'"  . DC  A 1 2  ? 2.740   -0.931  -8.397  1.00 9.95  ? 2   DC  A "H2'"  1 
ATOM   55  H  "H2''" . DC  A 1 2  ? 3.829   0.195   -9.245  1.00 9.95  ? 2   DC  A "H2''" 1 
ATOM   56  H  "H1'"  . DC  A 1 2  ? 2.385   0.183   -10.962 1.00 9.92  ? 2   DC  A "H1'"  1 
ATOM   57  H  H41    . DC  A 1 2  ? -3.476  -2.090  -10.019 1.00 11.02 ? 2   DC  A H41    1 
ATOM   58  H  H42    . DC  A 1 2  ? -2.853  -3.596  -9.391  1.00 11.02 ? 2   DC  A H42    1 
ATOM   59  H  H5     . DC  A 1 2  ? -0.497  -4.050  -9.174  1.00 11.02 ? 2   DC  A H5     1 
ATOM   60  H  H6     . DC  A 1 2  ? 1.737   -3.170  -9.515  1.00 11.02 ? 2   DC  A H6     1 
ATOM   61  P  P      . DG  A 1 3  ? 6.139   -1.455  -7.623  1.00 10.06 ? 3   DG  A P      1 
ATOM   62  O  OP1    . DG  A 1 3  ? 7.591   -1.667  -7.677  1.00 11.67 ? 3   DG  A OP1    1 
ATOM   63  O  OP2    . DG  A 1 3  ? 5.284   -2.311  -6.744  1.00 10.29 ? 3   DG  A OP2    1 
ATOM   64  O  "O5'"  . DG  A 1 3  ? 5.799   0.050   -7.220  1.00 9.58  ? 3   DG  A "O5'"  1 
ATOM   65  C  "C5'"  . DG  A 1 3  ? 6.540   1.119   -7.824  1.00 9.66  ? 3   DG  A "C5'"  1 
ATOM   66  C  "C4'"  . DG  A 1 3  ? 5.817   2.419   -7.564  1.00 9.19  ? 3   DG  A "C4'"  1 
ATOM   67  O  "O4'"  . DG  A 1 3  ? 4.552   2.364   -8.213  1.00 9.12  ? 3   DG  A "O4'"  1 
ATOM   68  C  "C3'"  . DG  A 1 3  ? 5.553   2.743   -6.098  1.00 9.33  ? 3   DG  A "C3'"  1 
ATOM   69  O  "O3'"  . DG  A 1 3  ? 6.639   3.539   -5.614  1.00 10.76 ? 3   DG  A "O3'"  1 
ATOM   70  C  "C2'"  . DG  A 1 3  ? 4.243   3.506   -6.144  1.00 9.37  ? 3   DG  A "C2'"  1 
ATOM   71  C  "C1'"  . DG  A 1 3  ? 3.549   3.000   -7.414  1.00 8.94  ? 3   DG  A "C1'"  1 
ATOM   72  N  N9     . DG  A 1 3  ? 2.488   2.018   -7.178  1.00 8.17  ? 3   DG  A N9     1 
ATOM   73  C  C8     . DG  A 1 3  ? 2.551   0.895   -6.385  1.00 8.79  ? 3   DG  A C8     1 
ATOM   74  N  N7     . DG  A 1 3  ? 1.466   0.180   -6.416  1.00 8.54  ? 3   DG  A N7     1 
ATOM   75  C  C5     . DG  A 1 3  ? 0.633   0.859   -7.285  1.00 8.25  ? 3   DG  A C5     1 
ATOM   76  C  C6     . DG  A 1 3  ? -0.720  0.619   -7.631  1.00 8.55  ? 3   DG  A C6     1 
ATOM   77  O  O6     . DG  A 1 3  ? -1.438  -0.326  -7.300  1.00 9.12  ? 3   DG  A O6     1 
ATOM   78  N  N1     . DG  A 1 3  ? -1.234  1.624   -8.453  1.00 8.46  ? 3   DG  A N1     1 
ATOM   79  C  C2     . DG  A 1 3  ? -0.549  2.748   -8.829  1.00 8.22  ? 3   DG  A C2     1 
ATOM   80  N  N2     . DG  A 1 3  ? -1.229  3.635   -9.583  1.00 9.19  ? 3   DG  A N2     1 
ATOM   81  N  N3     . DG  A 1 3  ? 0.712   2.976   -8.529  1.00 8.35  ? 3   DG  A N3     1 
ATOM   82  C  C4     . DG  A 1 3  ? 1.234   2.007   -7.743  1.00 8.07  ? 3   DG  A C4     1 
ATOM   83  H  "H5'"  . DG  A 1 3  ? 6.629   0.951   -8.899  1.00 9.51  ? 3   DG  A "H5'"  1 
ATOM   84  H  "H5''" . DG  A 1 3  ? 7.545   1.161   -7.397  1.00 9.51  ? 3   DG  A "H5''" 1 
ATOM   85  H  "H4'"  . DG  A 1 3  ? 6.411   3.235   -7.998  1.00 9.19  ? 3   DG  A "H4'"  1 
ATOM   86  H  "H3'"  . DG  A 1 3  ? 5.430   1.822   -5.513  1.00 9.00  ? 3   DG  A "H3'"  1 
ATOM   87  H  "H2'"  . DG  A 1 3  ? 3.638   3.294   -5.260  1.00 9.73  ? 3   DG  A "H2'"  1 
ATOM   88  H  "H2''" . DG  A 1 3  ? 4.426   4.580   -6.204  1.00 9.73  ? 3   DG  A "H2''" 1 
ATOM   89  H  "H1'"  . DG  A 1 3  ? 3.146   3.868   -7.955  1.00 8.84  ? 3   DG  A "H1'"  1 
ATOM   90  H  H8     . DG  A 1 3  ? 3.470   0.571   -5.918  1.00 9.00  ? 3   DG  A H8     1 
ATOM   91  H  H1     . DG  A 1 3  ? -2.224  1.528   -8.754  1.00 8.68  ? 3   DG  A H1     1 
ATOM   92  H  H21    . DG  A 1 3  ? -2.170  3.434   -9.886  1.00 8.68  ? 3   DG  A H21    1 
ATOM   93  H  H22    . DG  A 1 3  ? -0.752  4.448   -9.947  1.00 8.68  ? 3   DG  A H22    1 
ATOM   94  P  P      . DG  A 1 4  ? 7.162   3.449   -4.143  1.00 12.50 ? 4   DG  A P      1 
ATOM   95  O  OP1    . DG  A 1 4  ? 8.333   4.378   -4.100  1.00 15.25 ? 4   DG  A OP1    1 
ATOM   96  O  OP2    . DG  A 1 4  ? 7.308   2.106   -3.796  1.00 15.81 ? 4   DG  A OP2    1 
ATOM   97  O  "O5'"  . DG  A 1 4  ? 5.990   3.999   -3.238  1.00 10.93 ? 4   DG  A "O5'"  1 
ATOM   98  C  "C5'"  . DG  A 1 4  ? 5.664   5.416   -3.298  1.00 10.70 ? 4   DG  A "C5'"  1 
ATOM   99  C  "C4'"  . DG  A 1 4  ? 4.594   5.693   -2.279  1.00 9.74  ? 4   DG  A "C4'"  1 
ATOM   100 O  "O4'"  . DG  A 1 4  ? 3.401   4.991   -2.679  1.00 9.88  ? 4   DG  A "O4'"  1 
ATOM   101 C  "C3'"  . DG  A 1 4  ? 4.883   5.242   -0.864  1.00 10.22 ? 4   DG  A "C3'"  1 
ATOM   102 O  "O3'"  . DG  A 1 4  ? 4.273   6.175   0.020   1.00 11.63 ? 4   DG  A "O3'"  1 
ATOM   103 C  "C2'"  . DG  A 1 4  ? 4.183   3.904   -0.781  1.00 10.47 ? 4   DG  A "C2'"  1 
ATOM   104 C  "C1'"  . DG  A 1 4  ? 2.953   4.169   -1.614  1.00 9.60  ? 4   DG  A "C1'"  1 
ATOM   105 N  N9     . DG  A 1 4  ? 2.337   2.974   -2.187  1.00 9.06  ? 4   DG  A N9     1 
ATOM   106 C  C8     . DG  A 1 4  ? 2.945   1.850   -2.686  1.00 9.56  ? 4   DG  A C8     1 
ATOM   107 N  N7     . DG  A 1 4  ? 2.084   0.949   -3.118  1.00 9.38  ? 4   DG  A N7     1 
ATOM   108 C  C5     . DG  A 1 4  ? 0.855   1.529   -2.885  1.00 8.91  ? 4   DG  A C5     1 
ATOM   109 C  C6     . DG  A 1 4  ? -0.444  1.047   -3.169  1.00 8.73  ? 4   DG  A C6     1 
ATOM   110 O  O6     . DG  A 1 4  ? -0.740  -0.033  -3.705  1.00 9.08  ? 4   DG  A O6     1 
ATOM   111 N  N1     . DG  A 1 4  ? -1.440  1.920   -2.744  1.00 8.51  ? 4   DG  A N1     1 
ATOM   112 C  C2     . DG  A 1 4  ? -1.195  3.160   -2.229  1.00 8.80  ? 4   DG  A C2     1 
ATOM   113 N  N2     . DG  A 1 4  ? -2.284  3.907   -1.969  1.00 9.75  ? 4   DG  A N2     1 
ATOM   114 N  N3     . DG  A 1 4  ? 0.012   3.638   -1.983  1.00 8.73  ? 4   DG  A N3     1 
ATOM   115 C  C4     . DG  A 1 4  ? 0.992   2.780   -2.335  1.00 8.62  ? 4   DG  A C4     1 
ATOM   116 H  "H5'"  . DG  A 1 4  ? 5.308   5.677   -4.296  1.00 9.73  ? 4   DG  A "H5'"  1 
ATOM   117 H  "H5''" . DG  A 1 4  ? 6.550   6.014   -3.079  1.00 9.73  ? 4   DG  A "H5''" 1 
ATOM   118 H  "H4'"  . DG  A 1 4  ? 4.398   6.775   -2.271  1.00 9.93  ? 4   DG  A "H4'"  1 
ATOM   119 H  "H3'"  . DG  A 1 4  ? 5.964   5.139   -0.692  1.00 10.26 ? 4   DG  A "H3'"  1 
ATOM   120 H  "H2'"  . DG  A 1 4  ? 4.806   3.109   -1.191  1.00 9.71  ? 4   DG  A "H2'"  1 
ATOM   121 H  "H2''" . DG  A 1 4  ? 3.910   3.658   0.246   1.00 9.71  ? 4   DG  A "H2''" 1 
ATOM   122 H  "H1'"  . DG  A 1 4  ? 2.225   4.716   -0.999  1.00 9.76  ? 4   DG  A "H1'"  1 
ATOM   123 H  H8     . DG  A 1 4  ? 4.015   1.706   -2.700  1.00 9.71  ? 4   DG  A H8     1 
ATOM   124 H  H1     . DG  A 1 4  ? -2.421  1.663   -2.965  1.00 9.39  ? 4   DG  A H1     1 
ATOM   125 H  H21    . DG  A 1 4  ? -3.210  3.553   -2.144  1.00 9.39  ? 4   DG  A H21    1 
ATOM   126 H  H22    . DG  A 1 4  ? -2.166  4.808   -1.534  1.00 9.39  ? 4   DG  A H22    1 
ATOM   127 P  P      . DC  A 1 5  ? 4.583   6.270   1.546   1.00 11.85 ? 5   DC  A P      1 
ATOM   128 O  OP1    . DC  A 1 5  ? 5.445   7.406   1.828   1.00 14.68 ? 5   DC  A OP1    1 
ATOM   129 O  OP2    . DC  A 1 5  ? 5.060   4.968   2.098   1.00 13.94 ? 5   DC  A OP2    1 
ATOM   130 O  "O5'"  . DC  A 1 5  ? 3.108   6.525   2.135   1.00 11.00 ? 5   DC  A "O5'"  1 
ATOM   131 C  "C5'"  . DC  A 1 5  ? 2.434   7.756   1.826   1.00 10.97 ? 5   DC  A "C5'"  1 
ATOM   132 C  "C4'"  . DC  A 1 5  ? 0.945   7.617   2.064   1.00 10.63 ? 5   DC  A "C4'"  1 
ATOM   133 O  "O4'"  . DC  A 1 5  ? 0.421   6.643   1.136   1.00 10.82 ? 5   DC  A "O4'"  1 
ATOM   134 C  "C3'"  . DC  A 1 5  ? 0.453   7.089   3.393   1.00 10.73 ? 5   DC  A "C3'"  1 
ATOM   135 O  "O3'"  . DC  A 1 5  ? 0.350   8.237   4.285   1.00 10.51 ? 5   DC  A "O3'"  1 
ATOM   136 C  "C2'"  . DC  A 1 5  ? -0.898  6.465   3.026   1.00 10.94 ? 5   DC  A "C2'"  1 
ATOM   137 C  "C1'"  . DC  A 1 5  ? -0.695  5.926   1.636   1.00 10.50 ? 5   DC  A "C1'"  1 
ATOM   138 N  N1     . DC  A 1 5  ? -0.381  4.492   1.534   1.00 10.10 ? 5   DC  A N1     1 
ATOM   139 C  C2     . DC  A 1 5  ? -1.427  3.653   1.257   1.00 10.27 ? 5   DC  A C2     1 
ATOM   140 O  O2     . DC  A 1 5  ? -2.588  4.098   1.334   1.00 12.06 ? 5   DC  A O2     1 
ATOM   141 N  N3     . DC  A 1 5  ? -1.172  2.369   0.923   1.00 9.79  ? 5   DC  A N3     1 
ATOM   142 C  C4     . DC  A 1 5  ? 0.080   1.926   0.857   1.00 9.10  ? 5   DC  A C4     1 
ATOM   143 N  N4     . DC  A 1 5  ? 0.269   0.701   0.368   1.00 9.35  ? 5   DC  A N4     1 
ATOM   144 C  C5     . DC  A 1 5  ? 1.174   2.715   1.277   1.00 9.74  ? 5   DC  A C5     1 
ATOM   145 C  C6     . DC  A 1 5  ? 0.902   4.001   1.603   1.00 10.46 ? 5   DC  A C6     1 
ATOM   146 H  "H5'"  . DC  A 1 5  ? 2.610   8.027   0.783   1.00 10.77 ? 5   DC  A "H5'"  1 
ATOM   147 H  "H5''" . DC  A 1 5  ? 2.831   8.556   2.454   1.00 10.77 ? 5   DC  A "H5''" 1 
ATOM   148 H  "H4'"  . DC  A 1 5  ? 0.475   8.592   1.882   1.00 10.64 ? 5   DC  A "H4'"  1 
ATOM   149 H  "H3'"  . DC  A 1 5  ? 1.135   6.321   3.782   1.00 10.72 ? 5   DC  A "H3'"  1 
ATOM   150 H  "H2'"  . DC  A 1 5  ? -1.163  5.666   3.720   1.00 10.97 ? 5   DC  A "H2'"  1 
ATOM   151 H  "H2''" . DC  A 1 5  ? -1.684  7.221   3.023   1.00 10.97 ? 5   DC  A "H2''" 1 
ATOM   152 H  "H1'"  . DC  A 1 5  ? -1.578  6.168   1.036   1.00 10.49 ? 5   DC  A "H1'"  1 
ATOM   153 H  H41    . DC  A 1 5  ? -0.529  0.095   0.248   1.00 9.71  ? 5   DC  A H41    1 
ATOM   154 H  H42    . DC  A 1 5  ? 1.188   0.288   0.437   1.00 9.71  ? 5   DC  A H42    1 
ATOM   155 H  H5     . DC  A 1 5  ? 2.192   2.380   1.133   1.00 9.71  ? 5   DC  A H5     1 
ATOM   156 H  H6     . DC  A 1 5  ? 1.730   4.680   1.740   1.00 9.71  ? 5   DC  A H6     1 
ATOM   157 P  P      . DG  A 1 6  ? 0.330   8.062   5.849   1.00 12.33 ? 6   DG  A P      1 
ATOM   158 O  OP1    . DG  A 1 6  ? 0.213   9.417   6.397   1.00 16.28 ? 6   DG  A OP1    1 
ATOM   159 O  OP2    . DG  A 1 6  ? 1.445   7.195   6.195   1.00 16.70 ? 6   DG  A OP2    1 
ATOM   160 O  "O5'"  . DG  A 1 6  ? -0.945  7.210   6.180   1.00 11.34 ? 6   DG  A "O5'"  1 
ATOM   161 C  "C5'"  . DG  A 1 6  ? -2.224  7.784   5.995   1.00 11.23 ? 6   DG  A "C5'"  1 
ATOM   162 C  "C4'"  . DG  A 1 6  ? -3.215  6.883   6.624   1.00 11.75 ? 6   DG  A "C4'"  1 
ATOM   163 O  "O4'"  . DG  A 1 6  ? -3.244  5.619   5.933   1.00 13.47 ? 6   DG  A "O4'"  1 
ATOM   164 C  "C3'"  . DG  A 1 6  ? -2.872  6.570   8.086   1.00 13.05 ? 6   DG  A "C3'"  1 
ATOM   165 O  "O3'"  . DG  A 1 6  ? -4.101  6.566   8.766   1.00 13.86 ? 6   DG  A "O3'"  1 
ATOM   166 C  "C2'"  . DG  A 1 6  ? -2.220  5.200   8.033   1.00 11.88 ? 6   DG  A "C2'"  1 
ATOM   167 C  "C1'"  . DG  A 1 6  ? -2.854  4.543   6.814   1.00 11.54 ? 6   DG  A "C1'"  1 
ATOM   168 N  N9     . DG  A 1 6  ? -1.919  3.699   6.071   1.00 10.77 ? 6   DG  A N9     1 
ATOM   169 C  C8     . DG  A 1 6  ? -0.592  3.886   5.834   1.00 10.88 ? 6   DG  A C8     1 
ATOM   170 N  N7     . DG  A 1 6  ? -0.083  2.964   5.069   1.00 10.26 ? 6   DG  A N7     1 
ATOM   171 C  C5     . DG  A 1 6  ? -1.114  2.099   4.801   1.00 9.50  ? 6   DG  A C5     1 
ATOM   172 C  C6     . DG  A 1 6  ? -1.134  0.859   4.082   1.00 9.07  ? 6   DG  A C6     1 
ATOM   173 O  O6     . DG  A 1 6  ? -0.208  0.259   3.551   1.00 8.97  ? 6   DG  A O6     1 
ATOM   174 N  N1     . DG  A 1 6  ? -2.411  0.315   4.041   1.00 10.13 ? 6   DG  A N1     1 
ATOM   175 C  C2     . DG  A 1 6  ? -3.489  0.839   4.717   1.00 11.54 ? 6   DG  A C2     1 
ATOM   176 N  N2     . DG  A 1 6  ? -4.645  0.152   4.580   1.00 12.48 ? 6   DG  A N2     1 
ATOM   177 N  N3     . DG  A 1 6  ? -3.474  1.960   5.421   1.00 11.65 ? 6   DG  A N3     1 
ATOM   178 C  C4     . DG  A 1 6  ? -2.263  2.543   5.410   1.00 10.33 ? 6   DG  A C4     1 
ATOM   179 H  "H5'"  . DG  A 1 6  ? -2.446  7.904   4.935   1.00 10.97 ? 6   DG  A "H5'"  1 
ATOM   180 H  "H5''" . DG  A 1 6  ? -2.273  8.766   6.469   1.00 10.97 ? 6   DG  A "H5''" 1 
ATOM   181 H  "H4'"  . DG  A 1 6  ? -4.206  7.358   6.578   1.00 11.89 ? 6   DG  A "H4'"  1 
ATOM   182 H  "H3'"  . DG  A 1 6  ? -2.180  7.318   8.497   1.00 12.39 ? 6   DG  A "H3'"  1 
ATOM   183 H  "H2'"  . DG  A 1 6  ? -1.142  5.300   7.935   1.00 10.90 ? 6   DG  A "H2'"  1 
ATOM   184 H  "H2''" . DG  A 1 6  ? -2.434  4.624   8.932   1.00 10.90 ? 6   DG  A "H2''" 1 
ATOM   185 H  "H1'"  . DG  A 1 6  ? -3.736  3.970   7.131   1.00 11.49 ? 6   DG  A "H1'"  1 
ATOM   186 H  H8     . DG  A 1 6  ? -0.027  4.737   6.184   1.00 10.90 ? 6   DG  A H8     1 
ATOM   187 H  H1     . DG  A 1 6  ? -2.524  -0.598  3.561   1.00 11.87 ? 6   DG  A H1     1 
ATOM   188 H  H21    . DG  A 1 6  ? -4.674  -0.710  4.059   1.00 11.87 ? 6   DG  A H21    1 
ATOM   189 H  H22    . DG  A 1 6  ? -5.488  0.499   5.017   1.00 11.87 ? 6   DG  A H22    1 
ATOM   190 P  P      . DC  A 1 7  ? -4.206  6.358   10.374  1.00 17.55 ? 7   DC  A P      1 
ATOM   191 O  OP1    . DC  A 1 7  ? -5.385  7.055   10.805  1.00 29.12 ? 7   DC  A OP1    1 
ATOM   192 O  OP2    . DC  A 1 7  ? -2.907  6.574   10.987  1.00 18.82 ? 7   DC  A OP2    1 
ATOM   193 O  "O5'"  . DC  A 1 7  ? -4.406  4.794   10.527  1.00 14.80 ? 7   DC  A "O5'"  1 
ATOM   194 C  "C5'"  . DC  A 1 7  ? -5.605  4.207   10.112  1.00 12.86 ? 7   DC  A "C5'"  1 
ATOM   195 C  "C4'"  . DC  A 1 7  ? -5.505  2.699   10.076  1.00 10.92 ? 7   DC  A "C4'"  1 
ATOM   196 O  "O4'"  . DC  A 1 7  ? -4.619  2.333   9.033   1.00 11.22 ? 7   DC  A "O4'"  1 
ATOM   197 C  "C3'"  . DC  A 1 7  ? -4.885  2.056   11.296  1.00 10.59 ? 7   DC  A "C3'"  1 
ATOM   198 O  "O3'"  . DC  A 1 7  ? -5.889  1.926   12.306  1.00 11.51 ? 7   DC  A "O3'"  1 
ATOM   199 C  "C2'"  . DC  A 1 7  ? -4.446  0.712   10.760  1.00 11.03 ? 7   DC  A "C2'"  1 
ATOM   200 C  "C1'"  . DC  A 1 7  ? -4.246  0.986   9.271   1.00 10.57 ? 7   DC  A "C1'"  1 
ATOM   201 N  N1     . DC  A 1 7  ? -2.865  0.828   8.786   1.00 10.07 ? 7   DC  A N1     1 
ATOM   202 C  C2     . DC  A 1 7  ? -2.544  -0.178  7.897   1.00 9.73  ? 7   DC  A C2     1 
ATOM   203 O  O2     . DC  A 1 7  ? -3.420  -1.005  7.578   1.00 10.69 ? 7   DC  A O2     1 
ATOM   204 N  N3     . DC  A 1 7  ? -1.294  -0.258  7.398   1.00 9.70  ? 7   DC  A N3     1 
ATOM   205 C  C4     . DC  A 1 7  ? -0.368  0.627   7.774   1.00 9.91  ? 7   DC  A C4     1 
ATOM   206 N  N4     . DC  A 1 7  ? 0.855   0.499   7.278   1.00 10.23 ? 7   DC  A N4     1 
ATOM   207 C  C5     . DC  A 1 7  ? -0.656  1.668   8.704   1.00 10.30 ? 7   DC  A C5     1 
ATOM   208 C  C6     . DC  A 1 7  ? -1.913  1.720   9.183   1.00 10.20 ? 7   DC  A C6     1 
ATOM   209 H  "H5'"  . DC  A 1 7  ? -5.866  4.573   9.118   1.00 12.48 ? 7   DC  A "H5'"  1 
ATOM   210 H  "H5''" . DC  A 1 7  ? -6.405  4.499   10.796  1.00 12.48 ? 7   DC  A "H5''" 1 
ATOM   211 H  "H4'"  . DC  A 1 7  ? -6.501  2.269   9.903   1.00 11.04 ? 7   DC  A "H4'"  1 
ATOM   212 H  "H3'"  . DC  A 1 7  ? -4.011  2.625   11.642  1.00 10.74 ? 7   DC  A "H3'"  1 
ATOM   213 H  "H2'"  . DC  A 1 7  ? -3.516  0.387   11.228  1.00 10.54 ? 7   DC  A "H2'"  1 
ATOM   214 H  "H2''" . DC  A 1 7  ? -5.219  -0.044  10.918  1.00 10.54 ? 7   DC  A "H2''" 1 
ATOM   215 H  "H1'"  . DC  A 1 7  ? -4.930  0.337   8.711   1.00 10.42 ? 7   DC  A "H1'"  1 
ATOM   216 H  H41    . DC  A 1 7  ? 1.070   -0.254  6.643   1.00 10.90 ? 7   DC  A H41    1 
ATOM   217 H  H42    . DC  A 1 7  ? 1.579   1.147   7.552   1.00 10.90 ? 7   DC  A H42    1 
ATOM   218 H  H5     . DC  A 1 7  ? 0.094   2.392   8.997   1.00 10.90 ? 7   DC  A H5     1 
ATOM   219 H  H6     . DC  A 1 7  ? -2.191  2.525   9.850   1.00 10.90 ? 7   DC  A H6     1 
ATOM   220 P  P      . DC  A 1 8  ? -5.555  2.166   13.837  1.00 13.73 ? 8   DC  A P      1 
ATOM   221 O  OP1    . DC  A 1 8  ? -6.810  2.158   14.589  1.00 17.21 ? 8   DC  A OP1    1 
ATOM   222 O  OP2    . DC  A 1 8  ? -4.621  3.331   14.033  1.00 18.04 ? 8   DC  A OP2    1 
ATOM   223 O  "O5'"  . DC  A 1 8  ? -4.679  0.920   14.258  1.00 11.94 ? 8   DC  A "O5'"  1 
ATOM   224 C  "C5'"  . DC  A 1 8  ? -5.230  -0.385  14.266  1.00 10.71 ? 8   DC  A "C5'"  1 
ATOM   225 C  "C4'"  . DC  A 1 8  ? -4.168  -1.359  14.660  1.00 10.80 ? 8   DC  A "C4'"  1 
ATOM   226 O  "O4'"  . DC  A 1 8  ? -3.173  -1.327  13.641  1.00 11.34 ? 8   DC  A "O4'"  1 
ATOM   227 C  "C3'"  . DC  A 1 8  ? -3.436  -1.067  15.953  1.00 11.31 ? 8   DC  A "C3'"  1 
ATOM   228 O  "O3'"  . DC  A 1 8  ? -3.935  -2.048  16.931  1.00 12.44 ? 8   DC  A "O3'"  1 
ATOM   229 C  "C2'"  . DC  A 1 8  ? -1.947  -1.223  15.640  1.00 10.61 ? 8   DC  A "C2'"  1 
ATOM   230 C  "C1'"  . DC  A 1 8  ? -1.939  -1.769  14.221  1.00 10.77 ? 8   DC  A "C1'"  1 
ATOM   231 N  N1     . DC  A 1 8  ? -0.885  -1.258  13.342  1.00 9.82  ? 8   DC  A N1     1 
ATOM   232 C  C2     . DC  A 1 8  ? -0.016  -2.126  12.696  1.00 9.13  ? 8   DC  A C2     1 
ATOM   233 O  O2     . DC  A 1 8  ? -0.054  -3.332  12.968  1.00 9.67  ? 8   DC  A O2     1 
ATOM   234 N  N3     . DC  A 1 8  ? 0.871   -1.618  11.799  1.00 9.30  ? 8   DC  A N3     1 
ATOM   235 C  C4     . DC  A 1 8  ? 0.902   -0.306  11.553  1.00 10.22 ? 8   DC  A C4     1 
ATOM   236 N  N4     . DC  A 1 8  ? 1.747   0.144   10.630  1.00 10.90 ? 8   DC  A N4     1 
ATOM   237 C  C5     . DC  A 1 8  ? 0.042   0.608   12.238  1.00 11.40 ? 8   DC  A C5     1 
ATOM   238 C  C6     . DC  A 1 8  ? -0.830  0.090   13.114  1.00 10.76 ? 8   DC  A C6     1 
ATOM   239 H  "H5'"  . DC  A 1 8  ? -5.611  -0.632  13.273  1.00 11.05 ? 8   DC  A "H5'"  1 
ATOM   240 H  "H5''" . DC  A 1 8  ? -6.059  -0.433  14.974  1.00 11.05 ? 8   DC  A "H5''" 1 
ATOM   241 H  "H4'"  . DC  A 1 8  ? -4.610  -2.364  14.719  1.00 10.85 ? 8   DC  A "H4'"  1 
ATOM   242 H  "H3'"  . DC  A 1 8  ? -3.642  -0.039  16.281  1.00 11.08 ? 8   DC  A "H3'"  1 
ATOM   243 H  "H2'"  . DC  A 1 8  ? -1.432  -0.263  15.710  1.00 10.62 ? 8   DC  A "H2'"  1 
ATOM   244 H  "H2''" . DC  A 1 8  ? -1.482  -1.931  16.325  1.00 10.62 ? 8   DC  A "H2''" 1 
ATOM   245 H  "H1'"  . DC  A 1 8  ? -1.927  -2.866  14.268  1.00 10.54 ? 8   DC  A "H1'"  1 
ATOM   246 H  H41    . DC  A 1 8  ? 2.404   -0.487  10.196  1.00 10.62 ? 8   DC  A H41    1 
ATOM   247 H  H42    . DC  A 1 8  ? 1.818   1.137   10.457  1.00 10.62 ? 8   DC  A H42    1 
ATOM   248 H  H5     . DC  A 1 8  ? 0.039   1.664   11.998  1.00 10.62 ? 8   DC  A H5     1 
ATOM   249 H  H6     . DC  A 1 8  ? -1.551  0.737   13.592  1.00 10.62 ? 8   DC  A H6     1 
ATOM   250 P  P      . DG  A 1 9  ? -3.780  -1.871  18.475  1.00 14.50 ? 9   DG  A P      1 
ATOM   251 O  OP1    . DG  A 1 9  ? -4.810  -2.727  19.104  1.00 17.74 ? 9   DG  A OP1    1 
ATOM   252 O  OP2    . DG  A 1 9  ? -3.656  -0.451  18.778  1.00 18.29 ? 9   DG  A OP2    1 
ATOM   253 O  "O5'"  . DG  A 1 9  ? -2.292  -2.376  18.809  1.00 13.81 ? 9   DG  A "O5'"  1 
ATOM   254 C  "C5'"  . DG  A 1 9  ? -2.043  -3.776  18.641  1.00 13.68 ? 9   DG  A "C5'"  1 
ATOM   255 C  "C4'"  . DG  A 1 9  ? -0.572  -4.051  18.725  1.00 14.61 ? 9   DG  A "C4'"  1 
ATOM   256 O  "O4'"  . DG  A 1 9  ? 0.078   -3.417  17.620  1.00 13.14 ? 9   DG  A "O4'"  1 
ATOM   257 C  "C3'"  . DG  A 1 9  ? 0.041   -3.454  19.966  1.00 17.02 ? 9   DG  A "C3'"  1 
ATOM   258 O  "O3'"  . DG  A 1 9  ? 0.985   -4.381  20.516  1.00 21.85 ? 9   DG  A "O3'"  1 
ATOM   259 C  "C2'"  . DG  A 1 9  ? 0.773   -2.235  19.477  1.00 15.64 ? 9   DG  A "C2'"  1 
ATOM   260 C  "C1'"  . DG  A 1 9  ? 1.176   -2.693  18.101  1.00 14.59 ? 9   DG  A "C1'"  1 
ATOM   261 N  N9     . DG  A 1 9  ? 1.502   -1.658  17.144  1.00 12.85 ? 9   DG  A N9     1 
ATOM   262 C  C8     . DG  A 1 9  ? 1.250   -0.313  17.140  1.00 13.32 ? 9   DG  A C8     1 
ATOM   263 N  N7     . DG  A 1 9  ? 1.728   0.305   16.088  1.00 13.50 ? 9   DG  A N7     1 
ATOM   264 C  C5     . DG  A 1 9  ? 2.311   -0.701  15.345  1.00 11.90 ? 9   DG  A C5     1 
ATOM   265 C  C6     . DG  A 1 9  ? 3.064   -0.653  14.149  1.00 11.12 ? 9   DG  A C6     1 
ATOM   266 O  O6     . DG  A 1 9  ? 3.358   0.310   13.450  1.00 11.90 ? 9   DG  A O6     1 
ATOM   267 N  N1     . DG  A 1 9  ? 3.493   -1.915  13.772  1.00 10.70 ? 9   DG  A N1     1 
ATOM   268 C  C2     . DG  A 1 9  ? 3.263   -3.071  14.464  1.00 10.40 ? 9   DG  A C2     1 
ATOM   269 N  N2     . DG  A 1 9  ? 3.748   -4.196  13.921  1.00 10.98 ? 9   DG  A N2     1 
ATOM   270 N  N3     . DG  A 1 9  ? 2.616   -3.122  15.604  1.00 11.32 ? 9   DG  A N3     1 
ATOM   271 C  C4     . DG  A 1 9  ? 2.183   -1.917  15.987  1.00 11.56 ? 9   DG  A C4     1 
ATOM   272 H  "H5'"  . DG  A 1 9  ? -2.414  -4.097  17.668  1.00 14.08 ? 9   DG  A "H5'"  1 
ATOM   273 H  "H5''" . DG  A 1 9  ? -2.571  -4.338  19.413  1.00 14.08 ? 9   DG  A "H5''" 1 
ATOM   274 H  "H4'"  . DG  A 1 9  ? -0.398  -5.136  18.707  1.00 14.51 ? 9   DG  A "H4'"  1 
ATOM   275 H  "H3'"  . DG  A 1 9  ? -0.740  -3.172  20.684  1.00 16.36 ? 9   DG  A "H3'"  1 
ATOM   276 H  "H2'"  . DG  A 1 9  ? 0.110   -1.371  19.445  1.00 15.24 ? 9   DG  A "H2'"  1 
ATOM   277 H  "H2''" . DG  A 1 9  ? 1.647   -2.018  20.094  1.00 15.24 ? 9   DG  A "H2''" 1 
ATOM   278 H  "H1'"  . DG  A 1 9  ? 2.036   -3.370  18.213  1.00 14.01 ? 9   DG  A "H1'"  1 
ATOM   279 H  H8     . DG  A 1 9  ? 0.730   0.199   17.933  1.00 15.24 ? 9   DG  A H8     1 
ATOM   280 H  H1     . DG  A 1 9  ? 4.005   -1.985  12.872  1.00 10.84 ? 9   DG  A H1     1 
ATOM   281 H  H21    . DG  A 1 9  ? 4.261   -4.179  13.054  1.00 10.84 ? 9   DG  A H21    1 
ATOM   282 H  H22    . DG  A 1 9  ? 3.623   -5.063  14.413  1.00 10.84 ? 9   DG  A H22    1 
ATOM   283 P  P      . DA  A 1 10 ? 0.824   -4.792  22.049  1.00 32.74 ? 10  DA  A P      1 
ATOM   284 O  OP1    . DA  A 1 10 ? 0.378   -3.599  22.784  1.00 26.45 ? 10  DA  A OP1    1 
ATOM   285 O  OP2    . DA  A 1 10 ? 1.966   -5.618  22.421  1.00 34.69 ? 10  DA  A OP2    1 
ATOM   286 O  "O5'"  . DA  A 1 10 ? -0.536  -5.582  22.105  1.00 24.26 ? 10  DA  A "O5'"  1 
ATOM   287 C  "C5'"  . DA  A 1 10 ? -0.499  -6.940  21.657  1.00 22.78 ? 10  DA  A "C5'"  1 
ATOM   288 C  "C4'"  . DA  A 1 10 ? -1.927  -7.386  21.642  1.00 16.99 ? 10  DA  A "C4'"  1 
ATOM   289 O  "O4'"  . DA  A 1 10 ? -2.560  -6.743  20.526  1.00 16.90 ? 10  DA  A "O4'"  1 
ATOM   290 C  "C3'"  . DA  A 1 10 ? -2.040  -8.896  21.436  1.00 20.29 ? 10  DA  A "C3'"  1 
ATOM   291 O  "O3'"  . DA  A 1 10 ? -3.173  -9.385  22.105  1.00 21.00 ? 10  DA  A "O3'"  1 
ATOM   292 C  "C2'"  . DA  A 1 10 ? -2.324  -9.030  19.965  1.00 19.65 ? 10  DA  A "C2'"  1 
ATOM   293 C  "C1'"  . DA  A 1 10 ? -3.066  -7.757  19.640  1.00 16.79 ? 10  DA  A "C1'"  1 
ATOM   294 N  N9     . DA  A 1 10 ? -3.009  -7.222  18.297  1.00 14.98 ? 10  DA  A N9     1 
ATOM   295 C  C8     . DA  A 1 10 ? -2.006  -7.311  17.392  1.00 14.97 ? 10  DA  A C8     1 
ATOM   296 N  N7     . DA  A 1 10 ? -2.275  -6.730  16.243  1.00 13.10 ? 10  DA  A N7     1 
ATOM   297 C  C5     . DA  A 1 10 ? -3.543  -6.212  16.426  1.00 11.91 ? 10  DA  A C5     1 
ATOM   298 C  C6     . DA  A 1 10 ? -4.406  -5.499  15.587  1.00 10.28 ? 10  DA  A C6     1 
ATOM   299 N  N6     . DA  A 1 10 ? -4.114  -5.122  14.345  1.00 10.44 ? 10  DA  A N6     1 
ATOM   300 N  N1     . DA  A 1 10 ? -5.622  -5.173  16.084  1.00 11.94 ? 10  DA  A N1     1 
ATOM   301 C  C2     . DA  A 1 10 ? -5.941  -5.562  17.349  1.00 13.17 ? 10  DA  A C2     1 
ATOM   302 N  N3     . DA  A 1 10 ? -5.197  -6.233  18.218  1.00 13.87 ? 10  DA  A N3     1 
ATOM   303 C  C4     . DA  A 1 10 ? -4.026  -6.563  17.675  1.00 13.06 ? 10  DA  A C4     1 
ATOM   304 H  "H5'"  . DA  A 1 10 ? 0.095   -7.552  22.337  1.00 20.46 ? 10  DA  A "H5'"  1 
ATOM   305 H  "H5''" . DA  A 1 10 ? -0.069  -7.001  20.654  1.00 20.46 ? 10  DA  A "H5''" 1 
ATOM   306 H  "H4'"  . DA  A 1 10 ? -2.415  -7.102  22.586  1.00 18.17 ? 10  DA  A "H4'"  1 
ATOM   307 H  "H3'"  . DA  A 1 10 ? -1.117  -9.422  21.717  1.00 20.46 ? 10  DA  A "H3'"  1 
ATOM   308 H  "HO3'" . DA  A 1 10 ? -3.452  -10.317 22.026  0.00 20.47 ? 10  DA  A "HO3'" 1 
ATOM   309 H  "H2'"  . DA  A 1 10 ? -1.392  -9.106  19.404  1.00 18.39 ? 10  DA  A "H2'"  1 
ATOM   310 H  "H2''" . DA  A 1 10 ? -2.942  -9.907  19.761  1.00 18.39 ? 10  DA  A "H2''" 1 
ATOM   311 H  "H1'"  . DA  A 1 10 ? -4.119  -7.939  19.896  1.00 16.67 ? 10  DA  A "H1'"  1 
ATOM   312 H  H8     . DA  A 1 10 ? -1.065  -7.801  17.595  1.00 18.38 ? 10  DA  A H8     1 
ATOM   313 H  H61    . DA  A 1 10 ? -3.216  -5.355  13.946  1.00 10.48 ? 10  DA  A H61    1 
ATOM   314 H  H62    . DA  A 1 10 ? -4.787  -4.603  13.800  1.00 10.48 ? 10  DA  A H62    1 
ATOM   315 H  H2     . DA  A 1 10 ? -6.923  -5.267  17.699  1.00 12.98 ? 10  DA  A H2     1 
HETATM 316 C  C37    . 3WB B 2 .  ? 4.824   -0.292  -13.910 1.00 10.75 ? 101 3WB A C37    1 
HETATM 317 C  C38    . 3WB B 2 .  ? 3.725   -0.120  -14.773 1.00 9.86  ? 101 3WB A C38    1 
HETATM 318 N  N11    . 3WB B 2 .  ? 5.007   0.480   -12.854 1.00 11.44 ? 101 3WB A N11    1 
HETATM 319 C  C35    . 3WB B 2 .  ? 4.057   1.442   -12.626 1.00 10.50 ? 101 3WB A C35    1 
HETATM 320 C  C36    . 3WB B 2 .  ? 2.992   1.603   -13.499 1.00 9.75  ? 101 3WB A C36    1 
HETATM 321 C  C29    . 3WB B 2 .  ? 2.041   2.618   -13.321 1.00 10.08 ? 101 3WB A C29    1 
HETATM 322 N  N12    . 3WB B 2 .  ? 2.841   0.802   -14.644 1.00 8.82  ? 101 3WB A N12    1 
HETATM 323 C  C34    . 3WB B 2 .  ? 4.109   2.329   -11.471 1.00 11.65 ? 101 3WB A C34    1 
HETATM 324 C  C33    . 3WB B 2 .  ? 3.212   3.248   -11.286 1.00 12.77 ? 101 3WB A C33    1 
HETATM 325 C  C32    . 3WB B 2 .  ? 2.130   3.487   -12.166 1.00 11.67 ? 101 3WB A C32    1 
HETATM 326 N  N10    . 3WB B 2 .  ? 1.201   4.490   -12.044 1.00 12.97 ? 101 3WB A N10    1 
HETATM 327 C  C31    . 3WB B 2 .  ? 0.297   4.605   -12.990 1.00 12.82 ? 101 3WB A C31    1 
HETATM 328 C  C30    . 3WB B 2 .  ? 0.193   3.740   -14.063 1.00 11.25 ? 101 3WB A C30    1 
HETATM 329 N  N9     . 3WB B 2 .  ? 1.032   2.723   -14.258 1.00 10.06 ? 101 3WB A N9     1 
HETATM 330 RU RU     . 3WB B 2 .  ? 1.192   1.302   -15.721 1.00 8.50  ? 101 3WB A RU     1 
HETATM 331 N  N1     . 3WB B 2 .  ? -0.583  1.845   -16.580 1.00 9.03  ? 101 3WB A N1     1 
HETATM 332 C  C12    . 3WB B 2 .  ? -0.833  2.827   -17.447 1.00 10.00 ? 101 3WB A C12    1 
HETATM 333 C  C11    . 3WB B 2 .  ? -2.107  3.138   -17.919 1.00 11.18 ? 101 3WB A C11    1 
HETATM 334 C  C9     . 3WB B 2 .  ? -3.197  2.410   -17.441 1.00 11.53 ? 101 3WB A C9     1 
HETATM 335 N  N8     . 3WB B 2 .  ? 2.358   2.488   -16.914 1.00 8.71  ? 101 3WB A N8     1 
HETATM 336 C  C28    . 3WB B 2 .  ? 2.694   3.753   -16.858 1.00 8.82  ? 101 3WB A C28    1 
HETATM 337 C  C27    . 3WB B 2 .  ? 3.549   4.357   -17.844 1.00 9.11  ? 101 3WB A C27    1 
HETATM 338 N  N7     . 3WB B 2 .  ? 4.021   3.688   -18.863 1.00 8.76  ? 101 3WB A N7     1 
HETATM 339 C  C26    . 3WB B 2 .  ? 2.836   1.776   -18.024 1.00 7.98  ? 101 3WB A C26    1 
HETATM 340 C  C25    . 3WB B 2 .  ? 3.672   2.393   -18.989 1.00 8.20  ? 101 3WB A C25    1 
HETATM 341 C  C24    . 3WB B 2 .  ? 4.135   1.594   -20.028 1.00 8.69  ? 101 3WB A C24    1 
HETATM 342 C  C23    . 3WB B 2 .  ? 3.772   0.294   -20.174 1.00 8.73  ? 101 3WB A C23    1 
HETATM 343 C  C22    . 3WB B 2 .  ? 2.883   -0.325  -19.206 1.00 8.32  ? 101 3WB A C22    1 
HETATM 344 N  N6     . 3WB B 2 .  ? 2.509   -1.639  -19.375 1.00 9.02  ? 101 3WB A N6     1 
HETATM 345 C  C21    . 3WB B 2 .  ? 1.680   -2.095  -18.424 1.00 9.46  ? 101 3WB A C21    1 
HETATM 346 C  C20    . 3WB B 2 .  ? 1.237   -1.325  -17.353 1.00 8.64  ? 101 3WB A C20    1 
HETATM 347 C  C19    . 3WB B 2 .  ? 2.428   0.453   -18.166 1.00 8.27  ? 101 3WB A C19    1 
HETATM 348 N  N5     . 3WB B 2 .  ? 1.574   -0.061  -17.196 1.00 8.32  ? 101 3WB A N5     1 
HETATM 349 N  N2     . 3WB B 2 .  ? -0.074  0.011   -14.746 1.00 8.72  ? 101 3WB A N2     1 
HETATM 350 C  C1     . 3WB B 2 .  ? -1.378  0.118   -15.150 1.00 8.76  ? 101 3WB A C1     1 
HETATM 351 C  C10    . 3WB B 2 .  ? -1.667  1.120   -16.088 1.00 8.92  ? 101 3WB A C10    1 
HETATM 352 C  C8     . 3WB B 2 .  ? -2.975  1.368   -16.541 1.00 9.88  ? 101 3WB A C8     1 
HETATM 353 C  C2     . 3WB B 2 .  ? 0.246   -0.978  -13.890 1.00 9.30  ? 101 3WB A C2     1 
HETATM 354 C  C3     . 3WB B 2 .  ? -0.707  -1.854  -13.380 1.00 9.93  ? 101 3WB A C3     1 
HETATM 355 C  C4     . 3WB B 2 .  ? -2.023  -1.718  -13.756 1.00 10.08 ? 101 3WB A C4     1 
HETATM 356 C  C5     . 3WB B 2 .  ? -2.390  -0.727  -14.654 1.00 9.36  ? 101 3WB A C5     1 
HETATM 357 C  C6     . 3WB B 2 .  ? -3.743  -0.490  -15.092 1.00 9.98  ? 101 3WB A C6     1 
HETATM 358 C  C7     . 3WB B 2 .  ? -4.042  0.568   -16.016 1.00 10.36 ? 101 3WB A C7     1 
HETATM 359 N  N4     . 3WB B 2 .  ? -5.296  0.771   -16.424 1.00 11.41 ? 101 3WB A N4     1 
HETATM 360 N  N3     . 3WB B 2 .  ? -4.704  -1.287  -14.609 1.00 11.24 ? 101 3WB A N3     1 
HETATM 361 C  C15    . 3WB B 2 .  ? -6.011  -1.052  -15.059 1.00 12.69 ? 101 3WB A C15    1 
HETATM 362 C  C13    . 3WB B 2 .  ? -6.281  -0.024  -15.959 1.00 12.04 ? 101 3WB A C13    1 
HETATM 363 C  C16    . 3WB B 2 .  ? -7.035  -1.853  -14.561 1.00 13.49 ? 101 3WB A C16    1 
HETATM 364 C  C17    . 3WB B 2 .  ? -8.300  -1.624  -15.022 1.00 14.88 ? 101 3WB A C17    1 
HETATM 365 C  C18    . 3WB B 2 .  ? -8.631  -0.601  -15.933 1.00 15.00 ? 101 3WB A C18    1 
HETATM 366 C  C14    . 3WB B 2 .  ? -7.608  0.200   -16.427 1.00 13.80 ? 101 3WB A C14    1 
HETATM 367 C  C39    . 3WB B 2 .  ? -10.029 -0.384  -16.385 1.00 19.50 ? 101 3WB A C39    1 
HETATM 368 C  C40    . 3WB B 2 .  ? -6.686  -2.927  -13.596 1.00 15.37 ? 101 3WB A C40    1 
HETATM 369 H  H37    . 3WB B 2 .  ? 5.503   -1.113  -14.091 1.00 10.27 ? 101 3WB A H37    1 
HETATM 370 H  H38    . 3WB B 2 .  ? 3.655   -0.763  -15.638 1.00 10.27 ? 101 3WB A H38    1 
HETATM 371 H  H34    . 3WB B 2 .  ? 4.922   2.228   -10.765 1.00 11.94 ? 101 3WB A H34    1 
HETATM 372 H  H33    . 3WB B 2 .  ? 3.339   3.919   -10.445 1.00 11.94 ? 101 3WB A H33    1 
HETATM 373 H  H31    . 3WB B 2 .  ? -0.492  5.328   -12.843 1.00 11.81 ? 101 3WB A H31    1 
HETATM 374 H  H30    . 3WB B 2 .  ? -0.645  3.855   -14.740 1.00 11.81 ? 101 3WB A H30    1 
HETATM 375 H  H12    . 3WB B 2 .  ? -0.008  3.446   -17.764 1.00 10.54 ? 101 3WB A H12    1 
HETATM 376 H  H11    . 3WB B 2 .  ? -2.253  3.948   -18.620 1.00 10.54 ? 101 3WB A H11    1 
HETATM 377 H  H9     . 3WB B 2 .  ? -4.186  2.603   -17.835 1.00 10.54 ? 101 3WB A H9     1 
HETATM 378 H  H28    . 3WB B 2 .  ? 2.366   4.346   -16.014 1.00 9.03  ? 101 3WB A H28    1 
HETATM 379 H  H27    . 3WB B 2 .  ? 3.861   5.382   -17.702 1.00 9.03  ? 101 3WB A H27    1 
HETATM 380 H  H24    . 3WB B 2 .  ? 4.762   2.048   -20.777 1.00 8.66  ? 101 3WB A H24    1 
HETATM 381 H  H23    . 3WB B 2 .  ? 4.113   -0.270  -21.033 1.00 8.66  ? 101 3WB A H23    1 
HETATM 382 H  H21    . 3WB B 2 .  ? 1.380   -3.133  -18.457 1.00 9.00  ? 101 3WB A H21    1 
HETATM 383 H  H20    . 3WB B 2 .  ? 0.611   -1.783  -16.604 1.00 9.00  ? 101 3WB A H20    1 
HETATM 384 H  H2     . 3WB B 2 .  ? 1.283   -1.119  -13.610 1.00 14.82 ? 101 3WB A H2     1 
HETATM 385 H  H3     . 3WB B 2 .  ? -0.423  -2.608  -12.656 1.00 14.83 ? 101 3WB A H3     1 
HETATM 386 H  H4     . 3WB B 2 .  ? -2.774  -2.361  -13.314 1.00 14.83 ? 101 3WB A H4     1 
HETATM 387 H  H17    . 3WB B 2 .  ? -9.105  -2.231  -14.626 1.00 15.34 ? 101 3WB A H17    1 
HETATM 388 H  H14    . 3WB B 2 .  ? -7.818  0.988   -17.140 1.00 13.19 ? 101 3WB A H14    1 
HETATM 389 H  H392   . 3WB B 2 .  ? -10.419 0.483   -15.922 1.00 15.34 ? 101 3WB A H392   1 
HETATM 390 H  H39    . 3WB B 2 .  ? -10.620 -1.222  -16.122 1.00 15.34 ? 101 3WB A H39    1 
HETATM 391 H  H391   . 3WB B 2 .  ? -10.045 -0.261  -17.437 1.00 15.34 ? 101 3WB A H391   1 
HETATM 392 H  H40    . 3WB B 2 .  ? -6.246  -2.503  -12.732 1.00 15.34 ? 101 3WB A H40    1 
HETATM 393 H  H402   . 3WB B 2 .  ? -6.005  -3.598  -14.046 1.00 15.34 ? 101 3WB A H402   1 
HETATM 394 H  H401   . 3WB B 2 .  ? -7.564  -3.452  -13.320 1.00 15.34 ? 101 3WB A H401   1 
HETATM 395 BA BA     . BA  C 3 .  ? 1.407   -1.821  -4.235  1.00 8.79  ? 102 BA  A BA     1 
HETATM 396 O  O      . HOH D 4 .  ? -5.266  -7.956  22.548  1.00 43.71 ? 201 HOH A O      1 
HETATM 397 O  O      . HOH D 4 .  ? 4.048   6.819   5.960   1.00 22.52 ? 202 HOH A O      1 
HETATM 398 O  O      . HOH D 4 .  ? 1.555   -1.241  22.599  1.00 34.88 ? 203 HOH A O      1 
HETATM 399 O  O      . HOH D 4 .  ? 4.473   2.470   2.781   1.00 35.11 ? 204 HOH A O      1 
HETATM 400 O  O      . HOH D 4 .  ? -5.901  9.403   9.641   1.00 30.17 ? 205 HOH A O      1 
HETATM 401 O  O      . HOH D 4 .  ? 4.558   4.493   4.685   1.00 19.34 ? 206 HOH A O      1 
HETATM 402 O  O      . HOH D 4 .  ? 3.041   2.970   13.330  1.00 20.12 ? 207 HOH A O      1 
HETATM 403 O  O      . HOH D 4 .  ? 1.336   5.298   8.089   1.00 27.99 ? 208 HOH A O      1 
HETATM 404 O  O      . HOH D 4 .  ? -6.468  -6.419  -13.381 1.00 29.07 ? 209 HOH A O      1 
HETATM 405 O  O      . HOH D 4 .  ? 5.938   -4.846  -6.111  1.00 20.71 ? 210 HOH A O      1 
HETATM 406 O  O      . HOH D 4 .  ? 5.855   0.125   -2.669  1.00 16.49 ? 211 HOH A O      1 
HETATM 407 O  O      . HOH D 4 .  ? -7.701  6.569   12.124  1.00 57.46 ? 212 HOH A O      1 
HETATM 408 O  O      . HOH D 4 .  ? -7.488  -2.613  18.707  1.00 29.83 ? 213 HOH A O      1 
HETATM 409 O  O      . HOH D 4 .  ? 9.287   5.120   -6.535  1.00 21.12 ? 214 HOH A O      1 
HETATM 410 O  O      . HOH D 4 .  ? 0.783   2.830   15.622  1.00 29.30 ? 215 HOH A O      1 
HETATM 411 O  O      . HOH D 4 .  ? 5.747   9.373   -0.055  1.00 17.28 ? 216 HOH A O      1 
HETATM 412 O  O      . HOH D 4 .  ? -4.752  -4.109  21.477  1.00 32.35 ? 217 HOH A O      1 
HETATM 413 O  O      . HOH D 4 .  ? -0.749  -2.554  -5.822  1.00 10.80 ? 218 HOH A O      1 
HETATM 414 O  O      . HOH D 4 .  ? 7.136   -6.319  -12.439 1.00 23.27 ? 219 HOH A O      1 
HETATM 415 O  O      . HOH D 4 .  ? 4.129   -1.178  -4.501  1.00 9.82  ? 220 HOH A O      1 
HETATM 416 O  O      . HOH D 4 .  ? -0.259  -6.723  -10.704 1.00 19.56 ? 221 HOH A O      1 
HETATM 417 O  O      . HOH D 4 .  ? 6.655   -5.934  -8.532  1.00 20.48 ? 222 HOH A O      1 
HETATM 418 O  O      . HOH D 4 .  ? 2.663   2.686   4.855   1.00 16.37 ? 223 HOH A O      1 
HETATM 419 O  O      . HOH D 4 .  ? 2.406   -9.103  -9.320  1.00 44.06 ? 224 HOH A O      1 
HETATM 420 O  O      . HOH D 4 .  ? 1.973   -5.474  -7.758  1.00 14.82 ? 225 HOH A O      1 
HETATM 421 O  O      . HOH D 4 .  ? 5.090   8.866   4.170   1.00 23.35 ? 226 HOH A O      1 
HETATM 422 O  O      . HOH D 4 .  ? -0.137  -6.999  14.477  1.00 14.48 ? 227 HOH A O      1 
HETATM 423 O  O      . HOH D 4 .  ? 1.868   -6.757  24.983  1.00 21.06 ? 228 HOH A O      1 
HETATM 424 O  O      . HOH D 4 .  ? -6.464  -6.554  20.708  1.00 24.07 ? 229 HOH A O      1 
HETATM 425 O  O      . HOH D 4 .  ? 1.876   -5.803  16.031  1.00 13.95 ? 230 HOH A O      1 
HETATM 426 O  O      . HOH D 4 .  ? 2.583   -3.057  -6.448  1.00 10.78 ? 231 HOH A O      1 
HETATM 427 O  O      . HOH D 4 .  ? -5.981  3.168   5.869   1.00 19.78 ? 232 HOH A O      1 
HETATM 428 O  O      . HOH D 4 .  ? -0.915  -8.276  -16.189 1.00 27.58 ? 233 HOH A O      1 
HETATM 429 O  O      . HOH D 4 .  ? -4.701  5.945   1.813   1.00 19.06 ? 234 HOH A O      1 
HETATM 430 O  O      . HOH D 4 .  ? 3.061   2.332   7.527   1.00 20.74 ? 235 HOH A O      1 
HETATM 431 O  O      . HOH D 4 .  ? -1.744  3.106   13.902  1.00 23.91 ? 236 HOH A O      1 
HETATM 432 O  O      . HOH D 4 .  ? -8.870  4.046   13.732  1.00 40.43 ? 237 HOH A O      1 
HETATM 433 O  O      . HOH D 4 .  ? 8.214   -3.120  -10.139 0.50 14.20 ? 238 HOH A O      1 
HETATM 434 O  O      . HOH D 4 .  ? 2.014   3.078   10.802  1.00 21.38 ? 239 HOH A O      1 
HETATM 435 O  O      . HOH D 4 .  ? 1.090   5.915   -8.356  1.00 16.36 ? 240 HOH A O      1 
HETATM 436 O  O      . HOH D 4 .  ? -4.125  0.078   21.688  1.00 52.62 ? 241 HOH A O      1 
HETATM 437 O  O      . HOH D 4 .  ? -0.330  -2.563  -2.134  1.00 12.06 ? 242 HOH A O      1 
HETATM 438 O  O      . HOH D 4 .  ? -2.525  -5.605  -9.113  1.00 24.33 ? 243 HOH A O      1 
HETATM 439 O  O      . HOH D 4 .  ? -1.183  4.081   11.475  1.00 21.98 ? 244 HOH A O      1 
HETATM 440 O  O      . HOH D 4 .  ? 7.276   3.104   0.997   1.00 39.74 ? 245 HOH A O      1 
HETATM 441 O  O      . HOH D 4 .  ? -7.039  -0.564  6.561   1.00 19.20 ? 246 HOH A O      1 
HETATM 442 O  O      . HOH D 4 .  ? -0.830  1.011   19.294  1.00 46.28 ? 247 HOH A O      1 
HETATM 443 O  O      . HOH D 4 .  ? 9.903   1.169   -5.475  1.00 28.21 ? 248 HOH A O      1 
HETATM 444 O  O      . HOH D 4 .  ? 5.225   -6.018  22.464  1.00 22.83 ? 249 HOH A O      1 
HETATM 445 O  O      . HOH D 4 .  ? -0.769  0.198   -19.557 1.00 10.53 ? 250 HOH A O      1 
HETATM 446 O  O      . HOH D 4 .  ? -7.403  7.241   8.127   1.00 32.54 ? 251 HOH A O      1 
HETATM 447 O  O      . HOH D 4 .  ? 5.330   3.056   -15.120 1.00 10.23 ? 252 HOH A O      1 
HETATM 448 O  O      . HOH D 4 .  ? 3.675   0.364   0.294   1.00 9.30  ? 253 HOH A O      1 
HETATM 449 O  O      A HOH D 4 .  ? 2.983   -2.274  -1.910  0.50 10.46 ? 254 HOH A O      1 
HETATM 450 O  O      B HOH D 4 .  ? 2.081   -1.468  -1.561  0.50 15.02 ? 254 HOH A O      1 
HETATM 451 O  O      . HOH D 4 .  ? 3.889   5.318   -14.251 1.00 12.09 ? 255 HOH A O      1 
HETATM 452 O  O      . HOH D 4 .  ? -6.851  5.429   6.541   1.00 51.42 ? 256 HOH A O      1 
HETATM 453 O  O      . HOH D 4 .  ? 3.784   -3.097  -15.877 1.00 17.37 ? 257 HOH A O      1 
HETATM 454 O  O      . HOH D 4 .  ? 4.359   6.540   -11.811 1.00 13.16 ? 258 HOH A O      1 
HETATM 455 O  O      . HOH D 4 .  ? 6.333   -6.710  -15.066 1.00 26.96 ? 259 HOH A O      1 
HETATM 456 O  O      . HOH D 4 .  ? 2.015   -7.324  18.235  1.00 31.76 ? 260 HOH A O      1 
HETATM 457 O  O      . HOH D 4 .  ? 3.276   10.881  4.071   1.00 22.85 ? 261 HOH A O      1 
HETATM 458 O  O      . HOH D 4 .  ? -3.345  -8.080  -17.458 1.00 43.62 ? 262 HOH A O      1 
HETATM 459 O  O      . HOH D 4 .  ? 0.133   6.038   -16.305 1.00 26.66 ? 263 HOH A O      1 
HETATM 460 O  O      . HOH D 4 .  ? -2.188  -8.802  25.959  1.00 34.02 ? 264 HOH A O      1 
HETATM 461 O  O      . HOH D 4 .  ? 1.454   6.809   -18.853 1.00 20.25 ? 265 HOH A O      1 
HETATM 462 O  O      . HOH D 4 .  ? 0.288   -9.706  17.349  1.00 46.60 ? 266 HOH A O      1 
HETATM 463 O  O      . HOH D 4 .  ? 0.139   -8.902  24.543  1.00 21.47 ? 267 HOH A O      1 
HETATM 464 O  O      . HOH D 4 .  ? -4.355  10.591  7.766   1.00 18.36 ? 268 HOH A O      1 
HETATM 465 O  O      . HOH D 4 .  ? 7.696   -2.023  -3.345  1.00 29.12 ? 269 HOH A O      1 
HETATM 466 O  O      . HOH D 4 .  ? -6.530  8.193   5.440   1.00 18.06 ? 270 HOH A O      1 
HETATM 467 O  O      . HOH D 4 .  ? 8.563   -3.782  -11.555 1.00 34.70 ? 271 HOH A O      1 
HETATM 468 O  O      . HOH D 4 .  ? -0.486  0.669   21.619  1.00 43.08 ? 272 HOH A O      1 
HETATM 469 O  O      . HOH D 4 .  ? -8.596  9.118   13.007  0.50 71.04 ? 273 HOH A O      1 
HETATM 470 O  O      . HOH D 4 .  ? 3.442   -6.149  -5.521  1.00 62.52 ? 274 HOH A O      1 
HETATM 471 O  O      . HOH D 4 .  ? 9.594   -0.431  -0.957  1.00 67.90 ? 275 HOH A O      1 
HETATM 472 O  O      . HOH D 4 .  ? -0.551  -5.222  -6.779  1.00 18.79 ? 276 HOH A O      1 
HETATM 473 O  O      . HOH D 4 .  ? 9.313   -7.455  -11.571 0.50 27.00 ? 277 HOH A O      1 
HETATM 474 O  O      . HOH D 4 .  ? -5.659  -6.097  -10.055 1.00 62.83 ? 278 HOH A O      1 
HETATM 475 O  O      . HOH D 4 .  ? 2.129   11.496  1.619   1.00 13.85 ? 279 HOH A O      1 
HETATM 476 O  O      . HOH D 4 .  ? -9.145  3.615   8.999   1.00 40.33 ? 280 HOH A O      1 
HETATM 477 O  O      . HOH D 4 .  ? 5.448   -3.424  -2.167  1.00 28.09 ? 281 HOH A O      1 
HETATM 478 O  O      . HOH D 4 .  ? 2.624   7.160   -15.926 1.00 17.98 ? 282 HOH A O      1 
HETATM 479 O  O      . HOH D 4 .  ? 1.241   -4.609  -3.899  1.00 16.23 ? 283 HOH A O      1 
HETATM 480 O  O      . HOH D 4 .  ? 1.145   -10.945 20.023  1.00 30.39 ? 284 HOH A O      1 
HETATM 481 O  O      . HOH D 4 .  ? 8.519   -5.670  -4.679  1.00 52.18 ? 285 HOH A O      1 
HETATM 482 O  O      . HOH D 4 .  ? -2.880  -4.765  26.569  1.00 66.68 ? 286 HOH A O      1 
HETATM 483 O  O      . HOH D 4 .  ? -2.117  6.866   -17.721 1.00 49.81 ? 287 HOH A O      1 
HETATM 484 O  O      . HOH D 4 .  ? -1.756  5.768   -20.410 1.00 21.69 ? 288 HOH A O      1 
HETATM 485 O  O      . HOH D 4 .  ? -3.902  6.062   -18.338 1.00 29.36 ? 289 HOH A O      1 
HETATM 486 O  O      . HOH D 4 .  ? 9.866   -4.714  -13.636 1.00 38.61 ? 290 HOH A O      1 
HETATM 487 O  O      . HOH D 4 .  ? -1.386  -7.171  -5.237  1.00 37.84 ? 291 HOH A O      1 
# 
loop_
_atom_site_anisotrop.id 
_atom_site_anisotrop.type_symbol 
_atom_site_anisotrop.pdbx_label_atom_id 
_atom_site_anisotrop.pdbx_label_alt_id 
_atom_site_anisotrop.pdbx_label_comp_id 
_atom_site_anisotrop.pdbx_label_asym_id 
_atom_site_anisotrop.pdbx_label_seq_id 
_atom_site_anisotrop.pdbx_PDB_ins_code 
_atom_site_anisotrop.U[1][1] 
_atom_site_anisotrop.U[2][2] 
_atom_site_anisotrop.U[3][3] 
_atom_site_anisotrop.U[1][2] 
_atom_site_anisotrop.U[1][3] 
_atom_site_anisotrop.U[2][3] 
_atom_site_anisotrop.pdbx_auth_seq_id 
_atom_site_anisotrop.pdbx_auth_comp_id 
_atom_site_anisotrop.pdbx_auth_asym_id 
_atom_site_anisotrop.pdbx_auth_atom_id 
1   O  "O5'" . DT  A 1  ? 0.2935 0.1878 0.2145 -0.0496 -0.0043 0.0076  1   DT  A "O5'" 
2   C  "C5'" . DT  A 1  ? 0.2483 0.1379 0.1818 -0.0165 -0.0089 -0.0323 1   DT  A "C5'" 
3   C  "C4'" . DT  A 1  ? 0.1761 0.1346 0.1513 0.0031  -0.0032 -0.0099 1   DT  A "C4'" 
4   O  "O4'" . DT  A 1  ? 0.1840 0.1555 0.1380 0.0130  -0.0040 -0.0034 1   DT  A "O4'" 
5   C  "C3'" . DT  A 1  ? 0.1844 0.1140 0.1506 0.0054  0.0061  -0.0084 1   DT  A "C3'" 
6   O  "O3'" . DT  A 1  ? 0.1877 0.1221 0.1392 0.0047  0.0057  -0.0060 1   DT  A "O3'" 
7   C  "C2'" . DT  A 1  ? 0.1871 0.1313 0.1374 0.0082  0.0008  0.0079  1   DT  A "C2'" 
8   C  "C1'" . DT  A 1  ? 0.1835 0.1334 0.1426 0.0073  0.0054  -0.0015 1   DT  A "C1'" 
9   N  N1    . DT  A 1  ? 0.1768 0.1457 0.1478 -0.0067 0.0118  0.0263  1   DT  A N1    
10  C  C2    . DT  A 1  ? 0.1605 0.1164 0.1367 -0.0158 0.0018  0.0035  1   DT  A C2    
11  O  O2    . DT  A 1  ? 0.1534 0.1322 0.1319 -0.0194 -0.0049 0.0110  1   DT  A O2    
12  N  N3    . DT  A 1  ? 0.1710 0.1324 0.1609 -0.0288 -0.0002 0.0186  1   DT  A N3    
13  C  C4    . DT  A 1  ? 0.1793 0.1834 0.1954 -0.0248 0.0036  0.0366  1   DT  A C4    
14  O  O4    . DT  A 1  ? 0.1897 0.2077 0.2475 -0.0356 0.0146  0.0586  1   DT  A O4    
15  C  C5    . DT  A 1  ? 0.2000 0.1953 0.2158 -0.0286 0.0102  0.0581  1   DT  A C5    
16  C  C7    . DT  A 1  ? 0.3186 0.3035 0.2865 -0.0357 0.0415  0.1491  1   DT  A C7    
17  C  C6    . DT  A 1  ? 0.1992 0.1724 0.1822 -0.0126 0.0119  0.0444  1   DT  A C6    
31  P  P     . DC  A 2  ? 0.1909 0.1312 0.1353 -0.0066 0.0036  0.0025  2   DC  A P     
32  O  OP1   . DC  A 2  ? 0.2150 0.1568 0.1507 -0.0190 -0.0107 0.0029  2   DC  A OP1   
33  O  OP2   . DC  A 2  ? 0.2344 0.1434 0.1579 -0.0243 0.0108  0.0086  2   DC  A OP2   
34  O  "O5'" . DC  A 2  ? 0.1871 0.1283 0.1255 -0.0120 0.0235  -0.0058 2   DC  A "O5'" 
35  C  "C5'" . DC  A 2  ? 0.1760 0.1283 0.1206 -0.0073 0.0211  -0.0108 2   DC  A "C5'" 
36  C  "C4'" . DC  A 2  ? 0.1515 0.1249 0.1113 -0.0040 0.0237  -0.0050 2   DC  A "C4'" 
37  O  "O4'" . DC  A 2  ? 0.1462 0.1421 0.1084 -0.0075 0.0137  -0.0081 2   DC  A "O4'" 
38  C  "C3'" . DC  A 2  ? 0.1439 0.1253 0.1147 -0.0018 0.0147  -0.0079 2   DC  A "C3'" 
39  O  "O3'" . DC  A 2  ? 0.1341 0.1475 0.1136 0.0056  0.0173  -0.0139 2   DC  A "O3'" 
40  C  "C2'" . DC  A 2  ? 0.1380 0.1352 0.1165 0.0028  0.0121  -0.0102 2   DC  A "C2'" 
41  C  "C1'" . DC  A 2  ? 0.1393 0.1189 0.1127 -0.0113 0.0079  -0.0063 2   DC  A "C1'" 
42  N  N1    . DC  A 2  ? 0.1435 0.1189 0.1033 -0.0157 0.0075  -0.0015 2   DC  A N1    
43  C  C2    . DC  A 2  ? 0.1377 0.1193 0.1008 -0.0069 0.0178  -0.0079 2   DC  A C2    
44  O  O2    . DC  A 2  ? 0.1408 0.1146 0.1261 -0.0039 0.0237  -0.0052 2   DC  A O2    
45  N  N3    . DC  A 2  ? 0.1405 0.1243 0.1130 -0.0089 0.0146  -0.0026 2   DC  A N3    
46  C  C4    . DC  A 2  ? 0.1345 0.1293 0.1214 -0.0119 0.0079  -0.0032 2   DC  A C4    
47  N  N4    . DC  A 2  ? 0.1562 0.1372 0.1574 -0.0255 0.0072  0.0120  2   DC  A N4    
48  C  C5    . DC  A 2  ? 0.1597 0.1342 0.1295 -0.0213 0.0049  0.0085  2   DC  A C5    
49  C  C6    . DC  A 2  ? 0.1494 0.1255 0.1352 -0.0156 0.0040  0.0103  2   DC  A C6    
61  P  P     . DG  A 3  ? 0.1235 0.1362 0.1226 0.0143  0.0120  -0.0112 3   DG  A P     
62  O  OP1   . DG  A 3  ? 0.1270 0.1490 0.1671 0.0251  0.0170  -0.0111 3   DG  A OP1   
63  O  OP2   . DG  A 3  ? 0.1340 0.1379 0.1188 0.0143  0.0064  -0.0032 3   DG  A OP2   
64  O  "O5'" . DG  A 3  ? 0.1187 0.1338 0.1114 0.0132  0.0085  -0.0125 3   DG  A "O5'" 
65  C  "C5'" . DG  A 3  ? 0.1110 0.1400 0.1158 0.0085  0.0082  -0.0159 3   DG  A "C5'" 
66  C  "C4'" . DG  A 3  ? 0.1004 0.1397 0.1090 0.0076  0.0074  -0.0168 3   DG  A "C4'" 
67  O  "O4'" . DG  A 3  ? 0.1110 0.1326 0.1027 0.0000  0.0037  -0.0105 3   DG  A "O4'" 
68  C  "C3'" . DG  A 3  ? 0.1121 0.1333 0.1087 0.0038  -0.0013 -0.0212 3   DG  A "C3'" 
69  O  "O3'" . DG  A 3  ? 0.1098 0.1677 0.1311 -0.0062 -0.0080 -0.0336 3   DG  A "O3'" 
70  C  "C2'" . DG  A 3  ? 0.1138 0.1288 0.1133 0.0054  0.0018  -0.0191 3   DG  A "C2'" 
71  C  "C1'" . DG  A 3  ? 0.1100 0.1192 0.1104 0.0023  0.0073  -0.0051 3   DG  A "C1'" 
72  N  N9    . DG  A 3  ? 0.1077 0.1064 0.0962 0.0042  0.0010  -0.0024 3   DG  A N9    
73  C  C8    . DG  A 3  ? 0.1168 0.1172 0.0998 0.0089  0.0038  -0.0082 3   DG  A C8    
74  N  N7    . DG  A 3  ? 0.1113 0.1117 0.1012 0.0051  0.0022  -0.0044 3   DG  A N7    
75  C  C5    . DG  A 3  ? 0.1094 0.1093 0.0947 0.0032  0.0032  -0.0046 3   DG  A C5    
76  C  C6    . DG  A 3  ? 0.1226 0.1099 0.0924 0.0007  0.0050  0.0044  3   DG  A C6    
77  O  O6    . DG  A 3  ? 0.1185 0.1214 0.1066 -0.0049 0.0000  0.0061  3   DG  A O6    
78  N  N1    . DG  A 3  ? 0.1113 0.1156 0.0942 0.0010  0.0005  -0.0023 3   DG  A N1    
79  C  C2    . DG  A 3  ? 0.1119 0.1134 0.0869 0.0091  0.0055  0.0011  3   DG  A C2    
80  N  N2    . DG  A 3  ? 0.1165 0.1269 0.1056 0.0036  -0.0028 0.0079  3   DG  A N2    
81  N  N3    . DG  A 3  ? 0.1131 0.1089 0.0953 0.0050  0.0036  0.0001  3   DG  A N3    
82  C  C4    . DG  A 3  ? 0.1106 0.1079 0.0879 0.0043  0.0072  -0.0043 3   DG  A C4    
94  P  P     . DG  A 4  ? 0.1279 0.1973 0.1496 0.0143  -0.0172 -0.0401 4   DG  A P     
95  O  OP1   . DG  A 4  ? 0.1285 0.2579 0.1929 -0.0048 -0.0137 -0.0738 4   DG  A OP1   
96  O  OP2   . DG  A 4  ? 0.1976 0.2544 0.1485 0.0193  -0.0407 -0.0448 4   DG  A OP2   
97  O  "O5'" . DG  A 4  ? 0.1479 0.1399 0.1274 0.0001  -0.0063 -0.0158 4   DG  A "O5'" 
98  C  "C5'" . DG  A 4  ? 0.1390 0.1380 0.1293 -0.0090 0.0078  -0.0085 4   DG  A "C5'" 
99  C  "C4'" . DG  A 4  ? 0.1329 0.1278 0.1092 -0.0034 -0.0105 -0.0046 4   DG  A "C4'" 
100 O  "O4'" . DG  A 4  ? 0.1276 0.1433 0.1041 -0.0028 -0.0068 0.0067  4   DG  A "O4'" 
101 C  "C3'" . DG  A 4  ? 0.1352 0.1388 0.1139 0.0102  -0.0086 -0.0074 4   DG  A "C3'" 
102 O  "O3'" . DG  A 4  ? 0.1554 0.1691 0.1171 0.0235  -0.0128 -0.0205 4   DG  A "O3'" 
103 C  "C2'" . DG  A 4  ? 0.1344 0.1529 0.1102 0.0088  -0.0046 0.0120  4   DG  A "C2'" 
104 C  "C1'" . DG  A 4  ? 0.1201 0.1339 0.1108 0.0027  -0.0044 0.0003  4   DG  A "C1'" 
105 N  N9    . DG  A 4  ? 0.1141 0.1336 0.0965 0.0072  -0.0001 0.0011  4   DG  A N9    
106 C  C8    . DG  A 4  ? 0.1198 0.1455 0.0979 0.0063  -0.0027 0.0002  4   DG  A C8    
107 N  N7    . DG  A 4  ? 0.1185 0.1380 0.0999 0.0122  0.0021  0.0022  4   DG  A N7    
108 C  C5    . DG  A 4  ? 0.1163 0.1242 0.0981 0.0137  0.0012  0.0053  4   DG  A C5    
109 C  C6    . DG  A 4  ? 0.1242 0.1156 0.0918 0.0086  0.0075  0.0112  4   DG  A C6    
110 O  O6    . DG  A 4  ? 0.1272 0.1122 0.1055 0.0058  0.0057  0.0055  4   DG  A O6    
111 N  N1    . DG  A 4  ? 0.1135 0.1089 0.1007 0.0035  0.0051  0.0115  4   DG  A N1    
112 C  C2    . DG  A 4  ? 0.1222 0.1095 0.1023 0.0016  0.0058  0.0066  4   DG  A C2    
113 N  N2    . DG  A 4  ? 0.1192 0.1155 0.1358 0.0070  0.0135  -0.0031 4   DG  A N2    
114 N  N3    . DG  A 4  ? 0.1142 0.1175 0.1000 0.0047  0.0065  0.0046  4   DG  A N3    
115 C  C4    . DG  A 4  ? 0.1196 0.1202 0.0875 0.0044  0.0016  0.0082  4   DG  A C4    
127 P  P     . DC  A 5  ? 0.1546 0.1738 0.1217 0.0090  -0.0129 -0.0170 5   DC  A P     
128 O  OP1   . DC  A 5  ? 0.1516 0.2354 0.1707 -0.0191 -0.0231 0.0067  5   DC  A OP1   
129 O  OP2   . DC  A 5  ? 0.1895 0.2151 0.1250 0.0386  -0.0168 -0.0103 5   DC  A OP2   
130 O  "O5'" . DC  A 5  ? 0.1570 0.1369 0.1237 0.0075  -0.0001 -0.0091 5   DC  A "O5'" 
131 C  "C5'" . DC  A 5  ? 0.1582 0.1166 0.1420 -0.0106 0.0003  -0.0012 5   DC  A "C5'" 
132 C  "C4'" . DC  A 5  ? 0.1670 0.1174 0.1192 0.0039  0.0062  0.0037  5   DC  A "C4'" 
133 O  "O4'" . DC  A 5  ? 0.1612 0.1087 0.1410 -0.0159 0.0053  0.0081  5   DC  A "O4'" 
134 C  "C3'" . DC  A 5  ? 0.1647 0.1165 0.1263 -0.0040 0.0090  -0.0101 5   DC  A "C3'" 
135 O  "O3'" . DC  A 5  ? 0.1557 0.1195 0.1240 0.0005  0.0049  -0.0125 5   DC  A "O3'" 
136 C  "C2'" . DC  A 5  ? 0.1589 0.1249 0.1315 -0.0124 0.0049  -0.0071 5   DC  A "C2'" 
137 C  "C1'" . DC  A 5  ? 0.1492 0.1173 0.1323 -0.0083 -0.0051 0.0019  5   DC  A "C1'" 
138 N  N1    . DC  A 5  ? 0.1526 0.1149 0.1162 -0.0140 0.0040  -0.0071 5   DC  A N1    
139 C  C2    . DC  A 5  ? 0.1455 0.1117 0.1329 -0.0070 0.0201  0.0029  5   DC  A C2    
140 O  O2    . DC  A 5  ? 0.1552 0.1308 0.1722 -0.0035 0.0248  -0.0128 5   DC  A O2    
141 N  N3    . DC  A 5  ? 0.1488 0.1093 0.1135 -0.0016 0.0183  0.0042  5   DC  A N3    
142 C  C4    . DC  A 5  ? 0.1462 0.1020 0.0975 -0.0065 0.0060  0.0120  5   DC  A C4    
143 N  N4    . DC  A 5  ? 0.1401 0.1107 0.1046 -0.0054 -0.0011 0.0107  5   DC  A N4    
144 C  C5    . DC  A 5  ? 0.1475 0.1177 0.1047 -0.0034 -0.0027 0.0045  5   DC  A C5    
145 C  C6    . DC  A 5  ? 0.1606 0.1160 0.1208 -0.0232 -0.0098 0.0098  5   DC  A C6    
157 P  P     . DG  A 6  ? 0.1757 0.1674 0.1252 -0.0051 -0.0107 -0.0115 6   DG  A P     
158 O  OP1   . DG  A 6  ? 0.2703 0.1891 0.1592 -0.0410 -0.0017 -0.0498 6   DG  A OP1   
159 O  OP2   . DG  A 6  ? 0.2120 0.2590 0.1636 -0.0236 -0.0098 0.0033  6   DG  A OP2   
160 O  "O5'" . DG  A 6  ? 0.1655 0.1326 0.1325 0.0136  0.0137  0.0020  6   DG  A "O5'" 
161 C  "C5'" . DG  A 6  ? 0.1633 0.1158 0.1473 0.0176  0.0203  0.0068  6   DG  A "C5'" 
162 C  "C4'" . DG  A 6  ? 0.1771 0.1015 0.1678 0.0124  0.0148  0.0081  6   DG  A "C4'" 
163 O  "O4'" . DG  A 6  ? 0.1990 0.1251 0.1876 0.0076  -0.0115 -0.0045 6   DG  A "O4'" 
164 C  "C3'" . DG  A 6  ? 0.1971 0.1212 0.1773 0.0057  0.0215  -0.0061 6   DG  A "C3'" 
165 O  "O3'" . DG  A 6  ? 0.2106 0.1243 0.1916 0.0196  0.0489  0.0162  6   DG  A "O3'" 
166 C  "C2'" . DG  A 6  ? 0.1818 0.1200 0.1495 0.0049  0.0184  0.0027  6   DG  A "C2'" 
167 C  "C1'" . DG  A 6  ? 0.1671 0.1047 0.1663 0.0106  0.0093  0.0143  6   DG  A "C1'" 
168 N  N9    . DG  A 6  ? 0.1449 0.1151 0.1492 0.0045  0.0105  0.0014  6   DG  A N9    
169 C  C8    . DG  A 6  ? 0.1594 0.1178 0.1360 0.0053  0.0129  0.0040  6   DG  A C8    
170 N  N7    . DG  A 6  ? 0.1560 0.1196 0.1143 -0.0015 0.0044  0.0054  6   DG  A N7    
171 C  C5    . DG  A 6  ? 0.1331 0.1108 0.1171 0.0077  0.0072  0.0077  6   DG  A C5    
172 C  C6    . DG  A 6  ? 0.1241 0.1114 0.1089 0.0031  0.0017  0.0190  6   DG  A C6    
173 O  O6    . DG  A 6  ? 0.1128 0.1173 0.1105 0.0027  -0.0034 0.0081  6   DG  A O6    
174 N  N1    . DG  A 6  ? 0.1226 0.1181 0.1440 0.0053  0.0051  0.0119  6   DG  A N1    
175 C  C2    . DG  A 6  ? 0.1414 0.1168 0.1800 0.0001  0.0047  0.0000  6   DG  A C2    
176 N  N2    . DG  A 6  ? 0.1243 0.1381 0.2117 0.0022  0.0061  -0.0163 6   DG  A N2    
177 N  N3    . DG  A 6  ? 0.1415 0.1249 0.1761 0.0005  0.0072  -0.0124 6   DG  A N3    
178 C  C4    . DG  A 6  ? 0.1432 0.1081 0.1412 0.0040  0.0012  0.0068  6   DG  A C4    
190 P  P     . DC  A 7  ? 0.3159 0.1402 0.2107 -0.0190 0.0853  -0.0112 7   DC  A P     
191 O  OP1   . DC  A 7  ? 0.4576 0.2624 0.3864 -0.0441 0.1469  0.0991  7   DC  A OP1   
192 O  OP2   . DC  A 7  ? 0.3754 0.1750 0.1647 -0.0289 0.0700  -0.0076 7   DC  A OP2   
193 O  "O5'" . DC  A 7  ? 0.2557 0.1232 0.1834 -0.0094 0.0438  0.0015  7   DC  A "O5'" 
194 C  "C5'" . DC  A 7  ? 0.1910 0.1385 0.1590 0.0410  0.0210  0.0096  7   DC  A "C5'" 
195 C  "C4'" . DC  A 7  ? 0.1440 0.1264 0.1442 0.0124  0.0091  0.0006  7   DC  A "C4'" 
196 O  "O4'" . DC  A 7  ? 0.1586 0.1280 0.1395 0.0278  0.0134  0.0102  7   DC  A "O4'" 
197 C  "C3'" . DC  A 7  ? 0.1403 0.1283 0.1336 0.0108  0.0199  0.0016  7   DC  A "C3'" 
198 O  "O3'" . DC  A 7  ? 0.1569 0.1415 0.1386 0.0150  0.0173  0.0070  7   DC  A "O3'" 
199 C  "C2'" . DC  A 7  ? 0.1585 0.1185 0.1422 0.0140  0.0095  0.0061  7   DC  A "C2'" 
200 C  "C1'" . DC  A 7  ? 0.1447 0.1209 0.1360 0.0113  0.0156  0.0006  7   DC  A "C1'" 
201 N  N1    . DC  A 7  ? 0.1411 0.1093 0.1318 0.0086  0.0064  0.0007  7   DC  A N1    
202 C  C2    . DC  A 7  ? 0.1313 0.1069 0.1315 0.0084  0.0044  0.0049  7   DC  A C2    
203 O  O2    . DC  A 7  ? 0.1335 0.1270 0.1457 0.0094  0.0080  -0.0074 7   DC  A O2    
204 N  N3    . DC  A 7  ? 0.1407 0.1082 0.1196 0.0107  0.0051  0.0110  7   DC  A N3    
205 C  C4    . DC  A 7  ? 0.1412 0.1093 0.1259 0.0045  0.0026  0.0144  7   DC  A C4    
206 N  N4    . DC  A 7  ? 0.1376 0.1195 0.1316 0.0001  -0.0008 0.0126  7   DC  A N4    
207 C  C5    . DC  A 7  ? 0.1439 0.1105 0.1367 0.0014  -0.0010 0.0068  7   DC  A C5    
208 C  C6    . DC  A 7  ? 0.1460 0.1107 0.1308 0.0141  0.0069  0.0037  7   DC  A C6    
220 P  P     . DC  A 8  ? 0.2273 0.1334 0.1607 0.0186  0.0228  -0.0082 8   DC  A P     
221 O  OP1   . DC  A 8  ? 0.2537 0.2200 0.1800 0.0744  0.0683  -0.0171 8   DC  A OP1   
222 O  OP2   . DC  A 8  ? 0.3348 0.1518 0.1987 -0.0165 0.0079  -0.0284 8   DC  A OP2   
223 O  "O5'" . DC  A 8  ? 0.1776 0.1257 0.1503 -0.0014 0.0050  0.0018  8   DC  A "O5'" 
224 C  "C5'" . DC  A 8  ? 0.1197 0.1385 0.1487 -0.0006 0.0142  -0.0060 8   DC  A "C5'" 
225 C  "C4'" . DC  A 8  ? 0.1316 0.1413 0.1374 0.0187  0.0054  -0.0175 8   DC  A "C4'" 
226 O  "O4'" . DC  A 8  ? 0.1287 0.1839 0.1184 0.0252  0.0013  -0.0302 8   DC  A "O4'" 
227 C  "C3'" . DC  A 8  ? 0.1539 0.1555 0.1201 0.0232  0.0058  -0.0123 8   DC  A "C3'" 
228 O  "O3'" . DC  A 8  ? 0.1553 0.1822 0.1351 0.0154  0.0100  -0.0040 8   DC  A "O3'" 
229 C  "C2'" . DC  A 8  ? 0.1432 0.1428 0.1168 -0.0006 -0.0073 -0.0114 8   DC  A "C2'" 
230 C  "C1'" . DC  A 8  ? 0.1332 0.1472 0.1287 0.0184  0.0005  -0.0199 8   DC  A "C1'" 
231 N  N1    . DC  A 8  ? 0.1314 0.1262 0.1154 0.0118  0.0010  -0.0121 8   DC  A N1    
232 C  C2    . DC  A 8  ? 0.1188 0.1240 0.1040 0.0045  -0.0090 -0.0078 8   DC  A C2    
233 O  O2    . DC  A 8  ? 0.1202 0.1275 0.1195 0.0066  0.0013  -0.0100 8   DC  A O2    
234 N  N3    . DC  A 8  ? 0.1285 0.1194 0.1054 0.0105  -0.0119 0.0069  8   DC  A N3    
235 C  C4    . DC  A 8  ? 0.1494 0.1288 0.1100 0.0023  -0.0087 0.0000  8   DC  A C4    
236 N  N4    . DC  A 8  ? 0.1648 0.1207 0.1286 0.0067  0.0036  0.0028  8   DC  A N4    
237 C  C5    . DC  A 8  ? 0.1680 0.1237 0.1413 0.0272  -0.0001 -0.0047 8   DC  A C5    
238 C  C6    . DC  A 8  ? 0.1547 0.1381 0.1161 0.0198  0.0000  -0.0102 8   DC  A C6    
250 P  P     . DG  A 9  ? 0.1973 0.2211 0.1325 0.0288  0.0286  -0.0117 9   DG  A P     
251 O  OP1   . DG  A 9  ? 0.2267 0.2873 0.1599 0.0131  0.0466  0.0233  9   DG  A OP1   
252 O  OP2   . DG  A 9  ? 0.3041 0.2493 0.1412 0.0218  -0.0015 -0.0233 9   DG  A OP2   
253 O  "O5'" . DG  A 9  ? 0.1922 0.2119 0.1207 0.0015  0.0081  -0.0027 9   DG  A "O5'" 
254 C  "C5'" . DG  A 9  ? 0.1661 0.1883 0.1651 -0.0004 -0.0088 0.0121  9   DG  A "C5'" 
255 C  "C4'" . DG  A 9  ? 0.1783 0.2113 0.1654 -0.0042 -0.0166 0.0440  9   DG  A "C4'" 
256 O  "O4'" . DG  A 9  ? 0.1559 0.1843 0.1589 0.0057  -0.0105 0.0187  9   DG  A "O4'" 
257 C  "C3'" . DG  A 9  ? 0.2261 0.2647 0.1558 -0.0210 -0.0554 0.0480  9   DG  A "C3'" 
258 O  "O3'" . DG  A 9  ? 0.2621 0.3217 0.2460 -0.0130 -0.0975 0.1327  9   DG  A "O3'" 
259 C  "C2'" . DG  A 9  ? 0.2065 0.2399 0.1478 -0.0254 -0.0231 0.0196  9   DG  A "C2'" 
260 C  "C1'" . DG  A 9  ? 0.1713 0.2111 0.1720 -0.0014 -0.0193 0.0391  9   DG  A "C1'" 
261 N  N9    . DG  A 9  ? 0.1448 0.1873 0.1558 0.0093  -0.0153 0.0089  9   DG  A N9    
262 C  C8    . DG  A 9  ? 0.1646 0.1962 0.1455 0.0027  -0.0184 -0.0093 9   DG  A C8    
263 N  N7    . DG  A 9  ? 0.1694 0.1779 0.1654 0.0276  0.0019  0.0033  9   DG  A N7    
264 C  C5    . DG  A 9  ? 0.1431 0.1549 0.1538 0.0138  -0.0135 -0.0020 9   DG  A C5    
265 C  C6    . DG  A 9  ? 0.1464 0.1431 0.1331 0.0137  -0.0139 0.0001  9   DG  A C6    
266 O  O6    . DG  A 9  ? 0.1654 0.1292 0.1574 0.0110  -0.0067 0.0028  9   DG  A O6    
267 N  N1    . DG  A 9  ? 0.1309 0.1347 0.1407 0.0078  -0.0135 0.0099  9   DG  A N1    
268 C  C2    . DG  A 9  ? 0.1162 0.1417 0.1371 -0.0026 -0.0255 0.0103  9   DG  A C2    
269 N  N2    . DG  A 9  ? 0.1260 0.1351 0.1559 -0.0038 -0.0198 0.0192  9   DG  A N2    
270 N  N3    . DG  A 9  ? 0.1276 0.1515 0.1508 0.0011  -0.0244 0.0135  9   DG  A N3    
271 C  C4    . DG  A 9  ? 0.1348 0.1675 0.1368 -0.0054 -0.0257 0.0129  9   DG  A C4    
283 P  P     . DA  A 10 ? 0.3526 0.3997 0.4915 -0.1121 -0.1501 0.0703  10  DA  A P     
284 O  OP1   . DA  A 10 ? 0.4031 0.3794 0.2222 -0.0263 -0.0678 0.1321  10  DA  A OP1   
285 O  OP2   . DA  A 10 ? 0.2826 0.4178 0.6174 -0.0647 -0.0946 0.0505  10  DA  A OP2   
286 O  "O5'" . DA  A 10 ? 0.4057 0.3465 0.1695 -0.0413 -0.0641 0.0816  10  DA  A "O5'" 
287 C  "C5'" . DA  A 10 ? 0.3002 0.3112 0.2541 -0.0007 -0.1023 0.0720  10  DA  A "C5'" 
288 C  "C4'" . DA  A 10 ? 0.2390 0.2714 0.1351 -0.0093 -0.0122 0.0398  10  DA  A "C4'" 
289 O  "O4'" . DA  A 10 ? 0.2626 0.2512 0.1284 0.0131  -0.0273 0.0020  10  DA  A "O4'" 
290 C  "C3'" . DA  A 10 ? 0.2901 0.2956 0.1850 0.0290  -0.0181 0.0270  10  DA  A "C3'" 
291 O  "O3'" . DA  A 10 ? 0.3436 0.2579 0.1962 -0.0290 -0.0171 0.0396  10  DA  A "O3'" 
292 C  "C2'" . DA  A 10 ? 0.3292 0.2615 0.1557 0.0367  -0.0280 0.0313  10  DA  A "C2'" 
293 C  "C1'" . DA  A 10 ? 0.2721 0.2316 0.1342 0.0153  -0.0252 0.0112  10  DA  A "C1'" 
294 N  N9    . DA  A 10 ? 0.2326 0.2069 0.1295 0.0278  -0.0094 0.0050  10  DA  A N9    
295 C  C8    . DA  A 10 ? 0.2164 0.2067 0.1455 0.0385  -0.0050 0.0019  10  DA  A C8    
296 N  N7    . DA  A 10 ? 0.1786 0.1863 0.1326 0.0277  -0.0072 -0.0019 10  DA  A N7    
297 C  C5    . DA  A 10 ? 0.1796 0.1509 0.1218 -0.0035 -0.0046 -0.0150 10  DA  A C5    
298 C  C6    . DA  A 10 ? 0.1439 0.1396 0.1072 -0.0006 -0.0045 -0.0166 10  DA  A C6    
299 N  N6    . DA  A 10 ? 0.1321 0.1412 0.1230 0.0011  -0.0019 -0.0107 10  DA  A N6    
300 N  N1    . DA  A 10 ? 0.1698 0.1620 0.1218 0.0005  0.0045  -0.0177 10  DA  A N1    
301 C  C2    . DA  A 10 ? 0.1856 0.1800 0.1348 0.0012  0.0108  -0.0182 10  DA  A C2    
302 N  N3    . DA  A 10 ? 0.2066 0.1907 0.1296 -0.0002 0.0008  -0.0128 10  DA  A N3    
303 C  C4    . DA  A 10 ? 0.1912 0.1730 0.1317 -0.0035 -0.0099 -0.0097 10  DA  A C4    
316 C  C37   . 3WB B .  ? 0.1331 0.1441 0.1312 -0.0143 -0.0031 0.0223  101 3WB A C37   
317 C  C38   . 3WB B .  ? 0.1225 0.1454 0.1066 -0.0212 -0.0049 0.0180  101 3WB A C38   
318 N  N11   . 3WB B .  ? 0.1441 0.1628 0.1275 -0.0365 -0.0181 0.0349  101 3WB A N11   
319 C  C35   . 3WB B .  ? 0.1395 0.1478 0.1117 -0.0343 -0.0079 0.0129  101 3WB A C35   
320 C  C36   . 3WB B .  ? 0.1260 0.1452 0.0990 -0.0327 -0.0033 0.0115  101 3WB A C36   
321 C  C29   . 3WB B .  ? 0.1333 0.1405 0.1090 -0.0270 0.0141  -0.0120 101 3WB A C29   
322 N  N12   . 3WB B .  ? 0.1038 0.1288 0.1024 -0.0131 -0.0060 0.0060  101 3WB A N12   
323 C  C34   . 3WB B .  ? 0.1597 0.1786 0.1041 -0.0569 -0.0131 0.0181  101 3WB A C34   
324 C  C33   . 3WB B .  ? 0.1832 0.1767 0.1252 -0.0593 0.0118  -0.0084 101 3WB A C33   
325 C  C32   . 3WB B .  ? 0.1525 0.1603 0.1307 -0.0494 0.0089  -0.0128 101 3WB A C32   
326 N  N10   . 3WB B .  ? 0.1739 0.1716 0.1471 -0.0230 0.0387  -0.0346 101 3WB A N10   
327 C  C31   . 3WB B .  ? 0.1676 0.1624 0.1569 -0.0080 0.0312  -0.0431 101 3WB A C31   
328 C  C30   . 3WB B .  ? 0.1481 0.1367 0.1425 -0.0150 0.0256  -0.0296 101 3WB A C30   
329 N  N9    . 3WB B .  ? 0.1307 0.1271 0.1244 -0.0166 0.0177  -0.0039 101 3WB A N9    
330 RU RU    . 3WB B .  ? 0.1095 0.1120 0.1015 -0.0086 0.0031  -0.0013 101 3WB A RU    
331 N  N1    . 3WB B .  ? 0.1139 0.1123 0.1168 -0.0096 0.0014  -0.0005 101 3WB A N1    
332 C  C12   . 3WB B .  ? 0.1196 0.1298 0.1304 -0.0027 0.0022  0.0068  101 3WB A C12   
333 C  C11   . 3WB B .  ? 0.1303 0.1438 0.1505 0.0023  -0.0103 0.0078  101 3WB A C11   
334 C  C9    . 3WB B .  ? 0.1229 0.1553 0.1597 0.0016  -0.0050 0.0040  101 3WB A C9    
335 N  N8    . 3WB B .  ? 0.1029 0.1206 0.1074 -0.0010 -0.0008 -0.0023 101 3WB A N8    
336 C  C28   . 3WB B .  ? 0.1091 0.1133 0.1129 -0.0140 -0.0024 0.0009  101 3WB A C28   
337 C  C27   . 3WB B .  ? 0.1093 0.1195 0.1173 -0.0044 -0.0043 0.0104  101 3WB A C27   
338 N  N7    . 3WB B .  ? 0.0984 0.1202 0.1143 -0.0070 -0.0044 0.0108  101 3WB A N7    
339 C  C26   . 3WB B .  ? 0.1014 0.1103 0.0914 -0.0022 -0.0083 0.0077  101 3WB A C26   
340 C  C25   . 3WB B .  ? 0.0933 0.1212 0.0969 0.0003  -0.0075 0.0082  101 3WB A C25   
341 C  C24   . 3WB B .  ? 0.1016 0.1245 0.1040 0.0005  -0.0038 0.0129  101 3WB A C24   
342 C  C23   . 3WB B .  ? 0.1000 0.1348 0.0968 0.0128  -0.0053 0.0054  101 3WB A C23   
343 C  C22   . 3WB B .  ? 0.1025 0.1144 0.0988 -0.0017 -0.0077 0.0082  101 3WB A C22   
344 N  N6    . 3WB B .  ? 0.1132 0.1192 0.1101 0.0045  -0.0115 -0.0032 101 3WB A N6    
345 C  C21   . 3WB B .  ? 0.1232 0.1166 0.1195 -0.0021 -0.0047 0.0025  101 3WB A C21   
346 C  C20   . 3WB B .  ? 0.1095 0.1129 0.1055 -0.0046 -0.0068 0.0031  101 3WB A C20   
347 C  C19   . 3WB B .  ? 0.0969 0.1209 0.0962 0.0013  -0.0068 0.0094  101 3WB A C19   
348 N  N5    . 3WB B .  ? 0.1030 0.1100 0.1028 -0.0057 -0.0035 0.0040  101 3WB A N5    
349 N  N2    . 3WB B .  ? 0.1131 0.1182 0.0998 -0.0058 0.0053  -0.0068 101 3WB A N2    
350 C  C1    . 3WB B .  ? 0.1102 0.1157 0.1069 -0.0111 0.0074  -0.0105 101 3WB A C1    
351 C  C10   . 3WB B .  ? 0.1145 0.1142 0.1101 -0.0123 0.0071  -0.0115 101 3WB A C10   
352 C  C8    . 3WB B .  ? 0.1172 0.1321 0.1259 -0.0073 -0.0019 -0.0175 101 3WB A C8    
353 C  C2    . 3WB B .  ? 0.1314 0.1228 0.0989 -0.0125 0.0110  0.0032  101 3WB A C2    
354 C  C3    . 3WB B .  ? 0.1432 0.1218 0.1121 -0.0094 0.0077  -0.0030 101 3WB A C3    
355 C  C4    . 3WB B .  ? 0.1372 0.1236 0.1223 -0.0236 0.0170  -0.0084 101 3WB A C4    
356 C  C5    . 3WB B .  ? 0.1223 0.1230 0.1102 -0.0211 0.0073  -0.0192 101 3WB A C5    
357 C  C6    . 3WB B .  ? 0.1122 0.1416 0.1252 -0.0211 0.0061  -0.0145 101 3WB A C6    
358 C  C7    . 3WB B .  ? 0.1126 0.1506 0.1304 -0.0062 0.0001  -0.0224 101 3WB A C7    
359 N  N4    . 3WB B .  ? 0.1177 0.1674 0.1485 -0.0043 -0.0054 -0.0216 101 3WB A N4    
360 N  N3    . 3WB B .  ? 0.1234 0.1598 0.1437 -0.0257 0.0091  -0.0180 101 3WB A N3    
361 C  C15   . 3WB B .  ? 0.1228 0.1921 0.1671 -0.0360 0.0117  -0.0277 101 3WB A C15   
362 C  C13   . 3WB B .  ? 0.1179 0.1798 0.1598 -0.0254 -0.0026 -0.0384 101 3WB A C13   
363 C  C16   . 3WB B .  ? 0.1322 0.1912 0.1890 -0.0335 0.0026  -0.0142 101 3WB A C16   
364 C  C17   . 3WB B .  ? 0.1265 0.2216 0.2172 -0.0449 0.0064  -0.0211 101 3WB A C17   
365 C  C18   . 3WB B .  ? 0.1225 0.2229 0.2242 -0.0183 0.0071  -0.0255 101 3WB A C18   
366 C  C14   . 3WB B .  ? 0.1179 0.2198 0.1863 -0.0176 0.0075  -0.0154 101 3WB A C14   
367 C  C39   . 3WB B .  ? 0.1400 0.3108 0.2899 -0.0238 0.0013  -0.0154 101 3WB A C39   
368 C  C40   . 3WB B .  ? 0.1472 0.2281 0.2085 -0.0561 0.0012  -0.0013 101 3WB A C40   
395 BA BA    . BA  C .  ? 0.1236 0.1118 0.0986 0.0047  0.0024  0.0035  102 BA  A BA    
396 O  O     . HOH D .  ? 0.4902 0.5475 0.6230 -0.0633 0.0844  0.1838  201 HOH A O     
397 O  O     . HOH D .  ? 0.2802 0.3388 0.2365 0.0223  -0.0258 0.0179  202 HOH A O     
398 O  O     . HOH D .  ? 0.5599 0.4905 0.2749 -0.0319 0.0134  0.0092  203 HOH A O     
399 O  O     . HOH D .  ? 0.3998 0.3355 0.5987 -0.0829 -0.2442 0.2120  204 HOH A O     
400 O  O     . HOH D .  ? 0.3329 0.4556 0.3574 0.0113  0.1257  0.0481  205 HOH A O     
401 O  O     . HOH D .  ? 0.2318 0.2383 0.2647 -0.0280 -0.0125 0.0654  206 HOH A O     
402 O  O     . HOH D .  ? 0.3432 0.1549 0.2663 0.0158  -0.0373 0.0162  207 HOH A O     
403 O  O     . HOH D .  ? 0.3735 0.3300 0.3599 0.0944  -0.0249 0.0603  208 HOH A O     
404 O  O     . HOH D .  ? 0.3448 0.2696 0.4900 -0.0943 0.1259  0.0533  209 HOH A O     
405 O  O     . HOH D .  ? 0.2992 0.1949 0.2929 0.0309  -0.0169 0.0345  210 HOH A O     
406 O  O     . HOH D .  ? 0.1801 0.2272 0.2189 0.0375  -0.0597 -0.0457 211 HOH A O     
407 O  O     . HOH D .  ? 0.5857 0.5338 1.0637 0.1976  0.4355  0.1015  212 HOH A O     
408 O  O     . HOH D .  ? 0.2318 0.4385 0.4627 0.0372  0.0632  -0.0249 213 HOH A O     
409 O  O     . HOH D .  ? 0.2884 0.2649 0.2491 -0.0134 0.0152  -0.0700 214 HOH A O     
410 O  O     . HOH D .  ? 0.5486 0.2397 0.3250 0.1439  0.0511  0.0147  215 HOH A O     
411 O  O     . HOH D .  ? 0.1705 0.2380 0.2481 -0.0106 -0.0079 0.0163  216 HOH A O     
412 O  O     . HOH D .  ? 0.5976 0.3858 0.2456 -0.0817 0.1292  -0.0181 217 HOH A O     
413 O  O     . HOH D .  ? 0.1507 0.1239 0.1358 -0.0056 -0.0141 0.0084  218 HOH A O     
414 O  O     . HOH D .  ? 0.3451 0.2286 0.3102 0.0500  0.0941  0.0153  219 HOH A O     
415 O  O     . HOH D .  ? 0.1247 0.1429 0.1055 0.0099  0.0014  -0.0019 220 HOH A O     
416 O  O     . HOH D .  ? 0.2841 0.2451 0.2138 -0.0367 0.0095  0.0423  221 HOH A O     
417 O  O     . HOH D .  ? 0.2709 0.2476 0.2596 0.0354  -0.0160 -0.0674 222 HOH A O     
418 O  O     . HOH D .  ? 0.1703 0.2436 0.2080 -0.0138 -0.0030 -0.0146 223 HOH A O     
419 O  O     . HOH D .  ? 0.5961 0.3554 0.7224 0.0032  -0.0540 0.1470  224 HOH A O     
420 O  O     . HOH D .  ? 0.2450 0.1504 0.1675 -0.0225 0.0283  -0.0165 225 HOH A O     
421 O  O     . HOH D .  ? 0.3822 0.2598 0.2452 -0.0138 -0.0261 -0.0324 226 HOH A O     
422 O  O     . HOH D .  ? 0.1757 0.1905 0.1836 0.0255  -0.0166 -0.0029 227 HOH A O     
423 O  O     . HOH D .  ? 0.2713 0.3109 0.2177 0.0292  -0.0319 0.0455  228 HOH A O     
424 O  O     . HOH D .  ? 0.4040 0.3471 0.1632 0.0009  0.0941  -0.0051 229 HOH A O     
425 O  O     . HOH D .  ? 0.1743 0.1647 0.1910 0.0108  0.0084  0.0184  230 HOH A O     
426 O  O     . HOH D .  ? 0.1446 0.1367 0.1280 0.0086  0.0123  -0.0102 231 HOH A O     
427 O  O     . HOH D .  ? 0.1800 0.1960 0.3755 0.0076  0.0152  -0.0535 232 HOH A O     
428 O  O     . HOH D .  ? 0.2661 0.4669 0.3148 -0.0756 -0.0290 0.1225  233 HOH A O     
429 O  O     . HOH D .  ? 0.2395 0.2144 0.2702 0.0427  0.0409  0.0080  234 HOH A O     
430 O  O     . HOH D .  ? 0.2164 0.2615 0.3100 -0.0720 -0.0641 0.0897  235 HOH A O     
431 O  O     . HOH D .  ? 0.3936 0.2301 0.2846 0.0094  0.0555  0.0311  236 HOH A O     
432 O  O     . HOH D .  ? 0.4469 0.4293 0.6598 0.1168  -0.0696 -0.1113 237 HOH A O     
433 O  O     . HOH D .  ? 0.1613 0.1851 0.1930 0.0258  0.0392  -0.0355 238 HOH A O     
434 O  O     . HOH D .  ? 0.3673 0.1544 0.2903 -0.0344 0.0018  0.0285  239 HOH A O     
435 O  O     . HOH D .  ? 0.1723 0.1543 0.2949 0.0000  0.0007  0.0237  240 HOH A O     
436 O  O     . HOH D .  ? 0.7789 0.7733 0.4470 -0.0515 -0.0546 -0.3336 241 HOH A O     
437 O  O     . HOH D .  ? 0.1825 0.1337 0.1419 0.0117  0.0423  0.0248  242 HOH A O     
438 O  O     . HOH D .  ? 0.3850 0.2015 0.3378 -0.0450 0.0306  0.0547  243 HOH A O     
439 O  O     . HOH D .  ? 0.3643 0.2211 0.2496 -0.0344 -0.0345 -0.0471 244 HOH A O     
440 O  O     . HOH D .  ? 0.3856 0.7255 0.3985 0.1060  -0.1140 0.1113  245 HOH A O     
441 O  O     . HOH D .  ? 0.2102 0.2535 0.2659 -0.0274 0.0574  -0.0129 246 HOH A O     
442 O  O     . HOH D .  ? 0.5866 0.7643 0.4073 0.2581  0.2665  0.1727  247 HOH A O     
443 O  O     . HOH D .  ? 0.4993 0.3544 0.2179 -0.0077 -0.0799 -0.0028 248 HOH A O     
444 O  O     . HOH D .  ? 0.2554 0.3093 0.3026 -0.0264 0.0556  0.0657  249 HOH A O     
445 O  O     . HOH D .  ? 0.1501 0.1264 0.1234 -0.0025 -0.0039 0.0067  250 HOH A O     
446 O  O     . HOH D .  ? 0.3390 0.4858 0.4114 0.1415  0.0454  0.0424  251 HOH A O     
447 O  O     . HOH D .  ? 0.1332 0.1317 0.1237 -0.0066 0.0071  0.0024  252 HOH A O     
448 O  O     . HOH D .  ? 0.1452 0.1140 0.0938 0.0177  -0.0128 0.0117  253 HOH A O     
449 O  O     A HOH D .  ? 0.1369 0.1568 0.1036 -0.0173 -0.0181 0.0405  254 HOH A O     
450 O  O     B HOH D .  ? 0.2171 0.1909 0.1626 -0.0447 -0.0257 0.0665  254 HOH A O     
451 O  O     . HOH D .  ? 0.1508 0.1537 0.1549 -0.0061 0.0120  -0.0119 255 HOH A O     
452 O  O     . HOH D .  ? 0.8512 0.6917 0.4106 0.2993  0.0204  -0.0606 256 HOH A O     
453 O  O     . HOH D .  ? 0.2475 0.1872 0.2253 -0.0141 0.0381  -0.0505 257 HOH A O     
454 O  O     . HOH D .  ? 0.1635 0.1576 0.1785 0.0064  0.0037  -0.0283 258 HOH A O     
455 O  O     . HOH D .  ? 0.3051 0.4309 0.2882 0.0066  -0.0123 0.0813  259 HOH A O     
456 O  O     . HOH D .  ? 0.5061 0.3767 0.3236 -0.0832 -0.0533 0.1588  260 HOH A O     
457 O  O     . HOH D .  ? 0.3595 0.2555 0.2531 -0.0617 -0.0712 -0.0337 261 HOH A O     
458 O  O     . HOH D .  ? 0.4060 0.5458 0.7054 0.0772  0.1297  0.2351  262 HOH A O     
459 O  O     . HOH D .  ? 0.2611 0.2280 0.5238 -0.0082 -0.0703 0.0169  263 HOH A O     
460 O  O     . HOH D .  ? 0.3998 0.5660 0.3267 -0.0267 -0.1361 -0.1100 264 HOH A O     
461 O  O     . HOH D .  ? 0.2758 0.2497 0.2437 0.0484  0.0502  0.0226  265 HOH A O     
462 O  O     . HOH D .  ? 0.4315 0.4976 0.8412 0.1733  -0.0844 0.0345  266 HOH A O     
463 O  O     . HOH D .  ? 0.3169 0.3004 0.1983 0.0174  -0.0342 0.0300  267 HOH A O     
464 O  O     . HOH D .  ? 0.2995 0.2130 0.1848 -0.0145 0.0301  0.0100  268 HOH A O     
465 O  O     . HOH D .  ? 0.4120 0.4530 0.2414 -0.0248 0.0622  0.0234  269 HOH A O     
466 O  O     . HOH D .  ? 0.2375 0.1921 0.2566 -0.0126 0.0064  0.0263  270 HOH A O     
467 O  O     . HOH D .  ? 0.5094 0.5236 0.2851 0.0093  0.1610  0.0592  271 HOH A O     
468 O  O     . HOH D .  ? 0.4171 0.7617 0.4577 -0.1009 -0.0193 -0.2021 272 HOH A O     
469 O  O     . HOH D .  ? 0.5889 1.1063 1.0037 0.2460  0.1203  -0.2379 273 HOH A O     
470 O  O     . HOH D .  ? 0.6590 0.6750 1.0413 0.1154  0.0744  0.1764  274 HOH A O     
471 O  O     . HOH D .  ? 0.8515 0.6809 1.0475 0.3176  -0.4350 -0.0831 275 HOH A O     
472 O  O     . HOH D .  ? 0.3434 0.1616 0.2087 0.0031  0.0319  -0.0033 276 HOH A O     
473 O  O     . HOH D .  ? 0.2541 0.3548 0.4169 -0.0509 0.0269  0.0432  277 HOH A O     
474 O  O     . HOH D .  ? 0.6684 0.9520 0.7665 -0.5404 0.4431  -0.2506 278 HOH A O     
475 O  O     . HOH D .  ? 0.1446 0.1980 0.1834 0.0103  -0.0003 -0.0198 279 HOH A O     
476 O  O     . HOH D .  ? 0.3791 0.7250 0.4282 -0.0675 0.0531  0.2175  280 HOH A O     
477 O  O     . HOH D .  ? 0.3616 0.4046 0.3011 0.1889  0.0404  0.1232  281 HOH A O     
478 O  O     . HOH D .  ? 0.2269 0.1937 0.2623 0.0228  0.0269  -0.0121 282 HOH A O     
479 O  O     . HOH D .  ? 0.3116 0.1356 0.1693 0.0277  0.0508  0.0234  283 HOH A O     
480 O  O     . HOH D .  ? 0.2661 0.4869 0.4015 0.0305  -0.0064 0.1693  284 HOH A O     
481 O  O     . HOH D .  ? 0.5685 0.6820 0.7318 -0.0392 -0.1607 -0.0485 285 HOH A O     
482 O  O     . HOH D .  ? 0.6758 0.6269 1.2306 -0.0164 -0.3346 -0.1335 286 HOH A O     
483 O  O     . HOH D .  ? 0.8704 0.4099 0.6120 -0.1142 0.0445  -0.1931 287 HOH A O     
484 O  O     . HOH D .  ? 0.3628 0.2216 0.2396 0.0008  0.0424  0.0593  288 HOH A O     
485 O  O     . HOH D .  ? 0.4600 0.4465 0.2090 0.2243  0.0239  0.0118  289 HOH A O     
486 O  O     . HOH D .  ? 0.5392 0.5368 0.3906 0.0289  0.1387  0.1874  290 HOH A O     
487 O  O     . HOH D .  ? 0.6007 0.4911 0.3458 0.0893  0.1456  0.1818  291 HOH A O     
# 
